data_3RJ9
#
_entry.id   3RJ9
#
_cell.length_a   62.318
_cell.length_b   94.829
_cell.length_c   139.009
_cell.angle_alpha   90.00
_cell.angle_beta   98.33
_cell.angle_gamma   90.00
#
_symmetry.space_group_name_H-M   'P 1 21 1'
#
loop_
_entity.id
_entity.type
_entity.pdbx_description
1 polymer 'Alcohol dehydrogenase'
2 non-polymer NICOTINAMIDE-ADENINE-DINUCLEOTIDE
3 water water
#
_entity_poly.entity_id   1
_entity_poly.type   'polypeptide(L)'
_entity_poly.pdbx_seq_one_letter_code
;MDLTNKNVIFVAALGGIGLDTSRELVKRNLKNFVILDRVENPTALAELKAINPKVNITFHTYDVTVPVAESKKLLKKIFD
QLKTVDILINGAGILDDHQIERTIAINFTGLVNVTTAILDFWDKRKGGPGGIIANICSVTGFNAIHQVPVYSASKAAVVS
FTNSLAKLAPITGVTAYSINPGITRTPLVHTFNSWLDVEPRVAELLLSHPTQTSEQCGQNFVKAIEANKNGAIWKLDLGT
LEAIEWTKHWDSHI
;
_entity_poly.pdbx_strand_id   A,B,C,D,E,F
#
# COMPACT_ATOMS: atom_id res chain seq x y z
N MET A 1 -15.47 -37.44 28.25
CA MET A 1 -15.68 -37.99 26.88
C MET A 1 -15.72 -39.53 26.90
N ASP A 2 -16.82 -40.10 26.41
CA ASP A 2 -16.96 -41.54 26.26
C ASP A 2 -16.72 -41.94 24.81
N LEU A 3 -15.66 -42.73 24.58
CA LEU A 3 -15.29 -43.15 23.23
C LEU A 3 -16.24 -44.18 22.59
N THR A 4 -17.10 -44.78 23.42
CA THR A 4 -18.08 -45.75 22.92
C THR A 4 -18.93 -45.17 21.79
N ASN A 5 -18.99 -45.91 20.69
CA ASN A 5 -19.78 -45.56 19.50
C ASN A 5 -19.27 -44.38 18.67
N LYS A 6 -18.05 -43.92 18.93
CA LYS A 6 -17.49 -42.73 18.25
C LYS A 6 -16.75 -43.15 16.99
N ASN A 7 -16.71 -42.24 16.00
CA ASN A 7 -15.98 -42.44 14.76
C ASN A 7 -14.70 -41.60 14.82
N VAL A 8 -13.55 -42.25 14.59
CA VAL A 8 -12.22 -41.64 14.79
C VAL A 8 -11.39 -41.80 13.52
N ILE A 9 -10.74 -40.73 13.08
CA ILE A 9 -9.73 -40.78 12.00
C ILE A 9 -8.37 -40.58 12.65
N PHE A 10 -7.42 -41.49 12.39
CA PHE A 10 -6.09 -41.43 12.98
C PHE A 10 -5.07 -41.43 11.84
N VAL A 11 -4.49 -40.26 11.60
CA VAL A 11 -3.43 -40.12 10.63
C VAL A 11 -2.18 -40.67 11.30
N ALA A 12 -1.55 -41.65 10.65
CA ALA A 12 -0.30 -42.29 11.14
C ALA A 12 -0.54 -43.16 12.38
N ALA A 13 -1.60 -43.96 12.32
CA ALA A 13 -2.04 -44.81 13.41
C ALA A 13 -1.14 -46.02 13.64
N LEU A 14 -0.35 -46.40 12.62
CA LEU A 14 0.40 -47.69 12.67
C LEU A 14 1.90 -47.62 13.03
N GLY A 15 2.37 -46.45 13.44
CA GLY A 15 3.77 -46.29 13.86
C GLY A 15 3.92 -46.72 15.30
N GLY A 16 5.06 -46.39 15.90
CA GLY A 16 5.39 -46.84 17.27
C GLY A 16 4.32 -46.45 18.27
N ILE A 17 4.23 -45.14 18.53
CA ILE A 17 3.23 -44.59 19.45
C ILE A 17 1.81 -44.86 18.93
N GLY A 18 1.63 -44.68 17.62
CA GLY A 18 0.34 -44.89 16.98
C GLY A 18 -0.28 -46.27 17.23
N LEU A 19 0.50 -47.33 17.07
CA LEU A 19 -0.05 -48.68 17.22
C LEU A 19 -0.54 -48.97 18.63
N ASP A 20 0.23 -48.58 19.63
CA ASP A 20 -0.14 -48.79 21.02
C ASP A 20 -1.27 -47.87 21.49
N THR A 21 -1.38 -46.69 20.88
CA THR A 21 -2.54 -45.84 21.07
C THR A 21 -3.75 -46.46 20.38
N SER A 22 -3.54 -47.02 19.18
CA SER A 22 -4.61 -47.63 18.40
C SER A 22 -5.20 -48.87 19.08
N ARG A 23 -4.34 -49.62 19.78
CA ARG A 23 -4.76 -50.74 20.64
C ARG A 23 -5.64 -50.29 21.79
N GLU A 24 -5.26 -49.20 22.44
CA GLU A 24 -6.03 -48.69 23.57
C GLU A 24 -7.34 -48.09 23.11
N LEU A 25 -7.34 -47.51 21.91
CA LEU A 25 -8.56 -46.95 21.30
C LEU A 25 -9.60 -48.00 20.91
N VAL A 26 -9.17 -49.06 20.23
CA VAL A 26 -10.09 -50.11 19.79
C VAL A 26 -10.73 -50.87 20.96
N LYS A 27 -10.07 -50.89 22.11
CA LYS A 27 -10.62 -51.48 23.33
C LYS A 27 -11.73 -50.63 23.95
N ARG A 28 -11.83 -49.38 23.51
CA ARG A 28 -12.86 -48.45 24.00
C ARG A 28 -14.17 -48.47 23.19
N ASN A 29 -14.34 -49.50 22.36
CA ASN A 29 -15.61 -49.77 21.68
C ASN A 29 -16.08 -48.67 20.70
N LEU A 30 -15.14 -48.16 19.90
CA LEU A 30 -15.46 -47.20 18.83
C LEU A 30 -16.39 -47.84 17.80
N LYS A 31 -17.17 -47.02 17.11
CA LYS A 31 -17.99 -47.53 16.01
C LYS A 31 -17.16 -47.76 14.75
N ASN A 32 -16.41 -46.72 14.35
CA ASN A 32 -15.53 -46.81 13.18
C ASN A 32 -14.15 -46.23 13.48
N PHE A 33 -13.11 -46.92 13.02
CA PHE A 33 -11.73 -46.48 13.19
C PHE A 33 -11.11 -46.38 11.81
N VAL A 34 -10.81 -45.16 11.43
CA VAL A 34 -10.32 -44.91 10.11
C VAL A 34 -8.83 -44.57 10.17
N ILE A 35 -8.02 -45.41 9.55
CA ILE A 35 -6.56 -45.27 9.56
C ILE A 35 -6.04 -44.69 8.26
N LEU A 36 -5.29 -43.60 8.39
CA LEU A 36 -4.60 -42.97 7.29
C LEU A 36 -3.10 -43.10 7.55
N ASP A 37 -2.39 -43.84 6.70
CA ASP A 37 -0.93 -43.95 6.90
C ASP A 37 -0.18 -44.10 5.59
N ARG A 38 1.10 -43.75 5.64
CA ARG A 38 1.90 -43.59 4.44
C ARG A 38 2.08 -44.93 3.73
N VAL A 39 2.23 -46.00 4.51
CA VAL A 39 2.41 -47.34 3.97
C VAL A 39 1.59 -48.36 4.76
N GLU A 40 1.14 -49.39 4.06
CA GLU A 40 0.41 -50.50 4.67
C GLU A 40 1.26 -51.23 5.70
N ASN A 41 0.59 -51.74 6.73
CA ASN A 41 1.17 -52.70 7.65
C ASN A 41 0.07 -53.72 7.93
N PRO A 42 -0.02 -54.76 7.06
CA PRO A 42 -1.10 -55.74 7.19
C PRO A 42 -1.08 -56.48 8.54
N THR A 43 0.11 -56.73 9.08
CA THR A 43 0.19 -57.41 10.37
C THR A 43 -0.52 -56.62 11.48
N ALA A 44 -0.18 -55.34 11.59
CA ALA A 44 -0.80 -54.44 12.58
C ALA A 44 -2.31 -54.31 12.34
N LEU A 45 -2.71 -54.20 11.08
CA LEU A 45 -4.12 -54.07 10.73
C LEU A 45 -4.89 -55.29 11.19
N ALA A 46 -4.43 -56.46 10.75
CA ALA A 46 -5.02 -57.73 11.16
C ALA A 46 -5.17 -57.81 12.68
N GLU A 47 -4.10 -57.50 13.40
CA GLU A 47 -4.13 -57.57 14.85
C GLU A 47 -5.19 -56.66 15.47
N LEU A 48 -5.21 -55.40 15.04
CA LEU A 48 -6.16 -54.43 15.61
C LEU A 48 -7.61 -54.88 15.43
N LYS A 49 -7.91 -55.31 14.20
CA LYS A 49 -9.23 -55.81 13.83
C LYS A 49 -9.68 -56.95 14.75
N ALA A 50 -8.71 -57.73 15.24
CA ALA A 50 -8.99 -58.89 16.07
C ALA A 50 -9.21 -58.53 17.54
N ILE A 51 -8.70 -57.38 17.97
CA ILE A 51 -8.80 -56.95 19.36
C ILE A 51 -10.25 -56.60 19.72
N ASN A 52 -11.03 -56.21 18.71
CA ASN A 52 -12.44 -55.89 18.90
C ASN A 52 -13.18 -55.95 17.56
N PRO A 53 -13.61 -57.16 17.15
CA PRO A 53 -14.29 -57.37 15.86
C PRO A 53 -15.54 -56.50 15.69
N LYS A 54 -16.11 -56.06 16.81
CA LYS A 54 -17.20 -55.09 16.81
C LYS A 54 -16.79 -53.85 15.99
N VAL A 55 -15.63 -53.30 16.32
CA VAL A 55 -15.14 -52.04 15.74
C VAL A 55 -14.89 -52.20 14.24
N ASN A 56 -15.44 -51.28 13.46
CA ASN A 56 -15.18 -51.24 12.03
C ASN A 56 -13.89 -50.48 11.70
N ILE A 57 -12.87 -51.20 11.22
CA ILE A 57 -11.57 -50.59 10.92
C ILE A 57 -11.31 -50.60 9.42
N THR A 58 -11.04 -49.41 8.87
CA THR A 58 -10.63 -49.29 7.47
C THR A 58 -9.26 -48.62 7.40
N PHE A 59 -8.62 -48.73 6.24
CA PHE A 59 -7.28 -48.21 6.03
C PHE A 59 -7.22 -47.51 4.71
N HIS A 60 -6.57 -46.35 4.69
CA HIS A 60 -6.28 -45.66 3.44
C HIS A 60 -4.79 -45.35 3.37
N THR A 61 -4.20 -45.63 2.23
CA THR A 61 -2.82 -45.21 1.95
C THR A 61 -2.82 -43.70 1.73
N TYR A 62 -2.17 -42.98 2.63
CA TYR A 62 -2.23 -41.52 2.67
C TYR A 62 -0.90 -40.91 3.12
N ASP A 63 -0.48 -39.86 2.41
CA ASP A 63 0.74 -39.11 2.69
C ASP A 63 0.31 -37.69 3.04
N VAL A 64 0.65 -37.23 4.25
CA VAL A 64 0.26 -35.88 4.68
C VAL A 64 0.80 -34.71 3.84
N THR A 65 1.79 -34.97 2.98
CA THR A 65 2.44 -33.89 2.20
C THR A 65 1.77 -33.57 0.87
N VAL A 66 0.58 -34.12 0.64
CA VAL A 66 -0.19 -33.77 -0.54
C VAL A 66 -0.93 -32.42 -0.33
N PRO A 67 -1.35 -31.76 -1.45
CA PRO A 67 -2.10 -30.52 -1.33
C PRO A 67 -3.42 -30.71 -0.58
N VAL A 68 -3.93 -29.63 -0.01
CA VAL A 68 -5.17 -29.69 0.80
C VAL A 68 -6.39 -30.19 -0.02
N ALA A 69 -6.40 -29.91 -1.33
CA ALA A 69 -7.46 -30.40 -2.22
C ALA A 69 -7.49 -31.93 -2.30
N GLU A 70 -6.31 -32.54 -2.34
CA GLU A 70 -6.19 -33.99 -2.37
C GLU A 70 -6.67 -34.60 -1.06
N SER A 71 -6.26 -34.02 0.07
CA SER A 71 -6.75 -34.42 1.38
C SER A 71 -8.27 -34.30 1.49
N LYS A 72 -8.82 -33.16 1.06
CA LYS A 72 -10.26 -32.94 1.06
C LYS A 72 -11.01 -34.05 0.29
N LYS A 73 -10.44 -34.47 -0.85
CA LYS A 73 -11.00 -35.56 -1.66
C LYS A 73 -11.13 -36.88 -0.91
N LEU A 74 -10.11 -37.26 -0.13
CA LEU A 74 -10.16 -38.48 0.67
C LEU A 74 -11.16 -38.34 1.82
N LEU A 75 -11.14 -37.19 2.48
CA LEU A 75 -12.06 -36.94 3.58
C LEU A 75 -13.53 -36.95 3.14
N LYS A 76 -13.81 -36.47 1.93
CA LYS A 76 -15.17 -36.51 1.38
C LYS A 76 -15.62 -37.96 1.20
N LYS A 77 -14.70 -38.79 0.71
CA LYS A 77 -14.89 -40.24 0.61
C LYS A 77 -15.32 -40.78 1.97
N ILE A 78 -14.59 -40.40 3.03
CA ILE A 78 -14.82 -40.89 4.39
C ILE A 78 -16.09 -40.33 5.04
N PHE A 79 -16.30 -39.02 4.94
CA PHE A 79 -17.50 -38.39 5.52
C PHE A 79 -18.79 -38.88 4.80
N ASP A 80 -18.73 -39.09 3.49
CA ASP A 80 -19.88 -39.58 2.73
C ASP A 80 -20.35 -40.97 3.17
N GLN A 81 -19.40 -41.80 3.61
CA GLN A 81 -19.70 -43.13 4.12
C GLN A 81 -20.12 -43.11 5.59
N LEU A 82 -19.37 -42.40 6.43
CA LEU A 82 -19.60 -42.42 7.87
C LEU A 82 -20.67 -41.43 8.33
N LYS A 83 -20.94 -40.43 7.50
CA LYS A 83 -21.81 -39.29 7.82
C LYS A 83 -21.23 -38.33 8.85
N THR A 84 -20.70 -38.88 9.94
CA THR A 84 -20.13 -38.11 11.05
C THR A 84 -18.73 -38.62 11.41
N VAL A 85 -17.87 -37.71 11.87
CA VAL A 85 -16.60 -38.11 12.48
C VAL A 85 -16.49 -37.30 13.76
N ASP A 86 -16.11 -37.95 14.85
CA ASP A 86 -16.05 -37.25 16.14
C ASP A 86 -14.68 -36.65 16.48
N ILE A 87 -13.60 -37.35 16.09
CA ILE A 87 -12.24 -36.99 16.49
C ILE A 87 -11.27 -37.26 15.36
N LEU A 88 -10.34 -36.31 15.16
CA LEU A 88 -9.20 -36.46 14.26
C LEU A 88 -7.94 -36.46 15.10
N ILE A 89 -7.10 -37.47 14.89
CA ILE A 89 -5.78 -37.52 15.49
C ILE A 89 -4.75 -37.34 14.38
N ASN A 90 -3.90 -36.33 14.55
CA ASN A 90 -2.84 -36.03 13.59
C ASN A 90 -1.54 -36.49 14.24
N GLY A 91 -1.02 -37.64 13.80
CA GLY A 91 0.19 -38.21 14.40
C GLY A 91 1.43 -38.41 13.52
N ALA A 92 1.42 -37.86 12.31
CA ALA A 92 2.49 -38.06 11.34
C ALA A 92 3.75 -37.29 11.72
N GLY A 93 4.91 -37.90 11.57
CA GLY A 93 6.12 -37.18 11.93
C GLY A 93 7.36 -37.95 11.59
N ILE A 94 8.39 -37.20 11.17
CA ILE A 94 9.71 -37.78 10.93
C ILE A 94 10.73 -37.04 11.76
N LEU A 95 11.85 -37.73 12.03
CA LEU A 95 12.97 -37.18 12.77
C LEU A 95 14.21 -37.48 11.93
N ASP A 96 14.73 -36.44 11.28
CA ASP A 96 15.86 -36.54 10.37
C ASP A 96 16.22 -35.12 9.94
N ASP A 97 17.16 -34.52 10.66
CA ASP A 97 17.54 -33.15 10.40
C ASP A 97 18.49 -32.99 9.22
N HIS A 98 18.72 -34.08 8.49
CA HIS A 98 19.28 -33.98 7.13
C HIS A 98 18.20 -33.68 6.10
N GLN A 99 16.92 -33.79 6.49
CA GLN A 99 15.82 -33.51 5.55
C GLN A 99 15.02 -32.29 6.03
N ILE A 100 15.50 -31.09 5.72
CA ILE A 100 14.91 -29.86 6.23
C ILE A 100 13.48 -29.67 5.73
N GLU A 101 13.34 -29.61 4.41
CA GLU A 101 12.06 -29.36 3.78
C GLU A 101 11.02 -30.43 4.15
N ARG A 102 11.42 -31.70 4.13
CA ARG A 102 10.50 -32.80 4.37
C ARG A 102 10.08 -32.86 5.83
N THR A 103 11.01 -32.55 6.75
CA THR A 103 10.67 -32.46 8.17
C THR A 103 9.57 -31.44 8.36
N ILE A 104 9.78 -30.26 7.80
CA ILE A 104 8.84 -29.16 7.90
C ILE A 104 7.52 -29.51 7.21
N ALA A 105 7.60 -30.06 6.00
CA ALA A 105 6.41 -30.45 5.25
C ALA A 105 5.55 -31.48 6.00
N ILE A 106 6.20 -32.47 6.61
CA ILE A 106 5.48 -33.53 7.33
C ILE A 106 4.97 -33.09 8.72
N ASN A 107 5.86 -32.54 9.53
CA ASN A 107 5.58 -32.32 10.96
C ASN A 107 4.74 -31.09 11.23
N PHE A 108 4.80 -30.13 10.31
CA PHE A 108 4.15 -28.83 10.48
C PHE A 108 3.10 -28.61 9.39
N THR A 109 3.52 -28.38 8.15
CA THR A 109 2.59 -28.07 7.05
C THR A 109 1.50 -29.13 6.86
N GLY A 110 1.90 -30.40 6.97
CA GLY A 110 0.98 -31.54 6.82
C GLY A 110 -0.12 -31.55 7.84
N LEU A 111 0.22 -31.23 9.08
CA LEU A 111 -0.73 -31.18 10.17
C LEU A 111 -1.71 -30.01 10.00
N VAL A 112 -1.16 -28.86 9.63
CA VAL A 112 -1.99 -27.68 9.33
C VAL A 112 -2.95 -28.00 8.18
N ASN A 113 -2.44 -28.66 7.13
CA ASN A 113 -3.25 -28.92 5.93
C ASN A 113 -4.37 -29.94 6.10
N VAL A 114 -4.10 -31.02 6.84
CA VAL A 114 -5.20 -31.94 7.21
C VAL A 114 -6.25 -31.23 8.07
N THR A 115 -5.79 -30.42 9.02
CA THR A 115 -6.68 -29.63 9.89
C THR A 115 -7.55 -28.71 9.03
N THR A 116 -6.89 -27.97 8.14
CA THR A 116 -7.58 -27.08 7.19
C THR A 116 -8.61 -27.83 6.34
N ALA A 117 -8.24 -29.01 5.82
CA ALA A 117 -9.14 -29.83 5.01
C ALA A 117 -10.37 -30.31 5.78
N ILE A 118 -10.17 -30.87 6.97
CA ILE A 118 -11.31 -31.36 7.77
C ILE A 118 -12.24 -30.25 8.24
N LEU A 119 -11.68 -29.06 8.47
CA LEU A 119 -12.49 -27.89 8.82
C LEU A 119 -13.56 -27.58 7.79
N ASP A 120 -13.35 -27.95 6.52
CA ASP A 120 -14.38 -27.77 5.51
C ASP A 120 -15.63 -28.62 5.80
N PHE A 121 -15.45 -29.75 6.51
CA PHE A 121 -16.56 -30.64 6.86
C PHE A 121 -17.14 -30.35 8.22
N TRP A 122 -16.31 -29.80 9.11
CA TRP A 122 -16.70 -29.54 10.49
C TRP A 122 -17.12 -28.09 10.82
N ASP A 123 -16.60 -27.12 10.09
CA ASP A 123 -16.74 -25.71 10.48
C ASP A 123 -18.22 -25.36 10.66
N LYS A 124 -18.61 -24.93 11.86
CA LYS A 124 -20.00 -24.57 12.11
C LYS A 124 -20.52 -23.43 11.18
N ARG A 125 -19.61 -22.59 10.69
CA ARG A 125 -19.97 -21.50 9.77
C ARG A 125 -20.39 -22.03 8.40
N LYS A 126 -20.07 -23.29 8.13
CA LYS A 126 -20.30 -23.92 6.84
C LYS A 126 -21.41 -24.95 6.93
N GLY A 127 -22.11 -24.95 8.06
CA GLY A 127 -23.19 -25.93 8.31
C GLY A 127 -22.71 -27.25 8.90
N GLY A 128 -21.48 -27.28 9.43
CA GLY A 128 -20.97 -28.48 10.09
C GLY A 128 -21.21 -28.51 11.59
N PRO A 129 -21.04 -29.70 12.21
CA PRO A 129 -21.29 -29.99 13.63
C PRO A 129 -20.14 -29.69 14.60
N GLY A 130 -19.02 -29.21 14.07
CA GLY A 130 -17.85 -29.03 14.91
C GLY A 130 -17.14 -30.37 15.06
N GLY A 131 -16.09 -30.39 15.87
CA GLY A 131 -15.31 -31.61 16.04
C GLY A 131 -14.21 -31.45 17.05
N ILE A 132 -13.34 -32.46 17.11
CA ILE A 132 -12.25 -32.53 18.08
C ILE A 132 -10.96 -32.90 17.32
N ILE A 133 -9.88 -32.18 17.60
CA ILE A 133 -8.57 -32.51 17.03
C ILE A 133 -7.53 -32.78 18.12
N ALA A 134 -6.85 -33.93 18.01
CA ALA A 134 -5.79 -34.29 18.91
C ALA A 134 -4.50 -34.30 18.08
N ASN A 135 -3.62 -33.36 18.36
CA ASN A 135 -2.38 -33.24 17.58
C ASN A 135 -1.21 -33.80 18.37
N ILE A 136 -0.48 -34.76 17.78
CA ILE A 136 0.74 -35.27 18.42
C ILE A 136 1.84 -34.28 18.09
N CYS A 137 2.28 -33.56 19.11
CA CYS A 137 3.34 -32.60 18.94
C CYS A 137 4.61 -33.21 19.57
N SER A 138 5.14 -32.64 20.64
CA SER A 138 6.38 -33.14 21.28
C SER A 138 6.85 -32.20 22.38
N VAL A 139 7.47 -32.73 23.44
CA VAL A 139 8.13 -31.89 24.44
C VAL A 139 9.21 -31.01 23.81
N THR A 140 9.78 -31.43 22.67
CA THR A 140 10.79 -30.61 21.97
C THR A 140 10.22 -29.27 21.49
N GLY A 141 8.90 -29.20 21.42
CA GLY A 141 8.18 -27.96 21.07
C GLY A 141 8.10 -26.98 22.23
N PHE A 142 8.39 -27.44 23.45
CA PHE A 142 8.53 -26.53 24.60
C PHE A 142 9.99 -26.09 24.71
N ASN A 143 10.87 -27.09 24.75
CA ASN A 143 12.33 -26.91 24.84
C ASN A 143 12.99 -27.90 23.91
N ALA A 144 13.74 -27.36 22.96
CA ALA A 144 14.33 -28.15 21.89
C ALA A 144 15.31 -29.22 22.36
N ILE A 145 15.40 -30.30 21.58
CA ILE A 145 16.67 -30.99 21.45
C ILE A 145 17.48 -30.18 20.43
N HIS A 146 18.43 -29.38 20.91
CA HIS A 146 19.07 -28.40 20.02
C HIS A 146 19.97 -29.01 18.95
N GLN A 147 20.27 -30.31 19.06
CA GLN A 147 21.00 -31.00 18.01
C GLN A 147 20.10 -31.42 16.85
N VAL A 148 18.80 -31.44 17.11
CA VAL A 148 17.83 -31.53 16.01
C VAL A 148 16.97 -30.27 16.02
N PRO A 149 17.56 -29.13 15.63
CA PRO A 149 16.85 -27.89 15.76
C PRO A 149 15.66 -27.76 14.80
N VAL A 150 15.72 -28.39 13.63
CA VAL A 150 14.64 -28.29 12.65
C VAL A 150 13.41 -29.09 13.09
N TYR A 151 13.63 -30.36 13.46
CA TYR A 151 12.61 -31.17 14.12
C TYR A 151 11.96 -30.43 15.28
N SER A 152 12.77 -29.90 16.20
CA SER A 152 12.26 -29.25 17.41
C SER A 152 11.46 -27.98 17.09
N ALA A 153 11.93 -27.20 16.12
CA ALA A 153 11.22 -25.98 15.69
C ALA A 153 9.89 -26.36 15.02
N SER A 154 9.88 -27.46 14.29
CA SER A 154 8.66 -27.91 13.59
C SER A 154 7.61 -28.31 14.63
N LYS A 155 8.08 -28.82 15.77
CA LYS A 155 7.21 -29.16 16.91
C LYS A 155 6.73 -27.92 17.69
N ALA A 156 7.60 -26.91 17.86
CA ALA A 156 7.18 -25.65 18.47
C ALA A 156 6.06 -25.02 17.66
N ALA A 157 6.17 -25.15 16.35
CA ALA A 157 5.14 -24.67 15.45
C ALA A 157 3.79 -25.32 15.71
N VAL A 158 3.78 -26.64 15.85
CA VAL A 158 2.49 -27.34 16.02
C VAL A 158 1.90 -27.21 17.42
N VAL A 159 2.74 -27.08 18.42
CA VAL A 159 2.25 -26.73 19.75
C VAL A 159 1.50 -25.40 19.69
N SER A 160 2.13 -24.39 19.08
CA SER A 160 1.50 -23.06 18.89
C SER A 160 0.20 -23.17 18.08
N PHE A 161 0.26 -23.82 16.92
CA PHE A 161 -0.90 -23.95 16.05
C PHE A 161 -2.09 -24.60 16.74
N THR A 162 -1.82 -25.64 17.54
CA THR A 162 -2.84 -26.31 18.35
C THR A 162 -3.42 -25.39 19.43
N ASN A 163 -2.56 -24.66 20.16
CA ASN A 163 -3.00 -23.62 21.12
C ASN A 163 -3.99 -22.61 20.49
N SER A 164 -3.71 -22.22 19.26
CA SER A 164 -4.55 -21.27 18.50
C SER A 164 -5.86 -21.89 18.01
N LEU A 165 -5.79 -23.13 17.50
CA LEU A 165 -6.98 -23.88 17.15
C LEU A 165 -8.01 -23.89 18.29
N ALA A 166 -7.54 -24.24 19.49
CA ALA A 166 -8.38 -24.26 20.70
C ALA A 166 -9.06 -22.93 20.98
N LYS A 167 -8.31 -21.84 20.83
CA LYS A 167 -8.86 -20.50 21.05
C LYS A 167 -9.85 -20.07 19.94
N LEU A 168 -9.83 -20.78 18.82
CA LEU A 168 -10.74 -20.52 17.71
C LEU A 168 -12.03 -21.36 17.77
N ALA A 169 -12.13 -22.23 18.78
CA ALA A 169 -13.29 -23.12 18.93
C ALA A 169 -14.66 -22.41 19.03
N PRO A 170 -14.77 -21.29 19.78
CA PRO A 170 -16.06 -20.59 19.77
C PRO A 170 -16.52 -20.13 18.37
N ILE A 171 -15.59 -20.05 17.41
CA ILE A 171 -15.85 -19.58 16.04
C ILE A 171 -16.10 -20.73 15.05
N THR A 172 -15.30 -21.79 15.17
CA THR A 172 -15.32 -22.89 14.23
C THR A 172 -16.12 -24.06 14.78
N GLY A 173 -16.20 -24.19 16.10
CA GLY A 173 -16.84 -25.36 16.71
C GLY A 173 -15.88 -26.54 16.86
N VAL A 174 -14.62 -26.35 16.46
CA VAL A 174 -13.63 -27.44 16.52
C VAL A 174 -12.70 -27.21 17.68
N THR A 175 -12.77 -28.09 18.66
CA THR A 175 -11.89 -28.00 19.82
C THR A 175 -10.59 -28.75 19.51
N ALA A 176 -9.54 -28.48 20.30
CA ALA A 176 -8.24 -29.08 20.06
C ALA A 176 -7.34 -29.09 21.29
N TYR A 177 -6.45 -30.09 21.37
CA TYR A 177 -5.44 -30.16 22.43
C TYR A 177 -4.20 -30.85 21.85
N SER A 178 -3.06 -30.60 22.43
CA SER A 178 -1.83 -31.25 21.99
C SER A 178 -1.41 -32.40 22.90
N ILE A 179 -0.87 -33.43 22.28
CA ILE A 179 -0.30 -34.60 22.95
C ILE A 179 1.20 -34.53 22.72
N ASN A 180 1.95 -34.31 23.79
CA ASN A 180 3.40 -34.07 23.74
C ASN A 180 4.17 -35.14 24.49
N PRO A 181 4.47 -36.24 23.81
CA PRO A 181 5.29 -37.27 24.45
C PRO A 181 6.70 -36.79 24.73
N GLY A 182 7.27 -37.28 25.83
CA GLY A 182 8.71 -37.21 26.06
C GLY A 182 9.35 -38.32 25.23
N ILE A 183 10.63 -38.60 25.46
CA ILE A 183 11.32 -39.63 24.68
C ILE A 183 10.67 -40.99 24.90
N THR A 184 10.33 -41.65 23.78
CA THR A 184 9.53 -42.87 23.75
C THR A 184 10.18 -43.85 22.77
N ARG A 185 10.39 -45.09 23.22
CA ARG A 185 11.15 -46.06 22.44
C ARG A 185 10.36 -46.55 21.22
N THR A 186 10.69 -46.00 20.06
CA THR A 186 10.03 -46.33 18.78
C THR A 186 11.11 -46.33 17.70
N PRO A 187 10.78 -46.80 16.47
CA PRO A 187 11.71 -46.63 15.34
C PRO A 187 12.11 -45.18 15.03
N LEU A 188 11.37 -44.19 15.53
CA LEU A 188 11.73 -42.77 15.32
C LEU A 188 13.10 -42.41 15.91
N VAL A 189 13.35 -42.94 17.11
CA VAL A 189 14.54 -42.57 17.90
C VAL A 189 15.61 -43.66 17.98
N HIS A 190 15.40 -44.78 17.29
CA HIS A 190 16.36 -45.90 17.18
C HIS A 190 17.72 -45.27 16.90
N THR A 191 17.82 -44.65 15.73
CA THR A 191 18.92 -43.79 15.38
C THR A 191 18.37 -42.75 14.42
N PHE A 192 19.07 -41.61 14.33
CA PHE A 192 18.62 -40.47 13.54
C PHE A 192 19.70 -39.40 13.36
N ASN A 193 19.50 -38.54 12.37
CA ASN A 193 20.47 -37.52 11.95
C ASN A 193 20.30 -36.16 12.63
N SER A 194 21.42 -35.61 13.14
CA SER A 194 21.46 -34.27 13.72
C SER A 194 21.72 -33.27 12.59
N TRP A 195 21.36 -32.02 12.82
CA TRP A 195 21.46 -30.98 11.80
C TRP A 195 22.93 -30.66 11.55
N LEU A 196 23.36 -30.78 10.30
CA LEU A 196 24.77 -30.52 9.91
C LEU A 196 25.74 -31.44 10.67
N ASP A 197 25.23 -32.61 11.07
CA ASP A 197 26.00 -33.57 11.88
C ASP A 197 26.68 -32.95 13.08
N VAL A 198 25.96 -32.08 13.80
CA VAL A 198 26.51 -31.45 15.01
C VAL A 198 26.73 -32.44 16.16
N GLU A 199 25.97 -33.53 16.16
CA GLU A 199 26.18 -34.60 17.12
C GLU A 199 25.85 -35.97 16.49
N PRO A 200 26.85 -36.62 15.86
CA PRO A 200 26.63 -37.93 15.24
C PRO A 200 26.13 -39.03 16.21
N ARG A 201 26.34 -38.85 17.52
CA ARG A 201 25.96 -39.84 18.52
C ARG A 201 24.67 -39.44 19.24
N VAL A 202 23.85 -38.60 18.61
CA VAL A 202 22.69 -38.00 19.30
C VAL A 202 21.71 -39.05 19.85
N ALA A 203 21.47 -40.12 19.10
CA ALA A 203 20.55 -41.19 19.52
C ALA A 203 21.16 -41.98 20.67
N GLU A 204 22.40 -42.44 20.49
CA GLU A 204 23.09 -43.17 21.56
C GLU A 204 23.02 -42.36 22.86
N LEU A 205 23.42 -41.08 22.81
CA LEU A 205 23.44 -40.22 24.00
C LEU A 205 22.06 -40.02 24.59
N LEU A 206 21.09 -39.63 23.74
CA LEU A 206 19.73 -39.39 24.20
C LEU A 206 19.18 -40.63 24.92
N LEU A 207 19.34 -41.79 24.30
CA LEU A 207 18.84 -43.05 24.85
C LEU A 207 19.63 -43.60 26.05
N SER A 208 20.69 -42.91 26.50
CA SER A 208 21.36 -43.30 27.75
C SER A 208 20.70 -42.63 28.97
N HIS A 209 19.63 -41.89 28.69
CA HIS A 209 18.83 -41.20 29.69
C HIS A 209 17.43 -41.80 29.73
N PRO A 210 16.64 -41.48 30.78
CA PRO A 210 15.33 -42.15 30.97
C PRO A 210 14.37 -41.96 29.80
N THR A 211 13.64 -43.02 29.49
CA THR A 211 12.63 -43.03 28.43
C THR A 211 11.33 -43.66 28.95
N GLN A 212 10.31 -43.70 28.10
CA GLN A 212 9.09 -44.48 28.36
C GLN A 212 8.84 -45.42 27.19
N THR A 213 7.99 -46.42 27.39
CA THR A 213 7.62 -47.32 26.30
C THR A 213 6.42 -46.77 25.54
N SER A 214 6.23 -47.22 24.31
CA SER A 214 5.07 -46.80 23.54
C SER A 214 3.74 -47.24 24.18
N GLU A 215 3.78 -48.30 24.99
CA GLU A 215 2.63 -48.78 25.72
C GLU A 215 2.22 -47.79 26.80
N GLN A 216 3.20 -47.29 27.55
CA GLN A 216 2.96 -46.28 28.58
C GLN A 216 2.37 -45.01 27.93
N CYS A 217 2.99 -44.60 26.83
CA CYS A 217 2.56 -43.43 26.08
C CYS A 217 1.11 -43.58 25.60
N GLY A 218 0.83 -44.72 24.96
CA GLY A 218 -0.50 -45.03 24.39
C GLY A 218 -1.64 -45.05 25.41
N GLN A 219 -1.36 -45.58 26.59
CA GLN A 219 -2.33 -45.61 27.67
C GLN A 219 -2.68 -44.21 28.17
N ASN A 220 -1.66 -43.35 28.27
CA ASN A 220 -1.85 -41.98 28.70
C ASN A 220 -2.43 -41.11 27.60
N PHE A 221 -2.20 -41.51 26.35
CA PHE A 221 -2.75 -40.84 25.18
C PHE A 221 -4.29 -40.95 25.18
N VAL A 222 -4.80 -42.17 25.36
CA VAL A 222 -6.26 -42.38 25.44
C VAL A 222 -6.87 -41.71 26.67
N LYS A 223 -6.14 -41.70 27.78
CA LYS A 223 -6.58 -41.01 28.99
C LYS A 223 -6.84 -39.52 28.74
N ALA A 224 -5.90 -38.86 28.07
CA ALA A 224 -6.06 -37.46 27.68
C ALA A 224 -7.19 -37.23 26.67
N ILE A 225 -7.41 -38.20 25.78
CA ILE A 225 -8.50 -38.12 24.81
C ILE A 225 -9.84 -38.17 25.53
N GLU A 226 -9.94 -39.10 26.46
CA GLU A 226 -11.11 -39.23 27.31
C GLU A 226 -11.31 -38.00 28.20
N ALA A 227 -10.22 -37.38 28.63
CA ALA A 227 -10.32 -36.13 29.40
C ALA A 227 -10.94 -34.97 28.59
N ASN A 228 -10.68 -34.94 27.27
CA ASN A 228 -11.35 -34.00 26.34
C ASN A 228 -11.33 -32.51 26.78
N LYS A 229 -10.14 -32.02 27.10
CA LYS A 229 -9.98 -30.65 27.59
C LYS A 229 -9.50 -29.74 26.47
N ASN A 230 -10.36 -28.83 26.02
CA ASN A 230 -9.98 -27.89 24.96
C ASN A 230 -8.81 -27.03 25.41
N GLY A 231 -7.80 -26.95 24.55
CA GLY A 231 -6.66 -26.09 24.80
C GLY A 231 -5.67 -26.67 25.77
N ALA A 232 -5.90 -27.91 26.19
CA ALA A 232 -4.93 -28.57 27.07
C ALA A 232 -3.62 -28.80 26.31
N ILE A 233 -2.50 -28.66 27.02
CA ILE A 233 -1.19 -29.01 26.51
C ILE A 233 -0.69 -30.19 27.35
N TRP A 234 -0.94 -31.40 26.86
CA TRP A 234 -0.64 -32.61 27.64
C TRP A 234 0.82 -32.98 27.49
N LYS A 235 1.50 -33.17 28.62
CA LYS A 235 2.83 -33.79 28.66
C LYS A 235 2.74 -35.27 29.05
N LEU A 236 3.23 -36.13 28.16
CA LEU A 236 3.23 -37.56 28.38
C LEU A 236 4.67 -38.03 28.46
N ASP A 237 5.29 -37.80 29.61
CA ASP A 237 6.72 -38.04 29.79
C ASP A 237 6.96 -38.98 30.99
N LEU A 238 7.83 -39.96 30.78
CA LEU A 238 8.22 -40.95 31.80
C LEU A 238 7.01 -41.68 32.40
N GLY A 239 6.09 -42.08 31.54
CA GLY A 239 4.91 -42.86 31.96
C GLY A 239 3.82 -42.09 32.70
N THR A 240 4.00 -40.78 32.83
CA THR A 240 2.96 -39.94 33.45
C THR A 240 2.17 -39.09 32.43
N LEU A 241 1.02 -38.59 32.87
CA LEU A 241 0.25 -37.61 32.12
C LEU A 241 0.20 -36.32 32.96
N GLU A 242 0.47 -35.18 32.32
CA GLU A 242 0.60 -33.91 33.03
C GLU A 242 0.16 -32.78 32.11
N ALA A 243 -0.70 -31.90 32.60
CA ALA A 243 -1.05 -30.70 31.85
C ALA A 243 -0.07 -29.61 32.23
N ILE A 244 0.56 -28.99 31.24
CA ILE A 244 1.49 -27.91 31.51
C ILE A 244 0.84 -26.56 31.22
N GLU A 245 1.32 -25.53 31.92
CA GLU A 245 0.79 -24.19 31.76
C GLU A 245 1.72 -23.33 30.92
N TRP A 246 1.18 -22.77 29.83
CA TRP A 246 1.96 -21.99 28.89
C TRP A 246 2.20 -20.58 29.43
N THR A 247 3.44 -20.12 29.37
CA THR A 247 3.83 -18.83 29.87
C THR A 247 3.28 -17.72 28.99
N LYS A 248 2.72 -16.70 29.65
CA LYS A 248 2.24 -15.50 29.01
C LYS A 248 3.35 -14.46 28.94
N HIS A 249 4.03 -14.39 27.80
CA HIS A 249 5.07 -13.39 27.58
C HIS A 249 4.50 -12.13 26.92
N TRP A 250 3.39 -12.29 26.20
CA TRP A 250 2.76 -11.23 25.41
C TRP A 250 1.28 -11.51 25.15
N ASP A 251 0.51 -10.44 24.91
CA ASP A 251 -0.93 -10.53 24.67
C ASP A 251 -1.29 -9.67 23.48
N SER A 252 -1.95 -10.26 22.48
CA SER A 252 -2.45 -9.49 21.33
C SER A 252 -3.58 -8.52 21.71
N HIS A 253 -4.19 -8.77 22.87
CA HIS A 253 -5.37 -8.03 23.36
C HIS A 253 -6.62 -8.27 22.50
N ILE A 254 -6.52 -9.17 21.53
CA ILE A 254 -7.66 -9.56 20.68
C ILE A 254 -7.94 -11.07 20.76
N MET B 1 29.39 -5.12 21.23
CA MET B 1 29.63 -5.09 19.77
C MET B 1 29.78 -3.65 19.27
N ASP B 2 30.94 -3.33 18.73
CA ASP B 2 31.15 -2.05 18.07
C ASP B 2 30.96 -2.26 16.57
N LEU B 3 29.94 -1.59 16.00
CA LEU B 3 29.62 -1.75 14.57
C LEU B 3 30.56 -1.03 13.62
N THR B 4 31.35 -0.08 14.13
CA THR B 4 32.39 0.60 13.37
C THR B 4 33.26 -0.44 12.65
N ASN B 5 33.29 -0.34 11.32
CA ASN B 5 34.15 -1.16 10.45
C ASN B 5 33.67 -2.59 10.20
N LYS B 6 32.44 -2.91 10.59
CA LYS B 6 31.91 -4.27 10.41
C LYS B 6 31.26 -4.49 9.05
N ASN B 7 31.18 -5.75 8.63
CA ASN B 7 30.48 -6.15 7.42
C ASN B 7 29.18 -6.85 7.81
N VAL B 8 28.07 -6.40 7.22
CA VAL B 8 26.73 -6.85 7.60
C VAL B 8 25.92 -7.22 6.36
N ILE B 9 25.29 -8.40 6.40
CA ILE B 9 24.29 -8.79 5.40
C ILE B 9 22.92 -8.71 6.08
N PHE B 10 21.98 -8.05 5.41
CA PHE B 10 20.62 -7.87 5.93
C PHE B 10 19.63 -8.36 4.88
N VAL B 11 19.07 -9.54 5.13
CA VAL B 11 18.04 -10.10 4.27
C VAL B 11 16.73 -9.41 4.63
N ALA B 12 16.06 -8.82 3.64
CA ALA B 12 14.82 -8.06 3.81
C ALA B 12 15.02 -6.74 4.58
N ALA B 13 16.03 -5.97 4.15
CA ALA B 13 16.38 -4.70 4.81
C ALA B 13 15.49 -3.54 4.41
N LEU B 14 14.70 -3.70 3.34
CA LEU B 14 13.96 -2.57 2.77
C LEU B 14 12.47 -2.55 3.09
N GLY B 15 12.01 -3.52 3.89
CA GLY B 15 10.66 -3.48 4.46
C GLY B 15 10.44 -2.38 5.49
N GLY B 16 9.29 -2.42 6.16
CA GLY B 16 8.91 -1.41 7.14
C GLY B 16 9.89 -1.31 8.28
N ILE B 17 10.00 -2.39 9.04
CA ILE B 17 10.97 -2.50 10.13
C ILE B 17 12.39 -2.47 9.57
N GLY B 18 12.59 -3.18 8.45
CA GLY B 18 13.88 -3.29 7.83
C GLY B 18 14.50 -1.94 7.48
N LEU B 19 13.72 -1.09 6.80
CA LEU B 19 14.29 0.19 6.38
C LEU B 19 14.62 1.08 7.58
N ASP B 20 13.75 1.10 8.60
CA ASP B 20 14.04 1.91 9.79
C ASP B 20 15.21 1.37 10.61
N THR B 21 15.37 0.05 10.62
CA THR B 21 16.56 -0.57 11.22
C THR B 21 17.82 -0.21 10.41
N SER B 22 17.73 -0.31 9.08
CA SER B 22 18.84 0.06 8.18
C SER B 22 19.26 1.53 8.33
N ARG B 23 18.28 2.45 8.37
CA ARG B 23 18.54 3.86 8.65
C ARG B 23 19.40 4.03 9.91
N GLU B 24 19.11 3.25 10.95
CA GLU B 24 19.89 3.27 12.19
C GLU B 24 21.24 2.58 12.11
N LEU B 25 21.29 1.47 11.35
CA LEU B 25 22.55 0.73 11.20
C LEU B 25 23.61 1.56 10.51
N VAL B 26 23.24 2.22 9.40
CA VAL B 26 24.20 3.03 8.62
C VAL B 26 24.68 4.33 9.29
N LYS B 27 24.05 4.72 10.40
CA LYS B 27 24.54 5.81 11.25
C LYS B 27 25.82 5.41 11.95
N ARG B 28 26.00 4.11 12.14
CA ARG B 28 27.30 3.56 12.55
C ARG B 28 28.20 3.51 11.34
N ASN B 29 29.50 3.54 11.56
CA ASN B 29 30.44 3.55 10.46
C ASN B 29 30.80 2.14 10.02
N LEU B 30 29.79 1.42 9.51
CA LEU B 30 29.97 0.09 8.92
C LEU B 30 30.89 0.17 7.71
N LYS B 31 31.66 -0.89 7.49
CA LYS B 31 32.51 -0.96 6.31
C LYS B 31 31.69 -1.29 5.09
N ASN B 32 30.92 -2.39 5.17
CA ASN B 32 30.02 -2.82 4.12
C ASN B 32 28.64 -3.19 4.68
N PHE B 33 27.60 -2.78 3.96
CA PHE B 33 26.22 -3.10 4.32
C PHE B 33 25.59 -3.66 3.06
N VAL B 34 25.36 -4.97 3.09
CA VAL B 34 24.87 -5.72 1.94
C VAL B 34 23.38 -6.07 2.14
N ILE B 35 22.55 -5.55 1.26
CA ILE B 35 21.10 -5.73 1.31
C ILE B 35 20.66 -6.84 0.36
N LEU B 36 19.90 -7.79 0.90
CA LEU B 36 19.32 -8.89 0.15
C LEU B 36 17.81 -8.79 0.29
N ASP B 37 17.11 -8.45 -0.80
CA ASP B 37 15.65 -8.29 -0.72
C ASP B 37 14.98 -8.61 -2.07
N ARG B 38 13.69 -8.95 -2.02
CA ARG B 38 12.93 -9.42 -3.19
C ARG B 38 12.95 -8.47 -4.39
N VAL B 39 12.75 -7.19 -4.09
CA VAL B 39 12.49 -6.19 -5.10
C VAL B 39 13.39 -4.99 -4.78
N GLU B 40 13.93 -4.38 -5.82
CA GLU B 40 14.74 -3.18 -5.68
C GLU B 40 13.92 -2.04 -5.12
N ASN B 41 14.59 -1.14 -4.42
CA ASN B 41 13.99 0.11 -3.99
C ASN B 41 15.02 1.22 -4.13
N PRO B 42 15.15 1.79 -5.34
CA PRO B 42 16.09 2.85 -5.68
C PRO B 42 16.05 4.01 -4.70
N THR B 43 14.86 4.51 -4.41
CA THR B 43 14.65 5.60 -3.46
C THR B 43 15.24 5.27 -2.09
N ALA B 44 14.82 4.15 -1.50
CA ALA B 44 15.33 3.71 -0.20
C ALA B 44 16.86 3.54 -0.21
N LEU B 45 17.38 2.91 -1.26
CA LEU B 45 18.82 2.68 -1.42
C LEU B 45 19.62 3.99 -1.46
N ALA B 46 19.10 4.98 -2.19
CA ALA B 46 19.76 6.27 -2.32
C ALA B 46 19.76 7.01 -0.99
N GLU B 47 18.65 6.95 -0.28
CA GLU B 47 18.54 7.56 1.03
C GLU B 47 19.53 6.99 2.03
N LEU B 48 19.65 5.65 2.06
CA LEU B 48 20.56 5.00 3.00
C LEU B 48 21.99 5.47 2.73
N LYS B 49 22.35 5.51 1.45
CA LYS B 49 23.68 5.92 1.01
C LYS B 49 23.99 7.35 1.42
N ALA B 50 22.97 8.19 1.35
CA ALA B 50 23.04 9.61 1.74
C ALA B 50 23.26 9.80 3.24
N ILE B 51 22.65 8.93 4.04
CA ILE B 51 22.74 9.00 5.51
C ILE B 51 24.20 8.94 5.99
N ASN B 52 24.99 8.09 5.34
CA ASN B 52 26.39 7.91 5.69
C ASN B 52 27.21 7.49 4.47
N PRO B 53 27.83 8.48 3.78
CA PRO B 53 28.63 8.22 2.59
C PRO B 53 29.85 7.30 2.83
N LYS B 54 30.27 7.13 4.08
CA LYS B 54 31.44 6.31 4.45
C LYS B 54 31.18 4.81 4.33
N VAL B 55 29.91 4.43 4.30
CA VAL B 55 29.52 3.02 4.24
C VAL B 55 29.35 2.62 2.80
N ASN B 56 29.96 1.50 2.42
CA ASN B 56 29.67 0.91 1.11
C ASN B 56 28.42 0.04 1.16
N ILE B 57 27.35 0.55 0.53
CA ILE B 57 26.05 -0.14 0.48
C ILE B 57 25.84 -0.80 -0.87
N THR B 58 25.55 -2.09 -0.84
CA THR B 58 25.29 -2.84 -2.04
C THR B 58 23.95 -3.57 -1.92
N PHE B 59 23.33 -3.84 -3.04
CA PHE B 59 22.04 -4.52 -3.09
C PHE B 59 22.13 -5.72 -4.03
N HIS B 60 21.48 -6.82 -3.63
CA HIS B 60 21.27 -7.97 -4.50
C HIS B 60 19.79 -8.36 -4.42
N THR B 61 19.19 -8.58 -5.58
CA THR B 61 17.88 -9.20 -5.69
C THR B 61 17.98 -10.61 -5.08
N TYR B 62 17.08 -10.91 -4.14
CA TYR B 62 17.13 -12.17 -3.41
C TYR B 62 15.75 -12.58 -2.89
N ASP B 63 15.43 -13.86 -3.07
CA ASP B 63 14.18 -14.44 -2.63
C ASP B 63 14.53 -15.62 -1.72
N VAL B 64 14.11 -15.55 -0.46
CA VAL B 64 14.44 -16.61 0.53
C VAL B 64 13.91 -18.00 0.19
N THR B 65 12.91 -18.09 -0.70
CA THR B 65 12.31 -19.41 -0.98
C THR B 65 13.10 -20.23 -1.98
N VAL B 66 14.23 -19.75 -2.46
CA VAL B 66 15.05 -20.55 -3.39
C VAL B 66 15.76 -21.70 -2.63
N PRO B 67 16.18 -22.77 -3.36
CA PRO B 67 16.90 -23.85 -2.70
C PRO B 67 18.17 -23.37 -2.01
N VAL B 68 18.65 -24.15 -1.05
CA VAL B 68 19.85 -23.85 -0.28
C VAL B 68 21.10 -23.67 -1.15
N ALA B 69 21.18 -24.44 -2.24
CA ALA B 69 22.29 -24.34 -3.21
C ALA B 69 22.39 -22.95 -3.85
N GLU B 70 21.24 -22.37 -4.19
CA GLU B 70 21.19 -21.07 -4.84
C GLU B 70 21.60 -19.92 -3.88
N SER B 71 21.23 -20.06 -2.60
CA SER B 71 21.63 -19.13 -1.54
C SER B 71 23.14 -19.16 -1.28
N LYS B 72 23.73 -20.35 -1.22
CA LYS B 72 25.17 -20.48 -0.99
C LYS B 72 25.97 -19.79 -2.09
N LYS B 73 25.48 -19.94 -3.32
CA LYS B 73 26.11 -19.36 -4.50
C LYS B 73 26.15 -17.83 -4.39
N LEU B 74 25.05 -17.23 -3.96
CA LEU B 74 25.01 -15.78 -3.73
C LEU B 74 25.98 -15.39 -2.62
N LEU B 75 25.91 -16.11 -1.50
CA LEU B 75 26.77 -15.86 -0.37
C LEU B 75 28.26 -16.00 -0.68
N LYS B 76 28.62 -17.01 -1.46
CA LYS B 76 30.00 -17.20 -1.96
C LYS B 76 30.47 -15.93 -2.65
N LYS B 77 29.66 -15.43 -3.59
CA LYS B 77 29.95 -14.19 -4.29
C LYS B 77 30.24 -13.03 -3.31
N ILE B 78 29.43 -12.92 -2.26
CA ILE B 78 29.60 -11.89 -1.24
C ILE B 78 30.88 -12.10 -0.40
N PHE B 79 31.07 -13.32 0.10
CA PHE B 79 32.25 -13.67 0.92
C PHE B 79 33.55 -13.56 0.10
N ASP B 80 33.48 -13.88 -1.19
CA ASP B 80 34.62 -13.76 -2.09
C ASP B 80 35.05 -12.29 -2.20
N GLN B 81 34.09 -11.38 -2.22
CA GLN B 81 34.37 -9.95 -2.31
C GLN B 81 34.79 -9.35 -0.98
N LEU B 82 34.00 -9.59 0.07
CA LEU B 82 34.24 -8.98 1.36
C LEU B 82 35.29 -9.70 2.19
N LYS B 83 35.52 -10.98 1.86
CA LYS B 83 36.40 -11.88 2.62
C LYS B 83 35.87 -12.27 4.01
N THR B 84 35.31 -11.30 4.72
CA THR B 84 34.71 -11.56 6.02
C THR B 84 33.31 -10.95 6.06
N VAL B 85 32.41 -11.65 6.72
CA VAL B 85 31.10 -11.12 7.09
C VAL B 85 30.96 -11.24 8.61
N ASP B 86 30.60 -10.13 9.26
CA ASP B 86 30.46 -10.15 10.70
C ASP B 86 29.10 -10.58 11.24
N ILE B 87 28.03 -10.14 10.57
CA ILE B 87 26.65 -10.37 11.03
C ILE B 87 25.74 -10.68 9.86
N LEU B 88 24.86 -11.65 10.05
CA LEU B 88 23.75 -11.86 9.16
C LEU B 88 22.47 -11.53 9.92
N ILE B 89 21.67 -10.64 9.33
CA ILE B 89 20.40 -10.24 9.95
C ILE B 89 19.22 -10.57 9.05
N ASN B 90 18.41 -11.53 9.49
CA ASN B 90 17.24 -11.95 8.72
C ASN B 90 15.98 -11.18 9.13
N GLY B 91 15.17 -10.82 8.15
CA GLY B 91 13.95 -10.08 8.40
C GLY B 91 12.78 -10.60 7.58
N ALA B 92 13.09 -11.29 6.48
CA ALA B 92 12.07 -11.84 5.60
C ALA B 92 10.84 -12.28 6.40
N GLY B 93 9.66 -11.90 5.92
CA GLY B 93 8.42 -12.25 6.57
C GLY B 93 7.21 -11.84 5.78
N ILE B 94 6.21 -12.73 5.73
CA ILE B 94 4.87 -12.38 5.22
C ILE B 94 3.81 -12.72 6.25
N LEU B 95 2.69 -12.00 6.18
CA LEU B 95 1.57 -12.23 7.05
C LEU B 95 0.33 -12.30 6.18
N ASP B 96 -0.16 -13.52 5.99
CA ASP B 96 -1.24 -13.87 5.08
C ASP B 96 -1.58 -15.32 5.32
N ASP B 97 -2.53 -15.55 6.21
CA ASP B 97 -2.95 -16.90 6.56
C ASP B 97 -3.83 -17.58 5.49
N HIS B 98 -4.04 -16.91 4.35
CA HIS B 98 -4.58 -17.58 3.16
C HIS B 98 -3.48 -18.35 2.44
N GLN B 99 -2.22 -17.95 2.64
CA GLN B 99 -1.12 -18.61 1.94
C GLN B 99 -0.34 -19.49 2.93
N ILE B 100 -0.85 -20.70 3.13
CA ILE B 100 -0.28 -21.59 4.14
C ILE B 100 1.17 -22.02 3.82
N GLU B 101 1.36 -22.66 2.68
CA GLU B 101 2.68 -23.13 2.24
C GLU B 101 3.68 -22.00 2.12
N ARG B 102 3.26 -20.88 1.53
CA ARG B 102 4.17 -19.77 1.32
C ARG B 102 4.60 -19.09 2.63
N THR B 103 3.67 -19.00 3.60
CA THR B 103 3.96 -18.43 4.93
C THR B 103 5.06 -19.25 5.63
N ILE B 104 4.91 -20.57 5.56
CA ILE B 104 5.86 -21.51 6.16
C ILE B 104 7.19 -21.43 5.41
N ALA B 105 7.13 -21.43 4.07
CA ALA B 105 8.31 -21.34 3.20
C ALA B 105 9.18 -20.09 3.43
N ILE B 106 8.52 -18.96 3.64
CA ILE B 106 9.21 -17.71 3.83
C ILE B 106 9.68 -17.54 5.27
N ASN B 107 8.74 -17.61 6.20
CA ASN B 107 8.99 -17.26 7.58
C ASN B 107 9.81 -18.28 8.39
N PHE B 108 9.75 -19.54 7.99
CA PHE B 108 10.40 -20.65 8.73
C PHE B 108 11.47 -21.30 7.86
N THR B 109 11.06 -21.98 6.79
CA THR B 109 12.00 -22.75 5.95
C THR B 109 13.11 -21.88 5.34
N GLY B 110 12.74 -20.71 4.82
CA GLY B 110 13.73 -19.81 4.23
C GLY B 110 14.80 -19.36 5.21
N LEU B 111 14.40 -19.12 6.46
CA LEU B 111 15.29 -18.66 7.51
C LEU B 111 16.28 -19.76 7.84
N VAL B 112 15.77 -20.97 8.01
CA VAL B 112 16.58 -22.16 8.28
C VAL B 112 17.58 -22.36 7.14
N ASN B 113 17.11 -22.22 5.92
CA ASN B 113 17.95 -22.42 4.75
C ASN B 113 19.07 -21.40 4.55
N VAL B 114 18.78 -20.12 4.83
CA VAL B 114 19.82 -19.07 4.75
C VAL B 114 20.87 -19.31 5.81
N THR B 115 20.41 -19.69 7.00
CA THR B 115 21.29 -20.05 8.11
C THR B 115 22.21 -21.22 7.75
N THR B 116 21.60 -22.29 7.24
CA THR B 116 22.33 -23.49 6.82
C THR B 116 23.37 -23.16 5.73
N ALA B 117 22.97 -22.34 4.75
CA ALA B 117 23.87 -21.86 3.72
C ALA B 117 25.07 -21.06 4.26
N ILE B 118 24.84 -20.08 5.13
CA ILE B 118 25.95 -19.28 5.63
C ILE B 118 26.88 -20.05 6.58
N LEU B 119 26.35 -21.10 7.21
CA LEU B 119 27.14 -21.99 8.04
C LEU B 119 28.30 -22.66 7.29
N ASP B 120 28.13 -22.85 5.99
CA ASP B 120 29.17 -23.38 5.10
C ASP B 120 30.45 -22.53 5.13
N PHE B 121 30.27 -21.23 5.29
CA PHE B 121 31.37 -20.25 5.34
C PHE B 121 31.81 -19.97 6.77
N TRP B 122 30.91 -20.10 7.73
CA TRP B 122 31.22 -19.72 9.09
C TRP B 122 31.56 -20.86 10.04
N ASP B 123 31.03 -22.07 9.76
CA ASP B 123 31.20 -23.22 10.66
C ASP B 123 32.69 -23.42 10.94
N LYS B 124 33.05 -23.36 12.19
CA LYS B 124 34.46 -23.53 12.55
C LYS B 124 34.97 -24.96 12.27
N ARG B 125 34.04 -25.90 12.14
CA ARG B 125 34.39 -27.28 11.84
C ARG B 125 34.80 -27.43 10.38
N LYS B 126 34.41 -26.48 9.54
CA LYS B 126 34.80 -26.47 8.13
C LYS B 126 35.93 -25.45 7.86
N GLY B 127 36.54 -24.94 8.93
CA GLY B 127 37.63 -23.98 8.78
C GLY B 127 37.21 -22.52 8.77
N GLY B 128 36.02 -22.26 9.33
CA GLY B 128 35.42 -20.94 9.28
C GLY B 128 35.69 -20.13 10.54
N PRO B 129 35.54 -18.79 10.44
CA PRO B 129 35.81 -17.91 11.57
C PRO B 129 34.66 -17.74 12.57
N GLY B 130 33.53 -18.40 12.35
CA GLY B 130 32.38 -18.18 13.22
C GLY B 130 31.64 -16.94 12.73
N GLY B 131 30.61 -16.53 13.46
CA GLY B 131 29.75 -15.44 13.03
C GLY B 131 28.60 -15.19 14.00
N ILE B 132 27.74 -14.22 13.65
CA ILE B 132 26.61 -13.78 14.48
C ILE B 132 25.37 -13.78 13.58
N ILE B 133 24.28 -14.36 14.06
CA ILE B 133 22.98 -14.33 13.35
C ILE B 133 21.91 -13.63 14.17
N ALA B 134 21.32 -12.59 13.60
CA ALA B 134 20.20 -11.93 14.26
C ALA B 134 18.94 -12.29 13.47
N ASN B 135 18.00 -12.98 14.12
CA ASN B 135 16.79 -13.45 13.44
C ASN B 135 15.57 -12.66 13.88
N ILE B 136 14.92 -11.97 12.96
CA ILE B 136 13.64 -11.31 13.30
C ILE B 136 12.54 -12.34 13.40
N CYS B 137 12.10 -12.60 14.62
CA CYS B 137 11.04 -13.57 14.85
C CYS B 137 9.74 -12.78 15.07
N SER B 138 9.20 -12.81 16.29
CA SER B 138 7.95 -12.09 16.59
C SER B 138 7.44 -12.45 17.97
N VAL B 139 6.84 -11.50 18.65
CA VAL B 139 6.16 -11.82 19.91
C VAL B 139 5.13 -12.94 19.72
N THR B 140 4.58 -13.06 18.50
CA THR B 140 3.59 -14.11 18.21
C THR B 140 4.17 -15.51 18.33
N GLY B 141 5.50 -15.60 18.29
CA GLY B 141 6.20 -16.86 18.51
C GLY B 141 6.24 -17.26 19.98
N PHE B 142 5.97 -16.32 20.89
CA PHE B 142 5.83 -16.66 22.30
C PHE B 142 4.38 -17.00 22.59
N ASN B 143 3.49 -16.11 22.15
CA ASN B 143 2.03 -16.23 22.33
C ASN B 143 1.35 -15.74 21.06
N ALA B 144 0.57 -16.61 20.45
CA ALA B 144 -0.02 -16.35 19.14
C ALA B 144 -1.05 -15.22 19.07
N ILE B 145 -1.13 -14.62 17.88
CA ILE B 145 -2.38 -14.03 17.42
C ILE B 145 -3.10 -15.24 16.84
N HIS B 146 -4.00 -15.79 17.64
CA HIS B 146 -4.69 -17.05 17.28
C HIS B 146 -5.54 -16.95 16.03
N GLN B 147 -5.85 -15.71 15.62
CA GLN B 147 -6.55 -15.47 14.37
C GLN B 147 -5.66 -15.63 13.15
N VAL B 148 -4.34 -15.55 13.33
CA VAL B 148 -3.41 -15.91 12.27
C VAL B 148 -2.53 -17.05 12.80
N PRO B 149 -3.15 -18.25 12.96
CA PRO B 149 -2.45 -19.35 13.63
C PRO B 149 -1.25 -19.87 12.84
N VAL B 150 -1.27 -19.78 11.52
CA VAL B 150 -0.16 -20.30 10.70
C VAL B 150 1.05 -19.36 10.77
N TYR B 151 0.81 -18.06 10.56
CA TYR B 151 1.83 -17.03 10.81
C TYR B 151 2.44 -17.17 12.20
N SER B 152 1.59 -17.25 13.22
CA SER B 152 2.07 -17.32 14.59
C SER B 152 2.89 -18.60 14.84
N ALA B 153 2.46 -19.71 14.24
CA ALA B 153 3.17 -21.00 14.35
C ALA B 153 4.56 -20.95 13.67
N SER B 154 4.62 -20.33 12.49
CA SER B 154 5.92 -20.14 11.78
C SER B 154 6.91 -19.33 12.63
N LYS B 155 6.39 -18.36 13.39
CA LYS B 155 7.22 -17.56 14.29
C LYS B 155 7.65 -18.31 15.55
N ALA B 156 6.78 -19.17 16.07
CA ALA B 156 7.17 -20.01 17.22
C ALA B 156 8.30 -20.96 16.81
N ALA B 157 8.24 -21.44 15.56
CA ALA B 157 9.30 -22.24 14.98
C ALA B 157 10.65 -21.51 14.95
N VAL B 158 10.65 -20.25 14.54
CA VAL B 158 11.92 -19.56 14.41
C VAL B 158 12.48 -19.04 15.74
N VAL B 159 11.61 -18.78 16.72
CA VAL B 159 12.09 -18.50 18.09
C VAL B 159 12.84 -19.73 18.62
N SER B 160 12.24 -20.91 18.45
CA SER B 160 12.85 -22.17 18.87
C SER B 160 14.16 -22.40 18.13
N PHE B 161 14.11 -22.33 16.81
CA PHE B 161 15.30 -22.56 15.97
C PHE B 161 16.47 -21.65 16.37
N THR B 162 16.16 -20.38 16.64
CA THR B 162 17.18 -19.40 17.05
C THR B 162 17.79 -19.79 18.40
N ASN B 163 16.93 -20.15 19.37
CA ASN B 163 17.34 -20.68 20.67
C ASN B 163 18.31 -21.86 20.55
N SER B 164 18.03 -22.75 19.59
CA SER B 164 18.91 -23.91 19.32
C SER B 164 20.22 -23.51 18.68
N LEU B 165 20.18 -22.60 17.71
CA LEU B 165 21.40 -22.03 17.10
C LEU B 165 22.36 -21.53 18.17
N ALA B 166 21.84 -20.71 19.10
CA ALA B 166 22.62 -20.19 20.22
C ALA B 166 23.25 -21.26 21.14
N LYS B 167 22.51 -22.34 21.39
CA LYS B 167 23.01 -23.47 22.17
C LYS B 167 24.04 -24.27 21.41
N LEU B 168 24.03 -24.14 20.08
CA LEU B 168 25.00 -24.82 19.23
C LEU B 168 26.27 -24.01 18.95
N ALA B 169 26.32 -22.78 19.45
CA ALA B 169 27.45 -21.89 19.17
C ALA B 169 28.83 -22.49 19.53
N PRO B 170 28.98 -23.11 20.72
CA PRO B 170 30.27 -23.73 21.08
C PRO B 170 30.78 -24.75 20.08
N ILE B 171 29.89 -25.29 19.24
CA ILE B 171 30.21 -26.29 18.23
C ILE B 171 30.47 -25.70 16.85
N THR B 172 29.65 -24.72 16.48
CA THR B 172 29.65 -24.17 15.14
C THR B 172 30.49 -22.90 15.06
N GLY B 173 30.65 -22.21 16.18
CA GLY B 173 31.27 -20.88 16.18
C GLY B 173 30.26 -19.78 15.81
N VAL B 174 28.99 -20.13 15.63
CA VAL B 174 28.01 -19.12 15.21
C VAL B 174 27.02 -18.82 16.35
N THR B 175 27.04 -17.58 16.82
CA THR B 175 26.15 -17.20 17.89
C THR B 175 24.87 -16.69 17.24
N ALA B 176 23.80 -16.56 18.03
CA ALA B 176 22.53 -16.12 17.48
C ALA B 176 21.61 -15.56 18.54
N TYR B 177 20.70 -14.67 18.13
CA TYR B 177 19.68 -14.16 19.03
C TYR B 177 18.46 -13.80 18.20
N SER B 178 17.31 -13.73 18.86
CA SER B 178 16.07 -13.38 18.17
C SER B 178 15.68 -11.96 18.51
N ILE B 179 15.06 -11.32 17.54
CA ILE B 179 14.58 -9.95 17.66
C ILE B 179 13.07 -10.10 17.47
N ASN B 180 12.31 -9.83 18.52
CA ASN B 180 10.89 -10.12 18.51
C ASN B 180 10.09 -8.85 18.70
N PRO B 181 9.71 -8.18 17.60
CA PRO B 181 8.90 -6.97 17.73
C PRO B 181 7.49 -7.26 18.21
N GLY B 182 6.95 -6.35 19.01
CA GLY B 182 5.51 -6.28 19.25
C GLY B 182 4.87 -5.63 18.02
N ILE B 183 3.59 -5.27 18.12
CA ILE B 183 2.86 -4.72 16.98
C ILE B 183 3.48 -3.38 16.53
N THR B 184 3.84 -3.32 15.25
CA THR B 184 4.61 -2.20 14.71
C THR B 184 4.01 -1.69 13.41
N ARG B 185 3.78 -0.39 13.33
CA ARG B 185 3.06 0.20 12.21
C ARG B 185 3.84 0.17 10.89
N THR B 186 3.55 -0.85 10.08
CA THR B 186 4.18 -1.09 8.77
C THR B 186 3.11 -1.63 7.83
N PRO B 187 3.40 -1.73 6.52
CA PRO B 187 2.43 -2.34 5.61
C PRO B 187 2.09 -3.82 5.87
N LEU B 188 2.76 -4.46 6.83
CA LEU B 188 2.51 -5.87 7.14
C LEU B 188 1.14 -6.05 7.79
N VAL B 189 0.82 -5.12 8.70
CA VAL B 189 -0.35 -5.22 9.56
C VAL B 189 -1.49 -4.25 9.16
N HIS B 190 -1.32 -3.53 8.05
CA HIS B 190 -2.34 -2.60 7.58
C HIS B 190 -3.61 -3.34 7.11
N THR B 191 -3.43 -4.26 6.16
CA THR B 191 -4.50 -5.17 5.74
C THR B 191 -3.94 -6.60 5.68
N PHE B 192 -4.57 -7.55 6.38
CA PHE B 192 -4.13 -8.94 6.27
C PHE B 192 -5.21 -10.00 6.46
N ASN B 193 -4.91 -11.21 5.98
CA ASN B 193 -5.86 -12.32 5.96
C ASN B 193 -5.74 -13.28 7.14
N SER B 194 -6.87 -13.57 7.78
CA SER B 194 -6.92 -14.55 8.86
C SER B 194 -7.16 -15.93 8.26
N TRP B 195 -6.83 -16.97 9.02
CA TRP B 195 -6.91 -18.33 8.53
C TRP B 195 -8.38 -18.70 8.43
N LEU B 196 -8.78 -19.25 7.28
CA LEU B 196 -10.19 -19.62 7.01
C LEU B 196 -11.15 -18.45 7.26
N ASP B 197 -10.62 -17.23 7.12
CA ASP B 197 -11.36 -16.00 7.39
C ASP B 197 -12.07 -16.00 8.75
N VAL B 198 -11.43 -16.58 9.77
CA VAL B 198 -12.00 -16.61 11.12
C VAL B 198 -12.27 -15.22 11.72
N GLU B 199 -11.50 -14.23 11.29
CA GLU B 199 -11.71 -12.86 11.74
C GLU B 199 -11.36 -11.91 10.57
N PRO B 200 -12.37 -11.57 9.75
CA PRO B 200 -12.13 -10.67 8.62
C PRO B 200 -11.67 -9.25 9.06
N ARG B 201 -11.94 -8.88 10.31
CA ARG B 201 -11.55 -7.56 10.82
C ARG B 201 -10.27 -7.58 11.69
N VAL B 202 -9.49 -8.65 11.54
CA VAL B 202 -8.31 -8.85 12.38
C VAL B 202 -7.36 -7.64 12.44
N ALA B 203 -7.03 -7.04 11.30
CA ALA B 203 -6.12 -5.89 11.24
C ALA B 203 -6.68 -4.68 12.02
N GLU B 204 -7.95 -4.37 11.75
CA GLU B 204 -8.67 -3.28 12.41
C GLU B 204 -8.64 -3.45 13.92
N LEU B 205 -8.92 -4.66 14.38
CA LEU B 205 -8.94 -5.00 15.80
C LEU B 205 -7.56 -4.92 16.46
N LEU B 206 -6.54 -5.46 15.78
CA LEU B 206 -5.20 -5.47 16.32
C LEU B 206 -4.70 -4.06 16.55
N LEU B 207 -4.94 -3.20 15.56
CA LEU B 207 -4.45 -1.82 15.54
C LEU B 207 -5.32 -0.87 16.38
N SER B 208 -6.37 -1.42 16.98
CA SER B 208 -7.19 -0.67 17.95
C SER B 208 -6.61 -0.85 19.35
N HIS B 209 -5.35 -1.27 19.41
CA HIS B 209 -4.62 -1.35 20.67
C HIS B 209 -3.27 -0.63 20.50
N PRO B 210 -2.50 -0.49 21.59
CA PRO B 210 -1.21 0.21 21.47
C PRO B 210 -0.26 -0.42 20.43
N THR B 211 0.50 0.44 19.76
CA THR B 211 1.53 0.01 18.82
C THR B 211 2.78 0.87 19.01
N GLN B 212 3.85 0.46 18.34
CA GLN B 212 5.05 1.28 18.25
C GLN B 212 5.27 1.61 16.78
N THR B 213 6.10 2.60 16.53
CA THR B 213 6.48 2.98 15.17
C THR B 213 7.68 2.14 14.74
N SER B 214 7.91 2.01 13.44
CA SER B 214 9.06 1.24 12.94
C SER B 214 10.38 1.95 13.30
N GLU B 215 10.32 3.27 13.39
CA GLU B 215 11.41 4.08 13.93
C GLU B 215 11.85 3.64 15.33
N GLN B 216 10.91 3.47 16.25
CA GLN B 216 11.24 3.02 17.61
C GLN B 216 11.82 1.60 17.60
N CYS B 217 11.22 0.74 16.79
CA CYS B 217 11.66 -0.65 16.65
C CYS B 217 13.09 -0.70 16.11
N GLY B 218 13.37 0.10 15.08
CA GLY B 218 14.69 0.16 14.46
C GLY B 218 15.78 0.54 15.45
N GLN B 219 15.46 1.54 16.28
CA GLN B 219 16.34 2.06 17.33
C GLN B 219 16.70 1.00 18.35
N ASN B 220 15.68 0.28 18.82
CA ASN B 220 15.91 -0.78 19.77
C ASN B 220 16.58 -2.01 19.15
N PHE B 221 16.32 -2.23 17.87
CA PHE B 221 16.91 -3.34 17.12
C PHE B 221 18.45 -3.16 17.10
N VAL B 222 18.92 -1.97 16.73
CA VAL B 222 20.36 -1.74 16.62
C VAL B 222 21.02 -1.79 18.01
N LYS B 223 20.31 -1.27 19.00
CA LYS B 223 20.68 -1.43 20.40
C LYS B 223 20.89 -2.91 20.81
N ALA B 224 19.94 -3.77 20.46
CA ALA B 224 20.06 -5.21 20.72
C ALA B 224 21.26 -5.85 20.02
N ILE B 225 21.49 -5.45 18.77
CA ILE B 225 22.65 -5.90 17.99
C ILE B 225 24.00 -5.53 18.65
N GLU B 226 24.10 -4.29 19.12
CA GLU B 226 25.29 -3.81 19.82
C GLU B 226 25.50 -4.55 21.15
N ALA B 227 24.42 -4.89 21.87
CA ALA B 227 24.54 -5.72 23.08
C ALA B 227 25.13 -7.10 22.77
N ASN B 228 24.77 -7.66 21.61
CA ASN B 228 25.39 -8.87 21.07
C ASN B 228 25.42 -10.02 22.09
N LYS B 229 24.23 -10.45 22.51
CA LYS B 229 24.14 -11.50 23.52
C LYS B 229 23.67 -12.81 22.90
N ASN B 230 24.56 -13.79 22.87
CA ASN B 230 24.22 -15.11 22.35
C ASN B 230 23.04 -15.67 23.12
N GLY B 231 22.03 -16.15 22.41
CA GLY B 231 20.87 -16.78 23.06
C GLY B 231 19.86 -15.81 23.64
N ALA B 232 20.06 -14.52 23.39
CA ALA B 232 19.12 -13.50 23.85
C ALA B 232 17.81 -13.70 23.09
N ILE B 233 16.72 -13.52 23.82
CA ILE B 233 15.40 -13.46 23.20
C ILE B 233 14.89 -12.05 23.47
N TRP B 234 15.11 -11.16 22.51
CA TRP B 234 14.77 -9.75 22.69
C TRP B 234 13.32 -9.47 22.34
N LYS B 235 12.61 -8.79 23.25
CA LYS B 235 11.27 -8.28 22.98
C LYS B 235 11.32 -6.78 22.73
N LEU B 236 10.84 -6.36 21.55
CA LEU B 236 10.88 -4.97 21.13
C LEU B 236 9.45 -4.47 20.96
N ASP B 237 8.87 -4.05 22.08
CA ASP B 237 7.44 -3.82 22.17
C ASP B 237 7.18 -2.48 22.84
N LEU B 238 6.28 -1.70 22.24
CA LEU B 238 5.85 -0.39 22.75
C LEU B 238 7.03 0.56 22.98
N GLY B 239 8.01 0.48 22.09
CA GLY B 239 9.20 1.32 22.13
C GLY B 239 10.23 0.98 23.18
N THR B 240 10.11 -0.19 23.80
CA THR B 240 11.11 -0.65 24.76
C THR B 240 11.91 -1.85 24.22
N LEU B 241 13.05 -2.11 24.87
CA LEU B 241 13.90 -3.26 24.57
C LEU B 241 14.04 -4.07 25.84
N GLU B 242 13.77 -5.36 25.74
CA GLU B 242 13.65 -6.21 26.90
C GLU B 242 13.97 -7.66 26.56
N ALA B 243 14.82 -8.28 27.38
CA ALA B 243 15.15 -9.69 27.21
C ALA B 243 14.12 -10.50 28.00
N ILE B 244 13.61 -11.58 27.38
CA ILE B 244 12.69 -12.46 28.09
C ILE B 244 13.38 -13.77 28.49
N GLU B 245 12.88 -14.40 29.55
CA GLU B 245 13.42 -15.68 29.98
C GLU B 245 12.53 -16.83 29.49
N TRP B 246 13.12 -17.73 28.72
CA TRP B 246 12.41 -18.90 28.22
C TRP B 246 12.18 -19.92 29.34
N THR B 247 10.93 -20.34 29.50
CA THR B 247 10.54 -21.32 30.52
C THR B 247 11.09 -22.71 30.23
N LYS B 248 11.66 -23.35 31.24
CA LYS B 248 12.12 -24.74 31.14
C LYS B 248 10.98 -25.69 31.49
N HIS B 249 10.38 -26.28 30.47
CA HIS B 249 9.35 -27.29 30.66
C HIS B 249 9.93 -28.70 30.58
N TRP B 250 11.07 -28.83 29.90
CA TRP B 250 11.64 -30.14 29.60
C TRP B 250 13.13 -30.00 29.27
N ASP B 251 13.89 -31.09 29.41
CA ASP B 251 15.32 -31.10 29.17
C ASP B 251 15.79 -32.48 28.66
N SER B 252 16.55 -32.48 27.58
CA SER B 252 17.04 -33.70 26.93
C SER B 252 18.24 -34.31 27.65
N HIS B 253 18.86 -33.54 28.54
CA HIS B 253 20.05 -33.96 29.30
C HIS B 253 21.33 -34.03 28.45
N ILE B 254 21.26 -33.59 27.19
CA ILE B 254 22.41 -33.60 26.29
C ILE B 254 22.69 -32.20 25.70
N MET C 1 23.51 45.60 3.44
CA MET C 1 24.36 44.50 2.92
C MET C 1 24.56 44.61 1.40
N ASP C 2 25.79 44.36 0.95
CA ASP C 2 26.16 44.50 -0.47
C ASP C 2 26.22 43.13 -1.12
N LEU C 3 25.43 42.92 -2.17
CA LEU C 3 25.35 41.61 -2.84
C LEU C 3 26.53 41.29 -3.77
N THR C 4 27.31 42.32 -4.11
CA THR C 4 28.52 42.14 -4.94
C THR C 4 29.39 41.04 -4.36
N ASN C 5 29.77 40.09 -5.19
CA ASN C 5 30.66 38.99 -4.80
C ASN C 5 30.08 37.92 -3.88
N LYS C 6 28.78 37.97 -3.65
CA LYS C 6 28.12 36.98 -2.79
C LYS C 6 27.76 35.68 -3.52
N ASN C 7 27.64 34.62 -2.73
CA ASN C 7 27.18 33.31 -3.21
C ASN C 7 25.80 33.07 -2.61
N VAL C 8 24.83 32.81 -3.48
CA VAL C 8 23.44 32.72 -3.06
C VAL C 8 22.84 31.42 -3.59
N ILE C 9 22.16 30.70 -2.71
CA ILE C 9 21.36 29.54 -3.10
C ILE C 9 19.90 29.99 -3.00
N PHE C 10 19.13 29.74 -4.05
CA PHE C 10 17.73 30.12 -4.08
C PHE C 10 16.90 28.88 -4.39
N VAL C 11 16.23 28.36 -3.37
CA VAL C 11 15.31 27.22 -3.52
C VAL C 11 14.02 27.75 -4.14
N ALA C 12 13.62 27.17 -5.26
CA ALA C 12 12.38 27.53 -5.96
C ALA C 12 12.50 28.93 -6.58
N ALA C 13 13.60 29.14 -7.32
CA ALA C 13 13.91 30.42 -7.96
C ALA C 13 13.17 30.62 -9.28
N LEU C 14 12.54 29.57 -9.82
CA LEU C 14 11.97 29.66 -11.16
C LEU C 14 10.44 29.84 -11.21
N GLY C 15 9.79 29.89 -10.05
CA GLY C 15 8.33 30.18 -9.97
C GLY C 15 8.03 31.63 -10.33
N GLY C 16 6.77 32.06 -10.14
CA GLY C 16 6.36 33.42 -10.49
C GLY C 16 7.14 34.48 -9.73
N ILE C 17 7.07 34.43 -8.40
CA ILE C 17 7.80 35.38 -7.58
C ILE C 17 9.32 35.12 -7.68
N GLY C 18 9.69 33.84 -7.67
CA GLY C 18 11.10 33.45 -7.71
C GLY C 18 11.86 33.99 -8.91
N LEU C 19 11.31 33.80 -10.12
CA LEU C 19 11.98 34.25 -11.33
C LEU C 19 12.10 35.77 -11.42
N ASP C 20 11.01 36.50 -11.18
CA ASP C 20 11.12 37.96 -11.10
C ASP C 20 12.07 38.46 -9.99
N THR C 21 12.16 37.71 -8.90
CA THR C 21 13.13 38.02 -7.85
C THR C 21 14.53 37.72 -8.38
N SER C 22 14.69 36.56 -9.02
CA SER C 22 15.95 36.15 -9.61
C SER C 22 16.49 37.18 -10.61
N ARG C 23 15.60 37.70 -11.46
CA ARG C 23 15.94 38.75 -12.43
C ARG C 23 16.53 39.99 -11.76
N GLU C 24 16.00 40.34 -10.59
CA GLU C 24 16.46 41.52 -9.88
C GLU C 24 17.77 41.24 -9.16
N LEU C 25 17.89 40.04 -8.60
CA LEU C 25 19.08 39.64 -7.84
C LEU C 25 20.31 39.65 -8.72
N VAL C 26 20.18 39.15 -9.95
CA VAL C 26 21.33 39.05 -10.86
C VAL C 26 21.74 40.36 -11.53
N LYS C 27 20.95 41.42 -11.33
CA LYS C 27 21.38 42.78 -11.68
C LYS C 27 22.56 43.19 -10.80
N ARG C 28 22.61 42.66 -9.58
CA ARG C 28 23.75 42.88 -8.70
C ARG C 28 24.87 41.93 -9.12
N ASN C 29 26.11 42.28 -8.80
CA ASN C 29 27.25 41.48 -9.24
C ASN C 29 27.60 40.28 -8.33
N LEU C 30 26.64 39.39 -8.13
CA LEU C 30 26.89 38.14 -7.40
C LEU C 30 28.04 37.36 -8.02
N LYS C 31 28.78 36.63 -7.20
CA LYS C 31 29.78 35.72 -7.70
C LYS C 31 29.08 34.47 -8.25
N ASN C 32 28.32 33.78 -7.39
CA ASN C 32 27.59 32.59 -7.77
C ASN C 32 26.11 32.66 -7.36
N PHE C 33 25.25 32.23 -8.28
CA PHE C 33 23.82 32.16 -8.06
C PHE C 33 23.42 30.72 -8.34
N VAL C 34 23.04 30.01 -7.28
CA VAL C 34 22.70 28.61 -7.40
C VAL C 34 21.18 28.39 -7.27
N ILE C 35 20.57 27.92 -8.34
CA ILE C 35 19.13 27.68 -8.38
C ILE C 35 18.82 26.22 -8.06
N LEU C 36 17.96 26.02 -7.07
CA LEU C 36 17.43 24.69 -6.75
C LEU C 36 15.93 24.72 -6.98
N ASP C 37 15.46 23.97 -7.97
CA ASP C 37 14.01 23.85 -8.21
C ASP C 37 13.64 22.48 -8.75
N ARG C 38 12.34 22.17 -8.73
CA ARG C 38 11.82 20.85 -9.09
C ARG C 38 12.15 20.45 -10.51
N VAL C 39 12.06 21.42 -11.43
CA VAL C 39 12.21 21.14 -12.86
C VAL C 39 13.06 22.18 -13.57
N GLU C 40 13.88 21.70 -14.49
CA GLU C 40 14.73 22.48 -15.39
C GLU C 40 13.91 23.50 -16.21
N ASN C 41 14.45 24.70 -16.39
CA ASN C 41 13.92 25.66 -17.35
C ASN C 41 15.05 26.38 -18.07
N PRO C 42 15.53 25.79 -19.19
CA PRO C 42 16.64 26.30 -19.99
C PRO C 42 16.42 27.73 -20.50
N THR C 43 15.18 28.05 -20.86
CA THR C 43 14.84 29.39 -21.33
C THR C 43 15.02 30.44 -20.25
N ALA C 44 14.54 30.14 -19.05
CA ALA C 44 14.68 31.04 -17.90
C ALA C 44 16.16 31.16 -17.50
N LEU C 45 16.83 30.03 -17.51
CA LEU C 45 18.26 29.93 -17.21
C LEU C 45 19.13 30.75 -18.18
N ALA C 46 18.95 30.51 -19.49
CA ALA C 46 19.63 31.31 -20.50
C ALA C 46 19.32 32.79 -20.31
N GLU C 47 18.06 33.13 -20.03
CA GLU C 47 17.68 34.53 -19.80
C GLU C 47 18.45 35.16 -18.63
N LEU C 48 18.47 34.48 -17.48
CA LEU C 48 19.13 35.03 -16.28
C LEU C 48 20.62 35.25 -16.52
N LYS C 49 21.26 34.29 -17.18
CA LYS C 49 22.69 34.41 -17.51
C LYS C 49 22.98 35.65 -18.36
N ALA C 50 22.06 35.96 -19.26
CA ALA C 50 22.16 37.09 -20.18
C ALA C 50 22.08 38.44 -19.50
N ILE C 51 21.32 38.52 -18.39
CA ILE C 51 21.18 39.78 -17.64
C ILE C 51 22.53 40.27 -17.10
N ASN C 52 23.43 39.32 -16.78
CA ASN C 52 24.71 39.66 -16.17
C ASN C 52 25.77 38.56 -16.26
N PRO C 53 26.64 38.64 -17.29
CA PRO C 53 27.79 37.77 -17.52
C PRO C 53 28.80 37.72 -16.36
N LYS C 54 28.77 38.70 -15.46
CA LYS C 54 29.65 38.69 -14.31
C LYS C 54 29.26 37.60 -13.28
N VAL C 55 28.00 37.16 -13.34
CA VAL C 55 27.48 36.14 -12.41
C VAL C 55 27.58 34.71 -12.97
N ASN C 56 28.11 33.79 -12.14
CA ASN C 56 28.09 32.37 -12.45
C ASN C 56 26.79 31.71 -11.96
N ILE C 57 25.94 31.31 -12.90
CA ILE C 57 24.63 30.72 -12.59
C ILE C 57 24.61 29.21 -12.84
N THR C 58 24.21 28.45 -11.82
CA THR C 58 24.09 26.99 -11.91
C THR C 58 22.70 26.51 -11.46
N PHE C 59 22.31 25.35 -11.97
CA PHE C 59 21.02 24.75 -11.64
C PHE C 59 21.21 23.35 -11.06
N HIS C 60 20.40 23.01 -10.06
CA HIS C 60 20.29 21.64 -9.59
C HIS C 60 18.82 21.27 -9.45
N THR C 61 18.50 20.05 -9.87
CA THR C 61 17.17 19.51 -9.61
C THR C 61 17.01 19.29 -8.09
N TYR C 62 15.91 19.80 -7.53
CA TYR C 62 15.69 19.72 -6.09
C TYR C 62 14.19 19.78 -5.72
N ASP C 63 13.80 18.90 -4.80
CA ASP C 63 12.47 18.90 -4.21
C ASP C 63 12.60 18.94 -2.70
N VAL C 64 11.97 19.89 -2.04
CA VAL C 64 12.10 20.02 -0.57
C VAL C 64 11.56 18.83 0.25
N THR C 65 10.77 17.96 -0.38
CA THR C 65 10.16 16.84 0.36
C THR C 65 11.10 15.66 0.58
N VAL C 66 12.34 15.75 0.12
CA VAL C 66 13.30 14.66 0.40
C VAL C 66 13.75 14.68 1.87
N PRO C 67 14.28 13.54 2.38
CA PRO C 67 14.75 13.53 3.77
C PRO C 67 15.97 14.43 3.93
N VAL C 68 16.20 14.91 5.15
CA VAL C 68 17.29 15.84 5.45
C VAL C 68 18.63 15.37 4.86
N ALA C 69 18.88 14.06 4.91
CA ALA C 69 20.16 13.51 4.45
C ALA C 69 20.40 13.75 2.96
N GLU C 70 19.33 13.71 2.18
CA GLU C 70 19.47 13.92 0.74
C GLU C 70 19.66 15.41 0.41
N SER C 71 19.03 16.28 1.21
CA SER C 71 19.28 17.73 1.11
C SER C 71 20.74 18.05 1.52
N LYS C 72 21.20 17.47 2.61
CA LYS C 72 22.62 17.55 3.01
C LYS C 72 23.60 17.09 1.91
N LYS C 73 23.27 16.00 1.21
CA LYS C 73 24.13 15.48 0.14
C LYS C 73 24.30 16.46 -1.02
N LEU C 74 23.20 17.08 -1.44
CA LEU C 74 23.26 18.10 -2.49
C LEU C 74 23.97 19.37 -2.00
N LEU C 75 23.67 19.82 -0.79
CA LEU C 75 24.31 21.03 -0.26
C LEU C 75 25.83 20.86 -0.09
N LYS C 76 26.27 19.65 0.30
CA LYS C 76 27.71 19.32 0.39
C LYS C 76 28.39 19.44 -0.96
N LYS C 77 27.73 18.95 -2.02
CA LYS C 77 28.19 19.13 -3.40
C LYS C 77 28.38 20.63 -3.79
N ILE C 78 27.41 21.47 -3.44
CA ILE C 78 27.50 22.93 -3.66
C ILE C 78 28.59 23.60 -2.79
N PHE C 79 28.62 23.28 -1.50
CA PHE C 79 29.62 23.84 -0.58
C PHE C 79 31.04 23.39 -0.98
N ASP C 80 31.16 22.16 -1.48
CA ASP C 80 32.45 21.65 -1.96
C ASP C 80 32.93 22.40 -3.20
N GLN C 81 31.99 22.78 -4.06
CA GLN C 81 32.26 23.63 -5.23
C GLN C 81 32.65 25.03 -4.78
N LEU C 82 31.74 25.71 -4.08
CA LEU C 82 31.82 27.15 -3.84
C LEU C 82 32.63 27.55 -2.63
N LYS C 83 32.83 26.60 -1.72
CA LYS C 83 33.51 26.82 -0.44
C LYS C 83 32.68 27.63 0.54
N THR C 84 32.07 28.71 0.09
CA THR C 84 31.29 29.58 0.94
C THR C 84 29.90 29.77 0.34
N VAL C 85 28.88 29.82 1.21
CA VAL C 85 27.56 30.29 0.79
C VAL C 85 27.17 31.41 1.73
N ASP C 86 26.72 32.53 1.17
CA ASP C 86 26.41 33.70 1.99
C ASP C 86 24.93 33.74 2.39
N ILE C 87 24.06 33.40 1.45
CA ILE C 87 22.61 33.51 1.68
C ILE C 87 21.89 32.30 1.13
N LEU C 88 20.91 31.81 1.88
CA LEU C 88 19.96 30.81 1.40
C LEU C 88 18.59 31.48 1.36
N ILE C 89 17.96 31.46 0.18
CA ILE C 89 16.57 31.88 0.02
C ILE C 89 15.70 30.62 -0.17
N ASN C 90 14.71 30.46 0.71
CA ASN C 90 13.78 29.32 0.67
C ASN C 90 12.41 29.80 0.18
N GLY C 91 12.07 29.49 -1.07
CA GLY C 91 10.82 29.99 -1.64
C GLY C 91 9.78 28.96 -2.05
N ALA C 92 9.94 27.73 -1.58
CA ALA C 92 9.09 26.62 -2.01
C ALA C 92 7.71 26.76 -1.41
N GLY C 93 6.68 26.43 -2.16
CA GLY C 93 5.33 26.56 -1.65
C GLY C 93 4.31 26.04 -2.63
N ILE C 94 3.25 25.44 -2.10
CA ILE C 94 2.09 25.11 -2.94
C ILE C 94 0.82 25.66 -2.29
N LEU C 95 -0.22 25.85 -3.09
CA LEU C 95 -1.51 26.31 -2.57
C LEU C 95 -2.59 25.41 -3.16
N ASP C 96 -3.13 24.54 -2.30
CA ASP C 96 -4.09 23.49 -2.66
C ASP C 96 -4.58 22.80 -1.40
N ASP C 97 -5.68 23.31 -0.84
CA ASP C 97 -6.22 22.75 0.39
C ASP C 97 -7.01 21.47 0.18
N HIS C 98 -6.98 20.91 -1.04
CA HIS C 98 -7.32 19.51 -1.24
C HIS C 98 -6.14 18.58 -0.90
N GLN C 99 -4.94 19.15 -0.79
CA GLN C 99 -3.75 18.37 -0.44
C GLN C 99 -3.24 18.77 0.94
N ILE C 100 -3.84 18.23 1.99
CA ILE C 100 -3.50 18.63 3.36
C ILE C 100 -2.05 18.22 3.69
N GLU C 101 -1.75 16.93 3.60
CA GLU C 101 -0.42 16.43 3.96
C GLU C 101 0.70 17.08 3.16
N ARG C 102 0.54 17.16 1.84
CA ARG C 102 1.58 17.68 0.95
C ARG C 102 1.80 19.19 1.15
N THR C 103 0.71 19.94 1.37
CA THR C 103 0.79 21.37 1.69
C THR C 103 1.68 21.58 2.93
N ILE C 104 1.40 20.81 3.98
CA ILE C 104 2.16 20.87 5.23
C ILE C 104 3.61 20.39 5.00
N ALA C 105 3.77 19.34 4.19
CA ALA C 105 5.07 18.76 3.86
C ALA C 105 5.97 19.72 3.09
N ILE C 106 5.40 20.43 2.12
CA ILE C 106 6.17 21.38 1.30
C ILE C 106 6.39 22.71 2.01
N ASN C 107 5.30 23.32 2.49
CA ASN C 107 5.33 24.67 3.03
C ASN C 107 5.95 24.82 4.41
N PHE C 108 5.84 23.79 5.24
CA PHE C 108 6.31 23.88 6.63
C PHE C 108 7.47 22.90 6.89
N THR C 109 7.20 21.60 6.82
CA THR C 109 8.23 20.57 7.12
C THR C 109 9.47 20.72 6.25
N GLY C 110 9.25 20.95 4.94
CA GLY C 110 10.32 21.11 3.95
C GLY C 110 11.19 22.31 4.26
N LEU C 111 10.59 23.38 4.75
CA LEU C 111 11.35 24.58 5.11
C LEU C 111 12.22 24.33 6.34
N VAL C 112 11.63 23.70 7.37
CA VAL C 112 12.39 23.26 8.55
C VAL C 112 13.56 22.33 8.15
N ASN C 113 13.30 21.39 7.24
CA ASN C 113 14.30 20.42 6.81
C ASN C 113 15.50 20.96 6.00
N VAL C 114 15.25 21.87 5.06
CA VAL C 114 16.37 22.53 4.36
C VAL C 114 17.15 23.37 5.35
N THR C 115 16.45 24.11 6.21
CA THR C 115 17.13 24.91 7.24
C THR C 115 18.07 24.02 8.10
N THR C 116 17.56 22.89 8.56
CA THR C 116 18.36 21.90 9.28
C THR C 116 19.58 21.46 8.49
N ALA C 117 19.38 21.10 7.22
CA ALA C 117 20.47 20.63 6.36
C ALA C 117 21.58 21.66 6.18
N ILE C 118 21.22 22.92 5.91
CA ILE C 118 22.27 23.94 5.72
C ILE C 118 23.01 24.28 7.02
N LEU C 119 22.32 24.13 8.15
CA LEU C 119 22.95 24.32 9.44
C LEU C 119 24.11 23.36 9.72
N ASP C 120 24.17 22.23 9.03
CA ASP C 120 25.34 21.35 9.13
C ASP C 120 26.63 22.04 8.66
N PHE C 121 26.47 22.97 7.72
CA PHE C 121 27.59 23.70 7.13
C PHE C 121 27.79 25.06 7.75
N TRP C 122 26.73 25.60 8.36
CA TRP C 122 26.79 26.96 8.85
C TRP C 122 26.85 27.10 10.37
N ASP C 123 26.25 26.15 11.10
CA ASP C 123 26.13 26.23 12.55
C ASP C 123 27.52 26.49 13.14
N LYS C 124 27.66 27.60 13.86
CA LYS C 124 28.95 27.98 14.44
C LYS C 124 29.44 26.96 15.47
N ARG C 125 28.51 26.19 16.05
CA ARG C 125 28.85 25.15 17.02
C ARG C 125 29.49 23.91 16.37
N LYS C 126 29.29 23.74 15.07
CA LYS C 126 29.82 22.60 14.33
C LYS C 126 31.02 23.01 13.47
N GLY C 127 31.54 24.21 13.71
CA GLY C 127 32.71 24.71 13.01
C GLY C 127 32.41 25.57 11.80
N GLY C 128 31.14 25.91 11.61
CA GLY C 128 30.70 26.72 10.47
C GLY C 128 30.81 28.20 10.72
N PRO C 129 30.76 29.01 9.64
CA PRO C 129 30.86 30.48 9.65
C PRO C 129 29.56 31.26 9.88
N GLY C 130 28.45 30.57 10.12
CA GLY C 130 27.16 31.22 10.12
C GLY C 130 26.68 31.52 8.70
N GLY C 131 25.52 32.16 8.62
CA GLY C 131 24.90 32.46 7.36
C GLY C 131 23.64 33.28 7.57
N ILE C 132 22.89 33.45 6.48
CA ILE C 132 21.67 34.26 6.44
C ILE C 132 20.59 33.43 5.76
N ILE C 133 19.38 33.39 6.33
CA ILE C 133 18.26 32.68 5.70
C ILE C 133 17.09 33.64 5.43
N ALA C 134 16.69 33.75 4.16
CA ALA C 134 15.49 34.49 3.80
C ALA C 134 14.38 33.48 3.44
N ASN C 135 13.32 33.44 4.23
CA ASN C 135 12.24 32.49 3.97
C ASN C 135 11.02 33.18 3.40
N ILE C 136 10.55 32.73 2.23
CA ILE C 136 9.28 33.24 1.70
C ILE C 136 8.15 32.59 2.48
N CYS C 137 7.49 33.40 3.32
CA CYS C 137 6.30 32.93 4.02
C CYS C 137 5.05 33.51 3.32
N SER C 138 4.32 34.40 3.97
CA SER C 138 3.06 34.95 3.39
C SER C 138 2.33 35.85 4.38
N VAL C 139 1.61 36.83 3.88
CA VAL C 139 0.70 37.62 4.74
C VAL C 139 -0.33 36.71 5.42
N THR C 140 -0.65 35.57 4.79
CA THR C 140 -1.65 34.65 5.35
C THR C 140 -1.16 34.03 6.66
N GLY C 141 0.15 34.12 6.90
CA GLY C 141 0.69 33.79 8.20
C GLY C 141 0.44 34.79 9.32
N PHE C 142 0.04 36.00 8.95
CA PHE C 142 -0.39 37.02 9.94
C PHE C 142 -1.89 36.86 10.20
N ASN C 143 -2.66 36.90 9.12
CA ASN C 143 -4.10 36.71 9.14
C ASN C 143 -4.46 35.89 7.93
N ALA C 144 -5.11 34.77 8.18
CA ALA C 144 -5.43 33.80 7.13
C ALA C 144 -6.33 34.31 6.01
N ILE C 145 -6.17 33.73 4.81
CA ILE C 145 -7.30 33.53 3.91
C ILE C 145 -8.02 32.31 4.47
N HIS C 146 -9.09 32.54 5.23
CA HIS C 146 -9.76 31.44 5.95
C HIS C 146 -10.38 30.36 5.04
N GLN C 147 -10.51 30.69 3.76
CA GLN C 147 -11.03 29.72 2.76
C GLN C 147 -9.99 28.70 2.36
N VAL C 148 -8.73 29.05 2.55
CA VAL C 148 -7.64 28.07 2.46
C VAL C 148 -6.92 27.97 3.84
N PRO C 149 -7.61 27.41 4.86
CA PRO C 149 -7.12 27.43 6.24
C PRO C 149 -5.85 26.61 6.44
N VAL C 150 -5.62 25.62 5.57
CA VAL C 150 -4.47 24.74 5.77
C VAL C 150 -3.22 25.46 5.24
N TYR C 151 -3.29 25.97 4.01
CA TYR C 151 -2.25 26.85 3.46
C TYR C 151 -1.88 27.93 4.47
N SER C 152 -2.90 28.63 4.97
CA SER C 152 -2.64 29.81 5.80
C SER C 152 -1.94 29.39 7.10
N ALA C 153 -2.39 28.27 7.69
CA ALA C 153 -1.81 27.73 8.91
C ALA C 153 -0.37 27.31 8.69
N SER C 154 -0.08 26.68 7.56
CA SER C 154 1.27 26.31 7.24
C SER C 154 2.16 27.56 7.11
N LYS C 155 1.59 28.66 6.62
CA LYS C 155 2.32 29.90 6.51
C LYS C 155 2.51 30.55 7.89
N ALA C 156 1.50 30.47 8.75
CA ALA C 156 1.69 30.95 10.15
C ALA C 156 2.80 30.19 10.86
N ALA C 157 2.92 28.89 10.59
CA ALA C 157 4.01 28.07 11.15
C ALA C 157 5.38 28.59 10.73
N VAL C 158 5.54 28.89 9.44
CA VAL C 158 6.87 29.31 8.96
C VAL C 158 7.22 30.76 9.29
N VAL C 159 6.22 31.63 9.46
CA VAL C 159 6.44 32.97 10.07
C VAL C 159 7.00 32.81 11.50
N SER C 160 6.36 31.96 12.30
CA SER C 160 6.82 31.67 13.65
C SER C 160 8.24 31.10 13.66
N PHE C 161 8.45 30.07 12.86
CA PHE C 161 9.72 29.34 12.83
C PHE C 161 10.85 30.29 12.46
N THR C 162 10.60 31.11 11.44
CA THR C 162 11.59 32.07 10.96
C THR C 162 11.98 33.09 12.04
N ASN C 163 10.99 33.62 12.75
CA ASN C 163 11.26 34.50 13.89
C ASN C 163 12.04 33.85 15.01
N SER C 164 11.76 32.58 15.29
CA SER C 164 12.57 31.79 16.23
C SER C 164 14.02 31.57 15.81
N LEU C 165 14.22 31.25 14.53
CA LEU C 165 15.54 31.09 13.92
C LEU C 165 16.39 32.33 14.18
N ALA C 166 15.79 33.51 13.96
CA ALA C 166 16.43 34.81 14.25
C ALA C 166 16.80 35.03 15.72
N LYS C 167 15.94 34.57 16.62
CA LYS C 167 16.29 34.60 18.04
C LYS C 167 17.40 33.63 18.38
N LEU C 168 17.60 32.61 17.54
CA LEU C 168 18.64 31.61 17.77
C LEU C 168 20.00 32.02 17.20
N ALA C 169 20.04 33.10 16.43
CA ALA C 169 21.28 33.61 15.80
C ALA C 169 22.53 33.68 16.73
N PRO C 170 22.37 34.21 17.97
CA PRO C 170 23.50 34.17 18.94
C PRO C 170 24.11 32.79 19.19
N ILE C 171 23.34 31.72 18.94
CA ILE C 171 23.77 30.36 19.22
C ILE C 171 24.28 29.66 17.96
N THR C 172 23.55 29.80 16.86
CA THR C 172 23.90 29.15 15.61
C THR C 172 24.76 30.05 14.72
N GLY C 173 24.72 31.36 14.94
CA GLY C 173 25.38 32.29 13.98
C GLY C 173 24.65 32.41 12.66
N VAL C 174 23.42 31.91 12.60
CA VAL C 174 22.59 32.06 11.39
C VAL C 174 21.45 33.02 11.64
N THR C 175 21.47 34.13 10.92
CA THR C 175 20.43 35.13 11.01
C THR C 175 19.31 34.75 10.03
N ALA C 176 18.13 35.31 10.26
CA ALA C 176 16.96 34.96 9.44
C ALA C 176 15.94 36.06 9.48
N TYR C 177 15.14 36.12 8.42
CA TYR C 177 13.98 37.00 8.35
C TYR C 177 12.98 36.43 7.36
N SER C 178 11.74 36.87 7.48
CA SER C 178 10.70 36.40 6.56
C SER C 178 10.35 37.46 5.54
N ILE C 179 10.06 36.99 4.34
CA ILE C 179 9.56 37.79 3.21
C ILE C 179 8.10 37.36 3.05
N ASN C 180 7.17 38.27 3.33
CA ASN C 180 5.73 37.96 3.34
C ASN C 180 4.94 38.74 2.28
N PRO C 181 4.87 38.21 1.05
CA PRO C 181 4.12 38.89 -0.01
C PRO C 181 2.62 38.89 0.27
N GLY C 182 1.94 39.98 -0.11
CA GLY C 182 0.48 39.98 -0.26
C GLY C 182 0.15 39.25 -1.56
N ILE C 183 -1.08 39.39 -2.03
CA ILE C 183 -1.51 38.70 -3.23
C ILE C 183 -0.76 39.25 -4.44
N THR C 184 -0.15 38.33 -5.17
CA THR C 184 0.79 38.62 -6.23
C THR C 184 0.35 37.72 -7.37
N ARG C 185 0.18 38.30 -8.56
CA ARG C 185 -0.39 37.57 -9.68
C ARG C 185 0.61 36.60 -10.31
N THR C 186 0.47 35.32 -9.96
CA THR C 186 1.35 34.23 -10.41
C THR C 186 0.46 33.01 -10.63
N PRO C 187 1.00 31.92 -11.23
CA PRO C 187 0.26 30.65 -11.34
C PRO C 187 -0.29 30.08 -10.03
N LEU C 188 0.36 30.35 -8.89
CA LEU C 188 -0.14 29.89 -7.58
C LEU C 188 -1.59 30.30 -7.30
N VAL C 189 -1.96 31.51 -7.68
CA VAL C 189 -3.28 32.06 -7.32
C VAL C 189 -4.27 32.12 -8.46
N HIS C 190 -3.84 31.73 -9.67
CA HIS C 190 -4.69 31.81 -10.85
C HIS C 190 -5.89 30.86 -10.74
N THR C 191 -5.63 29.61 -10.36
CA THR C 191 -6.71 28.65 -10.06
C THR C 191 -6.29 27.83 -8.85
N PHE C 192 -7.18 27.64 -7.88
CA PHE C 192 -6.87 26.84 -6.68
C PHE C 192 -8.07 26.37 -5.83
N ASN C 193 -7.80 25.34 -5.02
CA ASN C 193 -8.82 24.62 -4.28
C ASN C 193 -8.92 25.07 -2.83
N SER C 194 -10.15 25.35 -2.41
CA SER C 194 -10.44 25.70 -1.03
C SER C 194 -10.63 24.42 -0.21
N TRP C 195 -10.46 24.54 1.10
CA TRP C 195 -10.60 23.39 2.00
C TRP C 195 -12.05 22.91 2.01
N LEU C 196 -12.27 21.62 1.75
CA LEU C 196 -13.63 21.05 1.71
C LEU C 196 -14.55 21.90 0.82
N ASP C 197 -13.94 22.52 -0.20
CA ASP C 197 -14.62 23.42 -1.13
C ASP C 197 -15.53 24.46 -0.48
N VAL C 198 -15.08 25.07 0.61
CA VAL C 198 -15.88 26.06 1.31
C VAL C 198 -16.20 27.26 0.40
N GLU C 199 -15.33 27.49 -0.59
CA GLU C 199 -15.48 28.58 -1.55
C GLU C 199 -14.87 28.21 -2.89
N PRO C 200 -15.67 27.60 -3.78
CA PRO C 200 -15.18 27.23 -5.11
C PRO C 200 -14.76 28.40 -6.01
N ARG C 201 -15.15 29.63 -5.68
CA ARG C 201 -14.74 30.80 -6.48
C ARG C 201 -13.61 31.58 -5.80
N VAL C 202 -12.85 30.90 -4.94
CA VAL C 202 -11.87 31.59 -4.12
C VAL C 202 -10.81 32.37 -4.93
N ALA C 203 -10.32 31.80 -6.03
CA ALA C 203 -9.28 32.49 -6.85
C ALA C 203 -9.83 33.75 -7.52
N GLU C 204 -11.00 33.63 -8.16
CA GLU C 204 -11.68 34.74 -8.82
C GLU C 204 -11.96 35.88 -7.84
N LEU C 205 -12.52 35.55 -6.69
CA LEU C 205 -12.79 36.54 -5.64
C LEU C 205 -11.52 37.26 -5.17
N LEU C 206 -10.50 36.48 -4.83
CA LEU C 206 -9.24 37.01 -4.33
C LEU C 206 -8.62 38.00 -5.33
N LEU C 207 -8.50 37.57 -6.60
CA LEU C 207 -7.88 38.35 -7.64
C LEU C 207 -8.70 39.55 -8.11
N SER C 208 -9.93 39.69 -7.61
CA SER C 208 -10.78 40.82 -8.02
C SER C 208 -10.53 42.02 -7.11
N HIS C 209 -9.82 41.76 -6.03
CA HIS C 209 -9.36 42.82 -5.16
C HIS C 209 -7.93 43.25 -5.57
N PRO C 210 -7.46 44.41 -5.07
CA PRO C 210 -6.11 44.89 -5.43
C PRO C 210 -5.00 43.88 -5.16
N THR C 211 -4.07 43.77 -6.11
CA THR C 211 -2.93 42.86 -6.02
C THR C 211 -1.66 43.59 -6.48
N GLN C 212 -0.54 42.86 -6.54
CA GLN C 212 0.68 43.40 -7.12
C GLN C 212 1.20 42.42 -8.17
N THR C 213 2.10 42.88 -9.02
CA THR C 213 2.76 42.00 -9.99
C THR C 213 3.96 41.34 -9.32
N SER C 214 4.44 40.24 -9.90
CA SER C 214 5.62 39.56 -9.40
C SER C 214 6.87 40.43 -9.56
N GLU C 215 6.85 41.33 -10.56
CA GLU C 215 7.90 42.32 -10.79
C GLU C 215 8.03 43.27 -9.61
N GLN C 216 6.90 43.80 -9.14
CA GLN C 216 6.88 44.69 -7.96
C GLN C 216 7.40 43.93 -6.72
N CYS C 217 6.93 42.70 -6.57
CA CYS C 217 7.32 41.88 -5.43
C CYS C 217 8.83 41.60 -5.47
N GLY C 218 9.33 41.18 -6.63
CA GLY C 218 10.75 40.92 -6.86
C GLY C 218 11.69 42.06 -6.53
N GLN C 219 11.28 43.29 -6.82
CA GLN C 219 12.10 44.47 -6.52
C GLN C 219 12.22 44.71 -5.03
N ASN C 220 11.11 44.57 -4.32
CA ASN C 220 11.07 44.83 -2.88
C ASN C 220 11.71 43.72 -2.07
N PHE C 221 11.70 42.54 -2.66
CA PHE C 221 12.32 41.34 -2.09
C PHE C 221 13.84 41.56 -2.06
N VAL C 222 14.44 41.92 -3.18
CA VAL C 222 15.90 42.19 -3.18
C VAL C 222 16.26 43.38 -2.28
N LYS C 223 15.41 44.39 -2.25
CA LYS C 223 15.57 45.50 -1.31
C LYS C 223 15.61 45.01 0.16
N ALA C 224 14.69 44.12 0.53
CA ALA C 224 14.68 43.51 1.87
C ALA C 224 15.95 42.71 2.16
N ILE C 225 16.43 41.99 1.16
CA ILE C 225 17.68 41.23 1.28
C ILE C 225 18.86 42.18 1.54
N GLU C 226 18.89 43.31 0.83
CA GLU C 226 19.98 44.26 1.01
C GLU C 226 19.89 44.94 2.38
N ALA C 227 18.66 45.15 2.87
CA ALA C 227 18.45 45.63 4.23
C ALA C 227 19.10 44.70 5.25
N ASN C 228 18.99 43.40 5.03
CA ASN C 228 19.67 42.39 5.87
C ASN C 228 19.42 42.57 7.37
N LYS C 229 18.15 42.60 7.77
CA LYS C 229 17.79 42.79 9.18
C LYS C 229 17.36 41.47 9.83
N ASN C 230 18.16 40.98 10.78
CA ASN C 230 17.82 39.78 11.54
C ASN C 230 16.52 39.93 12.29
N GLY C 231 15.61 38.97 12.12
CA GLY C 231 14.34 38.98 12.82
C GLY C 231 13.27 39.84 12.19
N ALA C 232 13.60 40.48 11.06
CA ALA C 232 12.63 41.29 10.33
C ALA C 232 11.44 40.43 9.85
N ILE C 233 10.25 41.01 9.87
CA ILE C 233 9.07 40.37 9.29
C ILE C 233 8.61 41.33 8.22
N TRP C 234 9.01 41.07 6.97
CA TRP C 234 8.77 42.01 5.87
C TRP C 234 7.42 41.71 5.24
N LYS C 235 6.57 42.73 5.13
CA LYS C 235 5.34 42.64 4.35
C LYS C 235 5.56 43.27 2.96
N LEU C 236 5.33 42.48 1.91
CA LEU C 236 5.50 42.93 0.52
C LEU C 236 4.14 42.94 -0.16
N ASP C 237 3.38 44.00 0.12
CA ASP C 237 1.98 44.08 -0.28
C ASP C 237 1.73 45.35 -1.09
N LEU C 238 1.02 45.19 -2.20
CA LEU C 238 0.54 46.32 -2.99
C LEU C 238 1.70 47.21 -3.46
N GLY C 239 2.79 46.57 -3.86
CA GLY C 239 3.96 47.23 -4.39
C GLY C 239 4.92 47.89 -3.41
N THR C 240 4.65 47.75 -2.10
CA THR C 240 5.46 48.41 -1.06
C THR C 240 6.27 47.41 -0.22
N LEU C 241 7.24 47.93 0.54
CA LEU C 241 7.98 47.14 1.54
C LEU C 241 7.78 47.77 2.90
N GLU C 242 7.40 46.95 3.87
CA GLU C 242 7.06 47.45 5.20
C GLU C 242 7.32 46.35 6.21
N ALA C 243 8.08 46.67 7.25
CA ALA C 243 8.35 45.71 8.32
C ALA C 243 7.22 45.79 9.34
N ILE C 244 6.68 44.65 9.73
CA ILE C 244 5.63 44.66 10.75
C ILE C 244 6.21 44.37 12.11
N GLU C 245 5.55 44.87 13.14
CA GLU C 245 5.91 44.52 14.49
C GLU C 245 4.95 43.45 14.99
N TRP C 246 5.50 42.33 15.42
CA TRP C 246 4.69 41.23 15.91
C TRP C 246 4.22 41.53 17.32
N THR C 247 2.93 41.28 17.57
CA THR C 247 2.36 41.60 18.88
C THR C 247 2.90 40.67 19.94
N LYS C 248 3.29 41.24 21.08
CA LYS C 248 3.71 40.42 22.20
C LYS C 248 2.48 40.09 23.04
N HIS C 249 1.94 38.90 22.82
CA HIS C 249 0.81 38.42 23.59
C HIS C 249 1.29 37.70 24.84
N TRP C 250 2.45 37.07 24.75
CA TRP C 250 2.98 36.21 25.82
C TRP C 250 4.50 36.23 25.76
N ASP C 251 5.13 35.98 26.90
CA ASP C 251 6.58 35.97 26.98
C ASP C 251 7.02 34.81 27.86
N SER C 252 7.89 33.95 27.32
CA SER C 252 8.41 32.79 28.06
C SER C 252 9.43 33.15 29.16
N HIS C 253 10.01 34.35 29.06
CA HIS C 253 11.07 34.85 29.94
C HIS C 253 12.42 34.13 29.75
N ILE C 254 12.46 33.17 28.83
CA ILE C 254 13.71 32.47 28.51
C ILE C 254 14.18 32.75 27.07
N MET D 1 -23.43 28.11 26.93
CA MET D 1 -23.51 26.63 26.85
C MET D 1 -23.66 26.00 28.26
N ASP D 2 -24.78 25.29 28.46
CA ASP D 2 -25.02 24.49 29.66
C ASP D 2 -24.64 23.06 29.28
N LEU D 3 -23.63 22.53 29.95
CA LEU D 3 -23.08 21.21 29.63
C LEU D 3 -23.99 20.05 30.04
N THR D 4 -25.00 20.35 30.86
CA THR D 4 -25.96 19.33 31.30
C THR D 4 -26.60 18.62 30.12
N ASN D 5 -26.53 17.29 30.13
CA ASN D 5 -27.11 16.42 29.09
C ASN D 5 -26.49 16.51 27.69
N LYS D 6 -25.28 17.08 27.61
CA LYS D 6 -24.55 17.18 26.34
C LYS D 6 -23.64 15.97 26.07
N ASN D 7 -23.35 15.72 24.79
CA ASN D 7 -22.47 14.65 24.35
C ASN D 7 -21.14 15.25 23.88
N VAL D 8 -20.03 14.82 24.52
CA VAL D 8 -18.68 15.38 24.30
C VAL D 8 -17.67 14.29 23.90
N ILE D 9 -16.94 14.56 22.82
CA ILE D 9 -15.77 13.77 22.42
C ILE D 9 -14.53 14.55 22.85
N PHE D 10 -13.63 13.87 23.56
CA PHE D 10 -12.39 14.51 23.99
C PHE D 10 -11.19 13.65 23.55
N VAL D 11 -10.53 14.12 22.49
CA VAL D 11 -9.29 13.51 22.02
C VAL D 11 -8.14 13.95 22.94
N ALA D 12 -7.46 12.96 23.52
CA ALA D 12 -6.32 13.11 24.47
C ALA D 12 -6.80 13.59 25.83
N ALA D 13 -7.88 12.98 26.30
CA ALA D 13 -8.56 13.35 27.52
C ALA D 13 -7.79 12.92 28.77
N LEU D 14 -6.79 12.06 28.64
CA LEU D 14 -6.19 11.45 29.82
C LEU D 14 -4.74 11.86 30.16
N GLY D 15 -4.22 12.87 29.47
CA GLY D 15 -2.91 13.46 29.79
C GLY D 15 -2.96 14.42 30.97
N GLY D 16 -1.92 15.24 31.13
CA GLY D 16 -1.82 16.15 32.28
C GLY D 16 -2.97 17.14 32.39
N ILE D 17 -3.10 17.98 31.36
CA ILE D 17 -4.21 18.93 31.29
C ILE D 17 -5.53 18.17 31.07
N GLY D 18 -5.46 17.13 30.25
CA GLY D 18 -6.61 16.31 29.90
C GLY D 18 -7.34 15.75 31.10
N LEU D 19 -6.63 15.06 32.00
CA LEU D 19 -7.29 14.41 33.13
C LEU D 19 -7.98 15.41 34.06
N ASP D 20 -7.32 16.54 34.34
CA ASP D 20 -7.94 17.52 35.24
C ASP D 20 -9.09 18.29 34.58
N THR D 21 -9.03 18.47 33.26
CA THR D 21 -10.17 19.00 32.53
C THR D 21 -11.33 18.00 32.54
N SER D 22 -11.03 16.73 32.27
CA SER D 22 -12.04 15.65 32.33
C SER D 22 -12.74 15.56 33.68
N ARG D 23 -11.97 15.58 34.78
CA ARG D 23 -12.51 15.58 36.15
C ARG D 23 -13.51 16.70 36.38
N GLU D 24 -13.21 17.89 35.84
CA GLU D 24 -14.10 19.06 35.93
C GLU D 24 -15.32 18.93 35.02
N LEU D 25 -15.10 18.39 33.82
CA LEU D 25 -16.18 18.15 32.85
C LEU D 25 -17.28 17.22 33.39
N VAL D 26 -16.88 16.06 33.89
CA VAL D 26 -17.84 15.06 34.38
C VAL D 26 -18.63 15.54 35.61
N LYS D 27 -18.10 16.53 36.31
CA LYS D 27 -18.83 17.15 37.40
C LYS D 27 -20.07 17.91 36.92
N ARG D 28 -20.07 18.28 35.64
CA ARG D 28 -21.29 18.71 34.98
C ARG D 28 -22.03 17.47 34.54
N ASN D 29 -23.36 17.51 34.52
CA ASN D 29 -24.11 16.30 34.22
C ASN D 29 -24.17 16.00 32.73
N LEU D 30 -22.99 15.79 32.11
CA LEU D 30 -22.91 15.34 30.72
C LEU D 30 -23.74 14.07 30.53
N LYS D 31 -24.33 13.91 29.36
CA LYS D 31 -25.01 12.66 29.03
C LYS D 31 -24.00 11.57 28.66
N ASN D 32 -23.12 11.90 27.71
CA ASN D 32 -22.09 10.98 27.23
C ASN D 32 -20.76 11.71 27.12
N PHE D 33 -19.72 11.08 27.66
CA PHE D 33 -18.36 11.60 27.56
C PHE D 33 -17.52 10.49 26.90
N VAL D 34 -17.07 10.77 25.68
CA VAL D 34 -16.29 9.82 24.90
C VAL D 34 -14.81 10.25 24.89
N ILE D 35 -13.95 9.38 25.42
CA ILE D 35 -12.49 9.63 25.48
C ILE D 35 -11.80 8.88 24.34
N LEU D 36 -10.94 9.60 23.61
CA LEU D 36 -10.11 9.03 22.56
C LEU D 36 -8.68 9.31 22.95
N ASP D 37 -7.92 8.27 23.27
CA ASP D 37 -6.53 8.46 23.66
C ASP D 37 -5.67 7.28 23.18
N ARG D 38 -4.35 7.48 23.12
CA ARG D 38 -3.50 6.50 22.47
C ARG D 38 -3.34 5.23 23.31
N VAL D 39 -3.44 5.37 24.63
CA VAL D 39 -3.35 4.22 25.55
C VAL D 39 -4.45 4.22 26.60
N GLU D 40 -4.98 3.04 26.90
CA GLU D 40 -5.92 2.87 27.99
C GLU D 40 -5.32 3.31 29.31
N ASN D 41 -6.19 3.84 30.16
CA ASN D 41 -5.89 4.09 31.55
C ASN D 41 -7.11 3.68 32.36
N PRO D 42 -7.25 2.37 32.63
CA PRO D 42 -8.44 1.82 33.31
C PRO D 42 -8.67 2.48 34.67
N THR D 43 -7.58 2.89 35.30
CA THR D 43 -7.60 3.52 36.59
C THR D 43 -8.23 4.92 36.52
N ALA D 44 -7.76 5.72 35.55
CA ALA D 44 -8.33 7.04 35.31
C ALA D 44 -9.81 6.93 34.91
N LEU D 45 -10.11 5.98 34.03
CA LEU D 45 -11.49 5.72 33.61
C LEU D 45 -12.43 5.37 34.76
N ALA D 46 -11.99 4.49 35.66
CA ALA D 46 -12.79 4.07 36.81
C ALA D 46 -13.05 5.27 37.73
N GLU D 47 -12.00 6.04 38.00
CA GLU D 47 -12.12 7.24 38.82
C GLU D 47 -13.15 8.23 38.26
N LEU D 48 -13.09 8.52 36.96
CA LEU D 48 -13.97 9.52 36.34
C LEU D 48 -15.41 9.08 36.45
N LYS D 49 -15.67 7.80 36.21
CA LYS D 49 -17.01 7.23 36.33
C LYS D 49 -17.55 7.37 37.76
N ALA D 50 -16.68 7.15 38.74
CA ALA D 50 -17.05 7.32 40.16
C ALA D 50 -17.36 8.77 40.53
N ILE D 51 -16.68 9.72 39.90
CA ILE D 51 -16.93 11.14 40.18
C ILE D 51 -18.39 11.53 39.88
N ASN D 52 -18.91 11.03 38.76
CA ASN D 52 -20.30 11.27 38.42
C ASN D 52 -20.95 10.04 37.80
N PRO D 53 -21.73 9.29 38.63
CA PRO D 53 -22.58 8.17 38.20
C PRO D 53 -23.55 8.52 37.06
N LYS D 54 -24.11 9.73 37.08
CA LYS D 54 -25.05 10.19 36.03
C LYS D 54 -24.46 10.17 34.60
N VAL D 55 -23.14 10.25 34.48
CA VAL D 55 -22.47 10.40 33.18
C VAL D 55 -22.07 9.05 32.58
N ASN D 56 -22.37 8.87 31.30
CA ASN D 56 -21.97 7.69 30.56
C ASN D 56 -20.61 7.92 29.90
N ILE D 57 -19.59 7.21 30.39
CA ILE D 57 -18.22 7.37 29.90
C ILE D 57 -17.75 6.16 29.11
N THR D 58 -17.30 6.42 27.88
CA THR D 58 -16.72 5.39 27.02
C THR D 58 -15.29 5.77 26.58
N PHE D 59 -14.46 4.75 26.34
CA PHE D 59 -13.09 4.94 25.91
C PHE D 59 -12.87 4.24 24.60
N HIS D 60 -12.18 4.92 23.67
CA HIS D 60 -11.70 4.31 22.44
C HIS D 60 -10.23 4.62 22.29
N THR D 61 -9.45 3.59 21.97
CA THR D 61 -8.05 3.77 21.63
C THR D 61 -8.04 4.50 20.29
N TYR D 62 -7.19 5.52 20.19
CA TYR D 62 -7.15 6.38 19.01
C TYR D 62 -5.81 7.12 18.94
N ASP D 63 -5.21 7.10 17.76
CA ASP D 63 -3.99 7.83 17.47
C ASP D 63 -4.29 8.83 16.34
N VAL D 64 -4.07 10.13 16.62
CA VAL D 64 -4.33 11.19 15.63
C VAL D 64 -3.51 11.14 14.34
N THR D 65 -2.47 10.29 14.29
CA THR D 65 -1.60 10.24 13.11
C THR D 65 -2.11 9.33 12.00
N VAL D 66 -3.28 8.72 12.20
CA VAL D 66 -3.87 7.86 11.17
C VAL D 66 -4.53 8.71 10.09
N PRO D 67 -4.67 8.18 8.87
CA PRO D 67 -5.31 8.95 7.81
C PRO D 67 -6.76 9.28 8.12
N VAL D 68 -7.29 10.29 7.42
CA VAL D 68 -8.64 10.81 7.67
C VAL D 68 -9.74 9.73 7.56
N ALA D 69 -9.59 8.80 6.63
CA ALA D 69 -10.61 7.74 6.44
C ALA D 69 -10.76 6.89 7.69
N GLU D 70 -9.63 6.61 8.34
CA GLU D 70 -9.65 5.78 9.55
C GLU D 70 -10.36 6.52 10.69
N SER D 71 -10.06 7.82 10.84
CA SER D 71 -10.74 8.69 11.80
C SER D 71 -12.25 8.78 11.58
N LYS D 72 -12.66 8.86 10.31
CA LYS D 72 -14.09 8.83 9.96
C LYS D 72 -14.77 7.53 10.42
N LYS D 73 -14.08 6.41 10.23
CA LYS D 73 -14.62 5.10 10.66
C LYS D 73 -14.94 5.05 12.15
N LEU D 74 -14.01 5.53 12.98
CA LEU D 74 -14.24 5.60 14.42
C LEU D 74 -15.34 6.62 14.76
N LEU D 75 -15.31 7.76 14.09
CA LEU D 75 -16.32 8.76 14.38
C LEU D 75 -17.72 8.27 14.01
N LYS D 76 -17.83 7.55 12.90
CA LYS D 76 -19.11 6.96 12.48
C LYS D 76 -19.68 6.03 13.56
N LYS D 77 -18.84 5.16 14.10
CA LYS D 77 -19.20 4.29 15.20
C LYS D 77 -19.83 5.10 16.34
N ILE D 78 -19.14 6.14 16.78
CA ILE D 78 -19.58 6.99 17.87
C ILE D 78 -20.90 7.73 17.56
N PHE D 79 -21.03 8.27 16.34
CA PHE D 79 -22.22 9.00 15.93
C PHE D 79 -23.42 8.06 15.81
N ASP D 80 -23.16 6.86 15.30
CA ASP D 80 -24.19 5.81 15.22
C ASP D 80 -24.73 5.42 16.60
N GLN D 81 -23.84 5.30 17.58
CA GLN D 81 -24.21 5.06 18.98
C GLN D 81 -25.00 6.22 19.57
N LEU D 82 -24.42 7.42 19.50
CA LEU D 82 -24.91 8.56 20.29
C LEU D 82 -25.94 9.42 19.58
N LYS D 83 -25.98 9.26 18.26
CA LYS D 83 -26.83 10.06 17.35
C LYS D 83 -26.40 11.51 17.21
N THR D 84 -26.21 12.20 18.33
CA THR D 84 -25.71 13.58 18.32
C THR D 84 -24.36 13.66 19.05
N VAL D 85 -23.54 14.62 18.63
CA VAL D 85 -22.34 15.02 19.39
C VAL D 85 -22.37 16.54 19.47
N ASP D 86 -22.26 17.08 20.67
CA ASP D 86 -22.33 18.52 20.82
C ASP D 86 -20.98 19.27 20.68
N ILE D 87 -19.91 18.64 21.14
CA ILE D 87 -18.60 19.28 21.25
C ILE D 87 -17.49 18.25 20.99
N LEU D 88 -16.49 18.66 20.21
CA LEU D 88 -15.25 17.91 20.07
C LEU D 88 -14.10 18.74 20.68
N ILE D 89 -13.34 18.12 21.58
CA ILE D 89 -12.14 18.72 22.13
C ILE D 89 -10.91 18.02 21.53
N ASN D 90 -10.04 18.80 20.89
CA ASN D 90 -8.82 18.29 20.28
C ASN D 90 -7.63 18.64 21.15
N GLY D 91 -7.12 17.66 21.91
CA GLY D 91 -6.08 17.93 22.88
C GLY D 91 -4.74 17.26 22.67
N ALA D 92 -4.55 16.54 21.57
CA ALA D 92 -3.31 15.79 21.37
C ALA D 92 -2.10 16.71 21.10
N GLY D 93 -0.96 16.36 21.68
CA GLY D 93 0.22 17.18 21.51
C GLY D 93 1.44 16.49 22.08
N ILE D 94 2.57 16.68 21.40
CA ILE D 94 3.86 16.24 21.97
C ILE D 94 4.81 17.43 21.97
N LEU D 95 5.81 17.37 22.86
CA LEU D 95 6.85 18.37 22.90
C LEU D 95 8.20 17.65 22.82
N ASP D 96 8.84 17.74 21.66
CA ASP D 96 10.10 17.03 21.38
C ASP D 96 10.63 17.53 20.05
N ASP D 97 11.51 18.52 20.08
CA ASP D 97 12.06 19.08 18.83
C ASP D 97 13.20 18.27 18.21
N HIS D 98 13.44 17.07 18.74
CA HIS D 98 14.20 16.05 18.02
C HIS D 98 13.27 15.27 17.10
N GLN D 99 11.97 15.45 17.24
CA GLN D 99 11.01 14.72 16.41
C GLN D 99 10.20 15.69 15.52
N ILE D 100 10.83 16.13 14.42
CA ILE D 100 10.29 17.16 13.49
C ILE D 100 8.98 16.70 12.86
N GLU D 101 9.08 15.62 12.07
CA GLU D 101 7.96 15.07 11.32
C GLU D 101 6.82 14.67 12.25
N ARG D 102 7.16 13.97 13.34
CA ARG D 102 6.19 13.53 14.36
C ARG D 102 5.51 14.69 15.09
N THR D 103 6.29 15.68 15.53
CA THR D 103 5.71 16.91 16.12
C THR D 103 4.65 17.54 15.18
N ILE D 104 5.01 17.68 13.91
CA ILE D 104 4.11 18.34 12.95
C ILE D 104 2.88 17.44 12.73
N ALA D 105 3.11 16.15 12.49
CA ALA D 105 2.02 15.21 12.26
C ALA D 105 1.01 15.14 13.42
N ILE D 106 1.51 15.19 14.66
CA ILE D 106 0.63 15.13 15.83
C ILE D 106 -0.01 16.48 16.20
N ASN D 107 0.81 17.53 16.29
CA ASN D 107 0.33 18.82 16.78
C ASN D 107 -0.48 19.63 15.75
N PHE D 108 -0.24 19.39 14.47
CA PHE D 108 -0.80 20.24 13.41
C PHE D 108 -1.64 19.38 12.48
N THR D 109 -1.00 18.49 11.73
CA THR D 109 -1.72 17.68 10.75
C THR D 109 -2.87 16.85 11.36
N GLY D 110 -2.58 16.18 12.48
CA GLY D 110 -3.59 15.36 13.19
C GLY D 110 -4.84 16.14 13.56
N LEU D 111 -4.66 17.37 14.04
CA LEU D 111 -5.76 18.25 14.44
C LEU D 111 -6.62 18.67 13.24
N VAL D 112 -5.95 18.97 12.15
CA VAL D 112 -6.62 19.28 10.89
C VAL D 112 -7.42 18.07 10.39
N ASN D 113 -6.83 16.89 10.48
CA ASN D 113 -7.47 15.68 9.99
C ASN D 113 -8.70 15.20 10.80
N VAL D 114 -8.65 15.29 12.13
CA VAL D 114 -9.83 15.01 13.00
C VAL D 114 -10.94 15.99 12.70
N THR D 115 -10.58 17.27 12.59
CA THR D 115 -11.54 18.32 12.21
C THR D 115 -12.18 17.98 10.86
N THR D 116 -11.35 17.67 9.88
CA THR D 116 -11.84 17.31 8.54
C THR D 116 -12.76 16.08 8.61
N ALA D 117 -12.37 15.09 9.40
CA ALA D 117 -13.20 13.89 9.57
C ALA D 117 -14.54 14.16 10.25
N ILE D 118 -14.55 14.94 11.34
CA ILE D 118 -15.84 15.16 12.02
C ILE D 118 -16.79 16.04 11.16
N LEU D 119 -16.21 16.89 10.31
CA LEU D 119 -17.03 17.74 9.46
C LEU D 119 -17.93 16.93 8.53
N ASP D 120 -17.60 15.66 8.29
CA ASP D 120 -18.44 14.79 7.47
C ASP D 120 -19.82 14.57 8.10
N PHE D 121 -19.82 14.58 9.43
CA PHE D 121 -20.99 14.33 10.23
C PHE D 121 -21.68 15.62 10.63
N TRP D 122 -20.93 16.72 10.66
CA TRP D 122 -21.44 17.99 11.17
C TRP D 122 -21.74 19.08 10.10
N ASP D 123 -20.97 19.09 9.02
CA ASP D 123 -21.05 20.12 7.97
C ASP D 123 -22.51 20.29 7.56
N LYS D 124 -23.06 21.48 7.74
CA LYS D 124 -24.46 21.74 7.39
C LYS D 124 -24.74 21.54 5.88
N ARG D 125 -23.70 21.69 5.05
CA ARG D 125 -23.78 21.42 3.60
C ARG D 125 -23.97 19.96 3.24
N LYS D 126 -23.60 19.06 4.15
CA LYS D 126 -23.73 17.63 3.93
C LYS D 126 -24.92 17.03 4.69
N GLY D 127 -25.74 17.90 5.27
CA GLY D 127 -26.97 17.46 5.97
C GLY D 127 -26.86 17.45 7.49
N GLY D 128 -25.73 17.91 8.00
CA GLY D 128 -25.43 17.84 9.42
C GLY D 128 -25.99 19.01 10.21
N PRO D 129 -26.05 18.87 11.53
CA PRO D 129 -26.54 19.89 12.46
C PRO D 129 -25.53 20.97 12.84
N GLY D 130 -24.30 20.87 12.34
CA GLY D 130 -23.22 21.72 12.82
C GLY D 130 -22.71 21.21 14.15
N GLY D 131 -21.75 21.92 14.75
CA GLY D 131 -21.16 21.53 16.04
C GLY D 131 -20.23 22.59 16.61
N ILE D 132 -19.41 22.18 17.58
CA ILE D 132 -18.49 23.07 18.28
C ILE D 132 -17.15 22.34 18.45
N ILE D 133 -16.06 23.02 18.08
CA ILE D 133 -14.71 22.45 18.27
C ILE D 133 -13.87 23.35 19.16
N ALA D 134 -13.31 22.74 20.21
CA ALA D 134 -12.36 23.39 21.10
C ALA D 134 -10.99 22.79 20.84
N ASN D 135 -10.06 23.60 20.36
CA ASN D 135 -8.72 23.11 20.03
C ASN D 135 -7.73 23.55 21.11
N ILE D 136 -7.06 22.61 21.77
CA ILE D 136 -5.99 22.98 22.66
C ILE D 136 -4.78 23.33 21.79
N CYS D 137 -4.49 24.62 21.75
CA CYS D 137 -3.33 25.11 21.00
C CYS D 137 -2.21 25.40 22.01
N SER D 138 -1.84 26.67 22.18
CA SER D 138 -0.74 27.06 23.10
C SER D 138 -0.41 28.55 23.00
N VAL D 139 0.00 29.16 24.11
CA VAL D 139 0.54 30.52 24.07
C VAL D 139 1.78 30.64 23.15
N THR D 140 2.48 29.53 22.94
CA THR D 140 3.66 29.51 22.07
C THR D 140 3.28 29.73 20.63
N GLY D 141 2.00 29.55 20.33
CA GLY D 141 1.48 29.89 19.04
C GLY D 141 1.26 31.39 18.86
N PHE D 142 1.18 32.15 19.95
CA PHE D 142 1.17 33.62 19.84
C PHE D 142 2.62 34.09 19.69
N ASN D 143 3.48 33.63 20.59
CA ASN D 143 4.91 34.03 20.66
C ASN D 143 5.74 32.83 21.08
N ALA D 144 6.62 32.40 20.20
CA ALA D 144 7.28 31.09 20.38
C ALA D 144 8.16 31.01 21.63
N ILE D 145 8.32 29.80 22.18
CA ILE D 145 9.54 29.48 22.92
C ILE D 145 10.54 29.18 21.80
N HIS D 146 11.47 30.09 21.54
CA HIS D 146 12.32 29.95 20.34
C HIS D 146 13.28 28.75 20.39
N GLN D 147 13.54 28.24 21.59
CA GLN D 147 14.34 27.02 21.76
C GLN D 147 13.65 25.71 21.33
N VAL D 148 12.31 25.74 21.28
CA VAL D 148 11.53 24.66 20.66
C VAL D 148 10.72 25.24 19.48
N PRO D 149 11.43 25.69 18.42
CA PRO D 149 10.80 26.46 17.34
C PRO D 149 9.80 25.64 16.51
N VAL D 150 10.01 24.33 16.42
CA VAL D 150 9.15 23.46 15.64
C VAL D 150 7.83 23.23 16.41
N TYR D 151 7.91 22.92 17.71
CA TYR D 151 6.71 22.86 18.56
C TYR D 151 5.92 24.16 18.47
N SER D 152 6.61 25.26 18.75
CA SER D 152 6.01 26.59 18.75
C SER D 152 5.33 26.92 17.40
N ALA D 153 6.02 26.63 16.31
CA ALA D 153 5.47 26.77 14.95
C ALA D 153 4.24 25.90 14.70
N SER D 154 4.27 24.63 15.12
CA SER D 154 3.12 23.76 14.96
C SER D 154 1.90 24.33 15.66
N LYS D 155 2.13 24.99 16.81
CA LYS D 155 1.06 25.64 17.58
C LYS D 155 0.55 26.95 16.95
N ALA D 156 1.45 27.72 16.33
CA ALA D 156 1.06 28.90 15.54
C ALA D 156 0.13 28.47 14.41
N ALA D 157 0.46 27.32 13.83
CA ALA D 157 -0.33 26.72 12.77
C ALA D 157 -1.76 26.41 13.23
N VAL D 158 -1.90 25.84 14.43
CA VAL D 158 -3.24 25.47 14.87
C VAL D 158 -4.04 26.60 15.50
N VAL D 159 -3.37 27.63 16.01
CA VAL D 159 -4.04 28.89 16.38
C VAL D 159 -4.70 29.50 15.14
N SER D 160 -3.92 29.60 14.06
CA SER D 160 -4.38 30.11 12.78
C SER D 160 -5.56 29.28 12.25
N PHE D 161 -5.35 27.96 12.17
CA PHE D 161 -6.35 27.04 11.65
C PHE D 161 -7.68 27.16 12.42
N THR D 162 -7.59 27.30 13.76
CA THR D 162 -8.77 27.43 14.61
C THR D 162 -9.52 28.77 14.40
N ASN D 163 -8.78 29.87 14.30
CA ASN D 163 -9.29 31.23 13.79
C ASN D 163 -10.08 31.25 12.45
N SER D 164 -9.54 30.42 11.57
CA SER D 164 -10.13 30.18 10.24
C SER D 164 -11.43 29.39 10.33
N LEU D 165 -11.38 28.25 11.04
CA LEU D 165 -12.59 27.46 11.33
C LEU D 165 -13.74 28.31 11.83
N ALA D 166 -13.48 29.13 12.85
CA ALA D 166 -14.48 30.06 13.36
C ALA D 166 -15.02 31.01 12.30
N LYS D 167 -14.14 31.52 11.44
CA LYS D 167 -14.58 32.38 10.34
C LYS D 167 -15.37 31.61 9.29
N LEU D 168 -15.20 30.29 9.26
CA LEU D 168 -15.92 29.43 8.33
C LEU D 168 -17.30 28.95 8.85
N ALA D 169 -17.66 29.32 10.07
CA ALA D 169 -18.89 28.79 10.68
C ALA D 169 -20.18 29.09 9.88
N PRO D 170 -20.30 30.29 9.26
CA PRO D 170 -21.48 30.56 8.42
C PRO D 170 -21.65 29.63 7.22
N ILE D 171 -20.55 29.02 6.76
CA ILE D 171 -20.56 28.05 5.66
C ILE D 171 -20.77 26.59 6.14
N THR D 172 -20.08 26.21 7.23
CA THR D 172 -20.07 24.80 7.68
C THR D 172 -21.04 24.50 8.83
N GLY D 173 -21.43 25.53 9.58
CA GLY D 173 -22.21 25.35 10.81
C GLY D 173 -21.36 24.95 12.02
N VAL D 174 -20.04 24.87 11.85
CA VAL D 174 -19.18 24.42 12.93
C VAL D 174 -18.42 25.60 13.51
N THR D 175 -18.74 25.94 14.76
CA THR D 175 -18.03 26.99 15.44
C THR D 175 -16.78 26.39 16.09
N ALA D 176 -15.87 27.27 16.50
CA ALA D 176 -14.60 26.85 17.05
C ALA D 176 -13.94 27.97 17.84
N TYR D 177 -13.12 27.58 18.81
CA TYR D 177 -12.30 28.52 19.58
C TYR D 177 -11.06 27.78 20.03
N SER D 178 -10.00 28.53 20.31
CA SER D 178 -8.76 27.91 20.77
C SER D 178 -8.58 28.08 22.26
N ILE D 179 -7.99 27.06 22.87
CA ILE D 179 -7.70 27.03 24.30
C ILE D 179 -6.19 27.05 24.32
N ASN D 180 -5.61 28.08 24.93
CA ASN D 180 -4.16 28.29 24.88
C ASN D 180 -3.59 28.43 26.27
N PRO D 181 -3.19 27.30 26.87
CA PRO D 181 -2.57 27.36 28.18
C PRO D 181 -1.21 28.04 28.12
N GLY D 182 -0.84 28.70 29.21
CA GLY D 182 0.54 29.08 29.44
C GLY D 182 1.22 27.86 30.00
N ILE D 183 2.40 28.04 30.58
CA ILE D 183 3.15 26.91 31.09
C ILE D 183 2.40 26.29 32.26
N THR D 184 2.16 24.98 32.13
CA THR D 184 1.28 24.26 33.04
C THR D 184 2.02 22.99 33.48
N ARG D 185 2.13 22.80 34.79
CA ARG D 185 2.94 21.69 35.30
C ARG D 185 2.33 20.32 35.00
N THR D 186 2.93 19.62 34.03
CA THR D 186 2.47 18.32 33.55
C THR D 186 3.71 17.55 33.05
N PRO D 187 3.56 16.25 32.74
CA PRO D 187 4.68 15.48 32.17
C PRO D 187 5.24 16.00 30.83
N LEU D 188 4.50 16.85 30.13
CA LEU D 188 4.98 17.43 28.87
C LEU D 188 6.24 18.30 29.07
N VAL D 189 6.23 19.12 30.11
CA VAL D 189 7.27 20.14 30.34
C VAL D 189 8.29 19.80 31.44
N HIS D 190 8.21 18.59 31.99
CA HIS D 190 9.15 18.09 33.00
C HIS D 190 10.57 18.01 32.43
N THR D 191 10.72 17.23 31.35
CA THR D 191 11.94 17.17 30.58
C THR D 191 11.61 17.05 29.09
N PHE D 192 12.33 17.81 28.26
CA PHE D 192 12.12 17.77 26.81
C PHE D 192 13.31 18.27 25.97
N ASN D 193 13.29 17.93 24.69
CA ASN D 193 14.39 18.21 23.78
C ASN D 193 14.25 19.55 23.04
N SER D 194 15.34 20.33 23.01
CA SER D 194 15.40 21.55 22.18
C SER D 194 15.82 21.21 20.76
N TRP D 195 15.41 22.04 19.80
CA TRP D 195 15.78 21.81 18.40
C TRP D 195 17.31 21.88 18.23
N LEU D 196 17.90 20.86 17.60
CA LEU D 196 19.35 20.81 17.36
C LEU D 196 20.19 21.01 18.65
N ASP D 197 19.56 20.78 19.80
CA ASP D 197 20.16 20.99 21.13
C ASP D 197 20.68 22.40 21.39
N VAL D 198 19.91 23.41 20.96
CA VAL D 198 20.32 24.80 21.14
C VAL D 198 20.23 25.22 22.61
N GLU D 199 19.40 24.51 23.37
CA GLU D 199 19.30 24.74 24.79
C GLU D 199 19.01 23.43 25.52
N PRO D 200 20.07 22.67 25.87
CA PRO D 200 19.86 21.37 26.50
C PRO D 200 19.21 21.48 27.90
N ARG D 201 19.22 22.66 28.51
CA ARG D 201 18.60 22.83 29.81
C ARG D 201 17.27 23.59 29.77
N VAL D 202 16.62 23.59 28.61
CA VAL D 202 15.39 24.38 28.38
C VAL D 202 14.30 24.10 29.42
N ALA D 203 14.06 22.81 29.69
CA ALA D 203 13.04 22.40 30.68
C ALA D 203 13.23 23.08 32.03
N GLU D 204 14.45 23.00 32.54
CA GLU D 204 14.86 23.56 33.82
C GLU D 204 14.65 25.06 33.84
N LEU D 205 15.12 25.74 32.79
CA LEU D 205 14.98 27.18 32.67
C LEU D 205 13.52 27.64 32.62
N LEU D 206 12.71 26.92 31.86
CA LEU D 206 11.31 27.29 31.66
C LEU D 206 10.53 27.23 32.96
N LEU D 207 10.80 26.20 33.75
CA LEU D 207 10.08 25.96 35.00
C LEU D 207 10.50 26.87 36.17
N SER D 208 11.47 27.78 35.93
CA SER D 208 11.96 28.68 36.98
C SER D 208 11.13 29.96 37.06
N HIS D 209 10.25 30.13 36.09
CA HIS D 209 9.36 31.28 36.02
C HIS D 209 7.93 30.85 36.38
N PRO D 210 7.06 31.83 36.74
CA PRO D 210 5.67 31.55 37.11
C PRO D 210 4.96 30.57 36.18
N THR D 211 4.15 29.71 36.78
CA THR D 211 3.42 28.66 36.08
C THR D 211 2.04 28.52 36.71
N GLN D 212 1.18 27.70 36.10
CA GLN D 212 -0.09 27.31 36.73
C GLN D 212 -0.13 25.79 36.90
N THR D 213 -1.10 25.32 37.69
CA THR D 213 -1.33 23.90 37.85
C THR D 213 -2.28 23.40 36.77
N SER D 214 -2.28 22.09 36.54
CA SER D 214 -3.23 21.47 35.61
C SER D 214 -4.68 21.54 36.11
N GLU D 215 -4.86 21.71 37.43
CA GLU D 215 -6.18 21.90 38.03
C GLU D 215 -6.69 23.29 37.70
N GLN D 216 -5.83 24.29 37.85
CA GLN D 216 -6.19 25.67 37.49
C GLN D 216 -6.58 25.76 36.01
N CYS D 217 -5.75 25.17 35.16
CA CYS D 217 -6.01 25.11 33.72
C CYS D 217 -7.35 24.43 33.43
N GLY D 218 -7.60 23.29 34.09
CA GLY D 218 -8.82 22.50 33.93
C GLY D 218 -10.10 23.25 34.26
N GLN D 219 -10.08 24.01 35.37
CA GLN D 219 -11.23 24.80 35.78
C GLN D 219 -11.54 25.94 34.78
N ASN D 220 -10.49 26.57 34.24
CA ASN D 220 -10.70 27.64 33.25
C ASN D 220 -11.02 27.10 31.87
N PHE D 221 -10.55 25.90 31.60
CA PHE D 221 -10.85 25.20 30.35
C PHE D 221 -12.38 25.00 30.25
N VAL D 222 -12.96 24.45 31.31
CA VAL D 222 -14.42 24.21 31.36
C VAL D 222 -15.21 25.53 31.37
N LYS D 223 -14.68 26.54 32.05
CA LYS D 223 -15.21 27.92 31.97
C LYS D 223 -15.28 28.43 30.54
N ALA D 224 -14.21 28.25 29.77
CA ALA D 224 -14.18 28.66 28.36
C ALA D 224 -15.17 27.87 27.50
N ILE D 225 -15.27 26.57 27.76
CA ILE D 225 -16.27 25.73 27.08
C ILE D 225 -17.68 26.28 27.33
N GLU D 226 -17.96 26.64 28.57
CA GLU D 226 -19.28 27.18 28.96
C GLU D 226 -19.55 28.57 28.39
N ALA D 227 -18.50 29.37 28.22
CA ALA D 227 -18.68 30.69 27.58
C ALA D 227 -19.08 30.47 26.12
N ASN D 228 -18.49 29.45 25.48
CA ASN D 228 -18.85 28.98 24.12
C ASN D 228 -18.94 30.12 23.10
N LYS D 229 -17.86 30.88 22.96
CA LYS D 229 -17.79 32.00 22.05
C LYS D 229 -17.04 31.62 20.78
N ASN D 230 -17.72 31.66 19.65
CA ASN D 230 -17.09 31.42 18.35
C ASN D 230 -15.95 32.41 18.06
N GLY D 231 -14.76 31.86 17.79
CA GLY D 231 -13.63 32.66 17.37
C GLY D 231 -12.82 33.25 18.49
N ALA D 232 -13.17 32.88 19.73
CA ALA D 232 -12.42 33.30 20.89
C ALA D 232 -11.03 32.66 20.84
N ILE D 233 -10.05 33.42 21.30
CA ILE D 233 -8.69 32.93 21.45
C ILE D 233 -8.39 33.02 22.94
N TRP D 234 -8.60 31.92 23.66
CA TRP D 234 -8.50 31.96 25.12
C TRP D 234 -7.06 31.73 25.59
N LYS D 235 -6.55 32.66 26.40
CA LYS D 235 -5.29 32.46 27.10
C LYS D 235 -5.59 31.98 28.52
N LEU D 236 -5.04 30.81 28.87
CA LEU D 236 -5.20 30.19 30.18
C LEU D 236 -3.82 30.10 30.79
N ASP D 237 -3.43 31.18 31.45
CA ASP D 237 -2.07 31.36 31.88
C ASP D 237 -2.11 31.90 33.29
N LEU D 238 -1.29 31.32 34.17
CA LEU D 238 -1.17 31.80 35.54
C LEU D 238 -2.51 31.86 36.27
N GLY D 239 -3.34 30.85 36.05
CA GLY D 239 -4.57 30.67 36.80
C GLY D 239 -5.76 31.50 36.40
N THR D 240 -5.60 32.33 35.37
CA THR D 240 -6.68 33.18 34.91
C THR D 240 -7.24 32.73 33.57
N LEU D 241 -8.37 33.31 33.20
CA LEU D 241 -8.96 33.14 31.88
C LEU D 241 -9.12 34.50 31.21
N GLU D 242 -8.51 34.64 30.03
CA GLU D 242 -8.48 35.90 29.31
C GLU D 242 -8.68 35.65 27.82
N ALA D 243 -9.55 36.43 27.19
CA ALA D 243 -9.73 36.36 25.75
C ALA D 243 -8.74 37.32 25.10
N ILE D 244 -7.95 36.85 24.13
CA ILE D 244 -7.01 37.77 23.46
C ILE D 244 -7.54 38.31 22.12
N GLU D 245 -6.99 39.45 21.72
CA GLU D 245 -7.41 40.08 20.48
C GLU D 245 -6.33 39.93 19.44
N TRP D 246 -6.62 39.15 18.39
CA TRP D 246 -5.66 38.94 17.32
C TRP D 246 -5.42 40.21 16.50
N THR D 247 -4.16 40.53 16.28
CA THR D 247 -3.82 41.72 15.50
C THR D 247 -4.18 41.58 14.01
N LYS D 248 -4.85 42.61 13.48
CA LYS D 248 -5.11 42.71 12.04
C LYS D 248 -3.96 43.38 11.31
N HIS D 249 -3.09 42.55 10.74
CA HIS D 249 -1.97 43.02 9.93
C HIS D 249 -2.37 43.08 8.46
N TRP D 250 -3.31 42.23 8.06
CA TRP D 250 -3.65 42.09 6.64
C TRP D 250 -5.08 41.57 6.51
N ASP D 251 -5.75 41.92 5.41
CA ASP D 251 -7.11 41.44 5.12
C ASP D 251 -7.22 41.10 3.64
N SER D 252 -7.73 39.91 3.34
CA SER D 252 -7.89 39.46 1.95
C SER D 252 -9.03 40.19 1.24
N HIS D 253 -9.90 40.81 2.02
CA HIS D 253 -11.17 41.42 1.56
C HIS D 253 -12.17 40.45 0.95
N ILE D 254 -11.95 39.15 1.21
CA ILE D 254 -12.94 38.13 0.93
C ILE D 254 -13.32 37.33 2.19
N MET E 1 8.22 21.22 -17.85
CA MET E 1 8.36 21.11 -19.33
C MET E 1 8.36 22.48 -20.00
N ASP E 2 9.52 22.84 -20.56
CA ASP E 2 9.70 24.08 -21.31
C ASP E 2 9.54 23.77 -22.80
N LEU E 3 8.47 24.27 -23.40
CA LEU E 3 8.13 23.97 -24.80
C LEU E 3 9.02 24.66 -25.84
N THR E 4 9.76 25.69 -25.42
CA THR E 4 10.56 26.49 -26.33
C THR E 4 11.54 25.63 -27.11
N ASN E 5 11.48 25.80 -28.44
CA ASN E 5 12.36 25.12 -29.40
C ASN E 5 12.18 23.60 -29.51
N LYS E 6 11.01 23.11 -29.07
CA LYS E 6 10.71 21.69 -29.15
C LYS E 6 10.10 21.29 -30.49
N ASN E 7 10.32 20.04 -30.89
CA ASN E 7 9.67 19.45 -32.06
C ASN E 7 8.56 18.51 -31.59
N VAL E 8 7.33 18.83 -32.00
CA VAL E 8 6.13 18.10 -31.58
C VAL E 8 5.41 17.48 -32.80
N ILE E 9 5.04 16.20 -32.70
CA ILE E 9 4.18 15.57 -33.70
C ILE E 9 2.80 15.38 -33.07
N PHE E 10 1.78 15.90 -33.74
CA PHE E 10 0.41 15.79 -33.27
C PHE E 10 -0.41 15.04 -34.32
N VAL E 11 -0.73 13.80 -34.01
CA VAL E 11 -1.63 12.99 -34.84
C VAL E 11 -3.07 13.38 -34.51
N ALA E 12 -3.84 13.72 -35.55
CA ALA E 12 -5.23 14.19 -35.44
C ALA E 12 -5.34 15.56 -34.78
N ALA E 13 -4.55 16.51 -35.28
CA ALA E 13 -4.49 17.85 -34.72
C ALA E 13 -5.56 18.81 -35.25
N LEU E 14 -6.34 18.39 -36.25
CA LEU E 14 -7.31 19.31 -36.88
C LEU E 14 -8.79 19.09 -36.50
N GLY E 15 -9.07 18.09 -35.67
CA GLY E 15 -10.43 17.86 -35.17
C GLY E 15 -10.85 18.87 -34.10
N GLY E 16 -12.01 18.64 -33.50
CA GLY E 16 -12.57 19.54 -32.49
C GLY E 16 -11.62 19.93 -31.38
N ILE E 17 -11.25 18.95 -30.56
CA ILE E 17 -10.26 19.11 -29.50
C ILE E 17 -8.87 19.42 -30.06
N GLY E 18 -8.49 18.70 -31.11
CA GLY E 18 -7.16 18.80 -31.70
C GLY E 18 -6.78 20.21 -32.16
N LEU E 19 -7.72 20.89 -32.81
CA LEU E 19 -7.46 22.23 -33.33
C LEU E 19 -7.32 23.28 -32.23
N ASP E 20 -8.15 23.19 -31.20
CA ASP E 20 -8.08 24.14 -30.08
C ASP E 20 -6.85 23.93 -29.19
N THR E 21 -6.39 22.68 -29.11
CA THR E 21 -5.15 22.36 -28.43
C THR E 21 -3.95 22.93 -29.19
N SER E 22 -3.90 22.67 -30.51
CA SER E 22 -2.84 23.20 -31.39
C SER E 22 -2.73 24.73 -31.32
N ARG E 23 -3.88 25.43 -31.34
CA ARG E 23 -3.95 26.89 -31.20
C ARG E 23 -3.19 27.37 -29.97
N GLU E 24 -3.37 26.65 -28.85
CA GLU E 24 -2.70 26.99 -27.60
C GLU E 24 -1.22 26.62 -27.60
N LEU E 25 -0.90 25.47 -28.19
CA LEU E 25 0.47 24.98 -28.31
C LEU E 25 1.38 25.94 -29.06
N VAL E 26 0.93 26.39 -30.22
CA VAL E 26 1.76 27.19 -31.12
C VAL E 26 2.06 28.61 -30.61
N LYS E 27 1.36 29.02 -29.56
CA LYS E 27 1.70 30.23 -28.79
C LYS E 27 3.07 30.11 -28.10
N ARG E 28 3.41 28.90 -27.68
CA ARG E 28 4.77 28.63 -27.24
C ARG E 28 5.66 28.56 -28.46
N ASN E 29 6.93 28.95 -28.31
CA ASN E 29 7.84 29.03 -29.46
C ASN E 29 8.46 27.67 -29.77
N LEU E 30 7.62 26.74 -30.21
CA LEU E 30 8.07 25.46 -30.73
C LEU E 30 8.98 25.69 -31.94
N LYS E 31 9.89 24.76 -32.17
CA LYS E 31 10.70 24.82 -33.38
C LYS E 31 9.89 24.30 -34.57
N ASN E 32 9.33 23.09 -34.41
CA ASN E 32 8.48 22.49 -35.42
C ASN E 32 7.21 21.87 -34.83
N PHE E 33 6.10 22.07 -35.54
CA PHE E 33 4.83 21.46 -35.18
C PHE E 33 4.36 20.66 -36.39
N VAL E 34 4.42 19.33 -36.27
CA VAL E 34 4.11 18.43 -37.38
C VAL E 34 2.73 17.77 -37.19
N ILE E 35 1.83 18.06 -38.12
CA ILE E 35 0.44 17.56 -38.07
C ILE E 35 0.21 16.35 -38.98
N LEU E 36 -0.29 15.27 -38.40
CA LEU E 36 -0.70 14.09 -39.15
C LEU E 36 -2.23 13.97 -39.00
N ASP E 37 -2.96 14.15 -40.09
CA ASP E 37 -4.40 13.92 -40.07
C ASP E 37 -4.86 13.23 -41.35
N ARG E 38 -5.96 12.50 -41.27
CA ARG E 38 -6.41 11.71 -42.42
C ARG E 38 -7.11 12.58 -43.45
N VAL E 39 -7.52 13.78 -43.02
CA VAL E 39 -8.21 14.72 -43.88
C VAL E 39 -7.63 16.14 -43.72
N GLU E 40 -7.75 16.98 -44.75
CA GLU E 40 -7.19 18.33 -44.74
C GLU E 40 -8.17 19.42 -44.33
N ASN E 41 -7.63 20.47 -43.74
CA ASN E 41 -8.33 21.72 -43.47
C ASN E 41 -7.39 22.88 -43.80
N PRO E 42 -7.33 23.28 -45.09
CA PRO E 42 -6.43 24.34 -45.53
C PRO E 42 -6.57 25.63 -44.73
N THR E 43 -7.79 25.96 -44.33
CA THR E 43 -8.10 27.21 -43.63
C THR E 43 -7.59 27.17 -42.18
N ALA E 44 -7.84 26.07 -41.49
CA ALA E 44 -7.31 25.93 -40.15
C ALA E 44 -5.79 25.91 -40.18
N LEU E 45 -5.20 25.22 -41.16
CA LEU E 45 -3.73 25.14 -41.28
C LEU E 45 -3.10 26.53 -41.42
N ALA E 46 -3.66 27.34 -42.32
CA ALA E 46 -3.19 28.70 -42.53
C ALA E 46 -3.40 29.56 -41.29
N GLU E 47 -4.51 29.35 -40.60
CA GLU E 47 -4.79 30.03 -39.34
C GLU E 47 -3.72 29.75 -38.28
N LEU E 48 -3.36 28.47 -38.12
CA LEU E 48 -2.39 28.07 -37.11
C LEU E 48 -1.05 28.71 -37.41
N LYS E 49 -0.69 28.75 -38.69
CA LYS E 49 0.57 29.34 -39.14
C LYS E 49 0.71 30.80 -38.72
N ALA E 50 -0.39 31.54 -38.76
CA ALA E 50 -0.38 32.99 -38.51
C ALA E 50 -0.44 33.35 -37.02
N ILE E 51 -0.65 32.36 -36.15
CA ILE E 51 -0.61 32.59 -34.71
C ILE E 51 0.82 32.92 -34.29
N ASN E 52 1.77 32.14 -34.79
CA ASN E 52 3.17 32.31 -34.43
C ASN E 52 4.04 31.89 -35.61
N PRO E 53 4.39 32.84 -36.49
CA PRO E 53 5.20 32.61 -37.68
C PRO E 53 6.65 32.17 -37.38
N LYS E 54 7.05 32.17 -36.11
CA LYS E 54 8.33 31.60 -35.68
C LYS E 54 8.32 30.08 -35.77
N VAL E 55 7.17 29.47 -35.49
CA VAL E 55 7.03 28.01 -35.50
C VAL E 55 6.86 27.53 -36.94
N ASN E 56 7.60 26.51 -37.33
CA ASN E 56 7.39 25.91 -38.63
C ASN E 56 6.31 24.83 -38.51
N ILE E 57 5.19 25.05 -39.20
CA ILE E 57 4.10 24.07 -39.20
C ILE E 57 4.11 23.30 -40.51
N THR E 58 4.04 21.98 -40.42
CA THR E 58 3.94 21.11 -41.59
C THR E 58 2.74 20.17 -41.45
N PHE E 59 2.26 19.66 -42.58
CA PHE E 59 1.12 18.74 -42.59
C PHE E 59 1.40 17.53 -43.46
N HIS E 60 1.03 16.35 -42.96
CA HIS E 60 1.05 15.11 -43.73
C HIS E 60 -0.32 14.47 -43.67
N THR E 61 -0.82 14.02 -44.82
CA THR E 61 -2.04 13.22 -44.86
C THR E 61 -1.69 11.84 -44.29
N TYR E 62 -2.39 11.48 -43.22
CA TYR E 62 -2.05 10.27 -42.48
C TYR E 62 -3.26 9.59 -41.86
N ASP E 63 -3.39 8.28 -42.12
CA ASP E 63 -4.45 7.47 -41.55
C ASP E 63 -3.79 6.48 -40.58
N VAL E 64 -4.21 6.51 -39.32
CA VAL E 64 -3.66 5.62 -38.27
C VAL E 64 -3.88 4.12 -38.48
N THR E 65 -4.78 3.76 -39.40
CA THR E 65 -5.15 2.36 -39.62
C THR E 65 -4.24 1.62 -40.59
N VAL E 66 -3.19 2.29 -41.05
CA VAL E 66 -2.24 1.64 -41.95
C VAL E 66 -1.30 0.71 -41.15
N PRO E 67 -0.69 -0.28 -41.83
CA PRO E 67 0.29 -1.16 -41.19
C PRO E 67 1.40 -0.37 -40.53
N VAL E 68 1.96 -0.93 -39.46
CA VAL E 68 2.99 -0.26 -38.67
C VAL E 68 4.21 0.13 -39.53
N ALA E 69 4.47 -0.65 -40.58
CA ALA E 69 5.60 -0.42 -41.50
C ALA E 69 5.42 0.89 -42.27
N GLU E 70 4.17 1.21 -42.58
CA GLU E 70 3.81 2.44 -43.29
C GLU E 70 4.01 3.65 -42.37
N SER E 71 3.69 3.49 -41.09
CA SER E 71 3.89 4.54 -40.10
C SER E 71 5.37 4.82 -39.86
N LYS E 72 6.17 3.77 -39.74
CA LYS E 72 7.63 3.89 -39.64
C LYS E 72 8.19 4.65 -40.85
N LYS E 73 7.67 4.33 -42.03
CA LYS E 73 8.07 4.98 -43.29
C LYS E 73 7.86 6.51 -43.28
N LEU E 74 6.68 6.96 -42.83
CA LEU E 74 6.44 8.39 -42.65
C LEU E 74 7.27 8.96 -41.50
N LEU E 75 7.35 8.21 -40.41
CA LEU E 75 8.16 8.68 -39.27
C LEU E 75 9.64 8.90 -39.64
N LYS E 76 10.20 8.01 -40.45
CA LYS E 76 11.59 8.16 -40.88
C LYS E 76 11.77 9.48 -41.64
N LYS E 77 10.83 9.77 -42.54
CA LYS E 77 10.83 11.01 -43.33
C LYS E 77 10.83 12.24 -42.42
N ILE E 78 9.98 12.24 -41.40
CA ILE E 78 9.94 13.34 -40.42
C ILE E 78 11.24 13.45 -39.62
N PHE E 79 11.68 12.34 -39.01
CA PHE E 79 12.97 12.27 -38.30
C PHE E 79 14.17 12.65 -39.20
N ASP E 80 14.17 12.17 -40.44
CA ASP E 80 15.16 12.60 -41.44
C ASP E 80 15.35 14.13 -41.46
N GLN E 81 14.24 14.85 -41.64
CA GLN E 81 14.28 16.31 -41.78
C GLN E 81 14.53 17.04 -40.47
N LEU E 82 13.96 16.55 -39.37
CA LEU E 82 14.02 17.25 -38.09
C LEU E 82 15.14 16.76 -37.17
N LYS E 83 15.66 15.56 -37.45
CA LYS E 83 16.67 14.90 -36.62
C LYS E 83 16.11 14.41 -35.29
N THR E 84 15.38 15.27 -34.59
CA THR E 84 14.82 14.95 -33.29
C THR E 84 13.32 15.31 -33.15
N VAL E 85 12.58 14.43 -32.46
CA VAL E 85 11.20 14.72 -32.07
C VAL E 85 11.11 14.62 -30.55
N ASP E 86 10.62 15.67 -29.92
CA ASP E 86 10.53 15.73 -28.46
C ASP E 86 9.28 15.05 -27.90
N ILE E 87 8.13 15.39 -28.47
CA ILE E 87 6.83 14.94 -27.99
C ILE E 87 6.01 14.33 -29.12
N LEU E 88 5.25 13.28 -28.80
CA LEU E 88 4.26 12.71 -29.71
C LEU E 88 2.89 12.79 -29.06
N ILE E 89 1.95 13.38 -29.78
CA ILE E 89 0.56 13.40 -29.34
C ILE E 89 -0.28 12.50 -30.24
N ASN E 90 -0.81 11.44 -29.66
CA ASN E 90 -1.69 10.52 -30.38
C ASN E 90 -3.13 10.93 -30.07
N GLY E 91 -3.82 11.50 -31.06
CA GLY E 91 -5.18 12.04 -30.83
C GLY E 91 -6.31 11.47 -31.68
N ALA E 92 -6.03 10.47 -32.52
CA ALA E 92 -7.02 9.95 -33.45
C ALA E 92 -8.15 9.18 -32.76
N GLY E 93 -9.39 9.41 -33.21
CA GLY E 93 -10.52 8.71 -32.62
C GLY E 93 -11.81 8.88 -33.39
N ILE E 94 -12.64 7.84 -33.38
CA ILE E 94 -14.03 7.95 -33.86
C ILE E 94 -14.99 7.50 -32.76
N LEU E 95 -16.24 7.92 -32.89
CA LEU E 95 -17.33 7.52 -32.01
C LEU E 95 -18.51 7.13 -32.88
N ASP E 96 -18.77 5.83 -32.91
CA ASP E 96 -19.73 5.23 -33.80
C ASP E 96 -19.66 3.77 -33.43
N ASP E 97 -20.71 3.23 -32.85
CA ASP E 97 -20.73 1.82 -32.46
C ASP E 97 -21.40 0.91 -33.50
N HIS E 98 -21.70 1.45 -34.67
CA HIS E 98 -22.05 0.66 -35.85
C HIS E 98 -20.79 0.23 -36.61
N GLN E 99 -19.63 0.77 -36.22
CA GLN E 99 -18.36 0.38 -36.84
C GLN E 99 -17.49 -0.23 -35.74
N ILE E 100 -17.73 -1.51 -35.45
CA ILE E 100 -17.01 -2.22 -34.40
C ILE E 100 -15.53 -2.26 -34.72
N GLU E 101 -15.20 -2.85 -35.86
CA GLU E 101 -13.80 -3.09 -36.24
C GLU E 101 -13.00 -1.79 -36.40
N ARG E 102 -13.60 -0.79 -37.04
CA ARG E 102 -12.91 0.45 -37.29
C ARG E 102 -12.72 1.28 -36.01
N THR E 103 -13.69 1.24 -35.10
CA THR E 103 -13.53 1.89 -33.78
C THR E 103 -12.30 1.33 -33.05
N ILE E 104 -12.21 0.00 -32.94
CA ILE E 104 -11.04 -0.63 -32.33
C ILE E 104 -9.76 -0.34 -33.15
N ALA E 105 -9.83 -0.39 -34.48
CA ALA E 105 -8.65 -0.10 -35.33
C ALA E 105 -8.07 1.31 -35.13
N ILE E 106 -8.95 2.30 -34.96
CA ILE E 106 -8.50 3.68 -34.86
C ILE E 106 -8.13 4.03 -33.43
N ASN E 107 -9.02 3.73 -32.50
CA ASN E 107 -8.91 4.21 -31.12
C ASN E 107 -7.84 3.49 -30.30
N PHE E 108 -7.56 2.24 -30.65
CA PHE E 108 -6.70 1.38 -29.82
C PHE E 108 -5.53 0.87 -30.67
N THR E 109 -5.81 0.03 -31.67
CA THR E 109 -4.74 -0.52 -32.51
C THR E 109 -3.84 0.56 -33.14
N GLY E 110 -4.44 1.62 -33.68
CA GLY E 110 -3.68 2.70 -34.32
C GLY E 110 -2.76 3.45 -33.39
N LEU E 111 -3.24 3.68 -32.16
CA LEU E 111 -2.46 4.33 -31.12
C LEU E 111 -1.31 3.42 -30.71
N VAL E 112 -1.61 2.14 -30.52
CA VAL E 112 -0.55 1.18 -30.20
C VAL E 112 0.50 1.14 -31.33
N ASN E 113 0.04 1.10 -32.59
CA ASN E 113 0.94 1.01 -33.73
C ASN E 113 1.85 2.23 -33.98
N VAL E 114 1.36 3.45 -33.75
CA VAL E 114 2.21 4.64 -33.93
C VAL E 114 3.23 4.72 -32.80
N THR E 115 2.77 4.40 -31.59
CA THR E 115 3.65 4.26 -30.44
C THR E 115 4.75 3.25 -30.74
N THR E 116 4.35 2.08 -31.23
CA THR E 116 5.30 1.02 -31.58
C THR E 116 6.31 1.53 -32.61
N ALA E 117 5.82 2.22 -33.64
CA ALA E 117 6.67 2.76 -34.71
C ALA E 117 7.69 3.79 -34.21
N ILE E 118 7.23 4.76 -33.40
CA ILE E 118 8.14 5.82 -32.92
C ILE E 118 9.21 5.33 -31.94
N LEU E 119 8.92 4.24 -31.23
CA LEU E 119 9.89 3.63 -30.32
C LEU E 119 11.15 3.16 -31.03
N ASP E 120 11.04 2.83 -32.31
CA ASP E 120 12.20 2.50 -33.15
C ASP E 120 13.25 3.61 -33.22
N PHE E 121 12.79 4.85 -33.07
CA PHE E 121 13.65 6.03 -33.15
C PHE E 121 14.01 6.53 -31.76
N TRP E 122 13.18 6.20 -30.77
CA TRP E 122 13.34 6.73 -29.42
C TRP E 122 14.00 5.77 -28.41
N ASP E 123 13.77 4.48 -28.58
CA ASP E 123 14.21 3.44 -27.64
C ASP E 123 15.67 3.65 -27.21
N LYS E 124 15.86 3.96 -25.93
CA LYS E 124 17.21 4.18 -25.37
C LYS E 124 18.10 2.93 -25.45
N ARG E 125 17.45 1.77 -25.63
CA ARG E 125 18.17 0.50 -25.75
C ARG E 125 18.84 0.35 -27.12
N LYS E 126 18.31 1.07 -28.12
CA LYS E 126 18.87 1.08 -29.47
C LYS E 126 19.82 2.29 -29.62
N GLY E 127 19.94 3.06 -28.55
CA GLY E 127 20.75 4.28 -28.56
C GLY E 127 19.97 5.51 -29.02
N GLY E 128 18.67 5.54 -28.69
CA GLY E 128 17.84 6.70 -28.96
C GLY E 128 17.73 7.64 -27.75
N PRO E 129 17.27 8.88 -27.99
CA PRO E 129 17.18 9.92 -26.96
C PRO E 129 16.08 9.75 -25.93
N GLY E 130 15.17 8.81 -26.16
CA GLY E 130 13.94 8.75 -25.38
C GLY E 130 12.93 9.75 -25.96
N GLY E 131 11.78 9.89 -25.30
CA GLY E 131 10.73 10.79 -25.77
C GLY E 131 9.58 10.90 -24.79
N ILE E 132 8.53 11.62 -25.19
CA ILE E 132 7.31 11.78 -24.39
C ILE E 132 6.08 11.49 -25.26
N ILE E 133 5.17 10.67 -24.75
CA ILE E 133 3.91 10.42 -25.45
C ILE E 133 2.72 10.90 -24.63
N ALA E 134 1.93 11.79 -25.24
CA ALA E 134 0.65 12.20 -24.69
C ALA E 134 -0.44 11.49 -25.49
N ASN E 135 -1.17 10.59 -24.83
CA ASN E 135 -2.27 9.91 -25.51
C ASN E 135 -3.60 10.52 -25.14
N ILE E 136 -4.40 10.86 -26.14
CA ILE E 136 -5.76 11.26 -25.83
C ILE E 136 -6.61 9.99 -25.67
N CYS E 137 -6.95 9.70 -24.43
CA CYS E 137 -7.83 8.59 -24.15
C CYS E 137 -9.24 9.13 -23.86
N SER E 138 -9.78 8.89 -22.68
CA SER E 138 -11.14 9.35 -22.34
C SER E 138 -11.49 9.02 -20.90
N VAL E 139 -12.46 9.77 -20.37
CA VAL E 139 -13.11 9.42 -19.11
C VAL E 139 -13.93 8.13 -19.25
N THR E 140 -14.41 7.83 -20.46
CA THR E 140 -15.13 6.57 -20.72
C THR E 140 -14.19 5.39 -20.58
N GLY E 141 -12.89 5.69 -20.63
CA GLY E 141 -11.84 4.73 -20.31
C GLY E 141 -11.88 4.32 -18.85
N PHE E 142 -12.34 5.22 -17.99
CA PHE E 142 -12.54 4.91 -16.56
C PHE E 142 -13.93 4.29 -16.34
N ASN E 143 -14.96 4.92 -16.89
CA ASN E 143 -16.33 4.45 -16.73
C ASN E 143 -17.14 4.70 -18.00
N ALA E 144 -17.73 3.63 -18.50
CA ALA E 144 -18.30 3.64 -19.84
C ALA E 144 -19.56 4.52 -20.04
N ILE E 145 -19.78 4.94 -21.28
CA ILE E 145 -21.11 5.23 -21.75
C ILE E 145 -21.56 3.89 -22.33
N HIS E 146 -22.37 3.15 -21.57
CA HIS E 146 -22.70 1.78 -21.97
C HIS E 146 -23.53 1.64 -23.25
N GLN E 147 -24.03 2.75 -23.77
CA GLN E 147 -24.73 2.73 -25.06
C GLN E 147 -23.73 2.69 -26.20
N VAL E 148 -22.51 3.12 -25.89
CA VAL E 148 -21.36 2.93 -26.78
C VAL E 148 -20.27 2.11 -26.03
N PRO E 149 -20.56 0.81 -25.80
CA PRO E 149 -19.63 -0.04 -25.04
C PRO E 149 -18.32 -0.32 -25.77
N VAL E 150 -18.33 -0.31 -27.10
CA VAL E 150 -17.14 -0.59 -27.88
C VAL E 150 -16.20 0.62 -27.85
N TYR E 151 -16.72 1.81 -28.17
CA TYR E 151 -15.98 3.06 -27.94
C TYR E 151 -15.29 3.06 -26.58
N SER E 152 -16.08 2.85 -25.54
CA SER E 152 -15.60 2.97 -24.16
C SER E 152 -14.53 1.93 -23.77
N ALA E 153 -14.69 0.70 -24.26
CA ALA E 153 -13.70 -0.35 -24.02
C ALA E 153 -12.40 -0.05 -24.78
N SER E 154 -12.52 0.57 -25.95
CA SER E 154 -11.35 0.92 -26.75
C SER E 154 -10.55 1.99 -26.04
N LYS E 155 -11.27 2.84 -25.30
CA LYS E 155 -10.66 3.90 -24.51
C LYS E 155 -10.12 3.36 -23.20
N ALA E 156 -10.79 2.37 -22.61
CA ALA E 156 -10.23 1.67 -21.44
C ALA E 156 -8.91 0.96 -21.78
N ALA E 157 -8.82 0.43 -23.00
CA ALA E 157 -7.59 -0.22 -23.48
C ALA E 157 -6.42 0.77 -23.55
N VAL E 158 -6.68 1.96 -24.08
CA VAL E 158 -5.60 2.95 -24.22
C VAL E 158 -5.20 3.63 -22.90
N VAL E 159 -6.14 3.76 -21.96
CA VAL E 159 -5.79 4.20 -20.61
C VAL E 159 -4.81 3.21 -19.98
N SER E 160 -5.14 1.92 -20.04
CA SER E 160 -4.25 0.85 -19.60
C SER E 160 -2.89 0.86 -20.32
N PHE E 161 -2.93 0.86 -21.66
CA PHE E 161 -1.71 0.86 -22.46
C PHE E 161 -0.78 2.04 -22.14
N THR E 162 -1.36 3.22 -21.95
CA THR E 162 -0.57 4.41 -21.58
C THR E 162 0.04 4.25 -20.19
N ASN E 163 -0.75 3.74 -19.25
CA ASN E 163 -0.26 3.42 -17.91
C ASN E 163 0.97 2.51 -17.93
N SER E 164 0.93 1.48 -18.78
CA SER E 164 2.03 0.54 -18.93
C SER E 164 3.26 1.16 -19.60
N LEU E 165 3.01 2.06 -20.56
CA LEU E 165 4.09 2.78 -21.22
C LEU E 165 4.94 3.54 -20.21
N ALA E 166 4.26 4.28 -19.32
CA ALA E 166 4.90 5.04 -18.26
C ALA E 166 5.73 4.15 -17.33
N LYS E 167 5.20 2.98 -17.01
CA LYS E 167 5.93 2.00 -16.18
C LYS E 167 7.15 1.41 -16.91
N LEU E 168 7.19 1.53 -18.23
CA LEU E 168 8.30 1.02 -19.03
C LEU E 168 9.35 2.08 -19.37
N ALA E 169 9.11 3.30 -18.91
CA ALA E 169 10.03 4.43 -19.14
C ALA E 169 11.48 4.20 -18.69
N PRO E 170 11.68 3.52 -17.53
CA PRO E 170 13.05 3.14 -17.12
C PRO E 170 13.77 2.23 -18.10
N ILE E 171 13.02 1.48 -18.89
CA ILE E 171 13.62 0.55 -19.85
C ILE E 171 13.85 1.25 -21.20
N THR E 172 12.82 1.94 -21.67
CA THR E 172 12.77 2.45 -23.05
C THR E 172 13.29 3.89 -23.22
N GLY E 173 13.18 4.70 -22.18
CA GLY E 173 13.46 6.14 -22.27
C GLY E 173 12.22 6.97 -22.58
N VAL E 174 11.12 6.30 -22.90
CA VAL E 174 9.88 6.97 -23.29
C VAL E 174 8.89 7.12 -22.13
N THR E 175 8.70 8.35 -21.69
CA THR E 175 7.66 8.64 -20.71
C THR E 175 6.31 8.79 -21.42
N ALA E 176 5.20 8.60 -20.70
CA ALA E 176 3.86 8.78 -21.26
C ALA E 176 2.84 9.18 -20.22
N TYR E 177 1.76 9.81 -20.67
CA TYR E 177 0.63 10.16 -19.82
C TYR E 177 -0.61 10.24 -20.69
N SER E 178 -1.76 10.01 -20.06
CA SER E 178 -3.02 10.05 -20.77
C SER E 178 -3.73 11.37 -20.52
N ILE E 179 -4.37 11.84 -21.57
CA ILE E 179 -5.20 13.02 -21.53
C ILE E 179 -6.60 12.47 -21.68
N ASN E 180 -7.41 12.68 -20.65
CA ASN E 180 -8.75 12.12 -20.63
C ASN E 180 -9.81 13.21 -20.48
N PRO E 181 -10.33 13.72 -21.61
CA PRO E 181 -11.37 14.74 -21.61
C PRO E 181 -12.75 14.20 -21.22
N GLY E 182 -13.55 15.04 -20.57
CA GLY E 182 -14.96 14.75 -20.38
C GLY E 182 -15.70 15.10 -21.66
N ILE E 183 -17.02 15.15 -21.58
CA ILE E 183 -17.84 15.43 -22.75
C ILE E 183 -17.60 16.85 -23.26
N THR E 184 -17.11 16.95 -24.50
CA THR E 184 -16.62 18.19 -25.06
C THR E 184 -17.35 18.41 -26.38
N ARG E 185 -17.84 19.62 -26.62
CA ARG E 185 -18.75 19.87 -27.76
C ARG E 185 -18.01 19.99 -29.09
N THR E 186 -18.02 18.87 -29.82
CA THR E 186 -17.34 18.74 -31.10
C THR E 186 -18.29 18.00 -32.03
N PRO E 187 -17.96 17.88 -33.34
CA PRO E 187 -18.76 17.01 -34.19
C PRO E 187 -18.80 15.54 -33.76
N LEU E 188 -17.82 15.12 -32.95
CA LEU E 188 -17.76 13.72 -32.47
C LEU E 188 -19.03 13.29 -31.73
N VAL E 189 -19.52 14.16 -30.86
CA VAL E 189 -20.67 13.85 -30.01
C VAL E 189 -22.01 14.43 -30.50
N HIS E 190 -21.98 15.31 -31.51
CA HIS E 190 -23.20 15.96 -31.95
C HIS E 190 -24.24 14.93 -32.42
N THR E 191 -23.85 14.06 -33.35
CA THR E 191 -24.68 12.96 -33.82
C THR E 191 -23.81 11.70 -33.94
N PHE E 192 -24.25 10.59 -33.32
CA PHE E 192 -23.51 9.33 -33.36
C PHE E 192 -24.31 8.06 -33.11
N ASN E 193 -23.81 6.96 -33.65
CA ASN E 193 -24.47 5.66 -33.59
C ASN E 193 -24.17 4.87 -32.31
N SER E 194 -25.22 4.35 -31.69
CA SER E 194 -25.08 3.48 -30.51
C SER E 194 -24.99 2.01 -30.92
N TRP E 195 -24.45 1.17 -30.05
CA TRP E 195 -24.24 -0.25 -30.37
C TRP E 195 -25.57 -0.98 -30.47
N LEU E 196 -25.83 -1.61 -31.62
CA LEU E 196 -27.09 -2.32 -31.89
C LEU E 196 -28.32 -1.42 -31.78
N ASP E 197 -28.12 -0.13 -32.08
CA ASP E 197 -29.13 0.90 -31.91
C ASP E 197 -29.86 0.75 -30.60
N VAL E 198 -29.11 0.49 -29.52
CA VAL E 198 -29.71 0.35 -28.19
C VAL E 198 -30.36 1.64 -27.73
N GLU E 199 -29.78 2.77 -28.15
CA GLU E 199 -30.28 4.09 -27.81
C GLU E 199 -30.15 5.00 -29.03
N PRO E 200 -31.23 5.08 -29.83
CA PRO E 200 -31.23 5.92 -31.03
C PRO E 200 -31.08 7.40 -30.67
N ARG E 201 -31.26 7.71 -29.40
CA ARG E 201 -31.17 9.08 -28.89
C ARG E 201 -30.06 9.22 -27.84
N VAL E 202 -28.94 8.54 -28.09
CA VAL E 202 -27.77 8.67 -27.21
C VAL E 202 -27.18 10.08 -27.28
N ALA E 203 -27.05 10.60 -28.50
CA ALA E 203 -26.49 11.92 -28.74
C ALA E 203 -27.34 13.00 -28.05
N GLU E 204 -28.62 13.07 -28.41
CA GLU E 204 -29.56 14.02 -27.80
C GLU E 204 -29.48 13.95 -26.28
N LEU E 205 -29.60 12.73 -25.76
CA LEU E 205 -29.60 12.46 -24.32
C LEU E 205 -28.35 12.93 -23.61
N LEU E 206 -27.18 12.62 -24.18
CA LEU E 206 -25.88 12.96 -23.58
C LEU E 206 -25.62 14.47 -23.61
N LEU E 207 -25.88 15.09 -24.76
CA LEU E 207 -25.70 16.54 -24.93
C LEU E 207 -26.64 17.39 -24.07
N SER E 208 -27.80 16.82 -23.71
CA SER E 208 -28.73 17.49 -22.80
C SER E 208 -28.23 17.55 -21.35
N HIS E 209 -26.97 17.12 -21.14
CA HIS E 209 -26.33 17.18 -19.83
C HIS E 209 -25.12 18.12 -19.88
N PRO E 210 -24.48 18.40 -18.72
CA PRO E 210 -23.37 19.37 -18.69
C PRO E 210 -22.19 18.98 -19.59
N THR E 211 -21.65 19.98 -20.30
CA THR E 211 -20.54 19.77 -21.25
C THR E 211 -19.47 20.85 -21.13
N GLN E 212 -18.36 20.68 -21.85
CA GLN E 212 -17.34 21.73 -22.00
C GLN E 212 -17.10 22.02 -23.48
N THR E 213 -16.52 23.19 -23.76
CA THR E 213 -16.11 23.53 -25.13
C THR E 213 -14.70 23.00 -25.42
N SER E 214 -14.40 22.80 -26.70
CA SER E 214 -13.06 22.36 -27.15
C SER E 214 -12.00 23.41 -26.85
N GLU E 215 -12.43 24.67 -26.80
CA GLU E 215 -11.58 25.79 -26.39
C GLU E 215 -11.07 25.57 -24.96
N GLN E 216 -11.97 25.23 -24.05
CA GLN E 216 -11.64 24.93 -22.65
C GLN E 216 -10.75 23.69 -22.53
N CYS E 217 -11.11 22.65 -23.28
CA CYS E 217 -10.34 21.41 -23.34
C CYS E 217 -8.89 21.68 -23.75
N GLY E 218 -8.73 22.40 -24.86
CA GLY E 218 -7.42 22.80 -25.36
C GLY E 218 -6.52 23.47 -24.31
N GLN E 219 -7.07 24.45 -23.59
CA GLN E 219 -6.32 25.19 -22.58
C GLN E 219 -5.66 24.24 -21.59
N ASN E 220 -6.48 23.40 -20.95
CA ASN E 220 -6.01 22.45 -19.95
C ASN E 220 -5.10 21.34 -20.50
N PHE E 221 -5.28 21.02 -21.77
CA PHE E 221 -4.45 20.03 -22.48
C PHE E 221 -2.98 20.45 -22.42
N VAL E 222 -2.67 21.62 -22.96
CA VAL E 222 -1.30 22.16 -22.97
C VAL E 222 -0.79 22.34 -21.54
N LYS E 223 -1.68 22.79 -20.65
CA LYS E 223 -1.37 22.88 -19.22
C LYS E 223 -0.87 21.53 -18.68
N ALA E 224 -1.48 20.44 -19.13
CA ALA E 224 -1.04 19.10 -18.75
C ALA E 224 0.30 18.71 -19.39
N ILE E 225 0.51 19.12 -20.65
CA ILE E 225 1.76 18.85 -21.38
C ILE E 225 2.93 19.56 -20.69
N GLU E 226 2.69 20.83 -20.31
CA GLU E 226 3.71 21.62 -19.62
C GLU E 226 4.05 21.04 -18.25
N ALA E 227 3.09 20.37 -17.61
CA ALA E 227 3.33 19.65 -16.35
C ALA E 227 4.26 18.45 -16.54
N ASN E 228 4.16 17.78 -17.67
CA ASN E 228 5.05 16.67 -18.03
C ASN E 228 5.28 15.62 -16.92
N LYS E 229 4.20 15.17 -16.29
CA LYS E 229 4.31 14.14 -15.27
C LYS E 229 4.15 12.76 -15.87
N ASN E 230 5.23 11.99 -15.84
CA ASN E 230 5.17 10.61 -16.31
C ASN E 230 4.15 9.78 -15.53
N GLY E 231 3.34 9.01 -16.25
CA GLY E 231 2.39 8.08 -15.65
C GLY E 231 1.16 8.75 -15.10
N ALA E 232 1.03 10.05 -15.38
CA ALA E 232 -0.14 10.79 -14.96
C ALA E 232 -1.35 10.36 -15.75
N ILE E 233 -2.50 10.36 -15.08
CA ILE E 233 -3.78 10.14 -15.71
C ILE E 233 -4.59 11.41 -15.47
N TRP E 234 -4.57 12.30 -16.45
CA TRP E 234 -5.23 13.60 -16.34
C TRP E 234 -6.70 13.52 -16.74
N LYS E 235 -7.57 13.98 -15.85
CA LYS E 235 -8.98 14.16 -16.19
C LYS E 235 -9.20 15.62 -16.53
N LEU E 236 -9.83 15.85 -17.67
CA LEU E 236 -10.07 17.20 -18.22
C LEU E 236 -11.57 17.34 -18.46
N ASP E 237 -12.29 17.61 -17.37
CA ASP E 237 -13.75 17.50 -17.36
C ASP E 237 -14.42 18.83 -17.00
N LEU E 238 -15.38 19.25 -17.82
CA LEU E 238 -16.18 20.47 -17.60
C LEU E 238 -15.37 21.75 -17.31
N GLY E 239 -14.27 21.93 -18.05
CA GLY E 239 -13.42 23.12 -17.95
C GLY E 239 -12.28 23.05 -16.95
N THR E 240 -12.17 21.93 -16.22
CA THR E 240 -11.17 21.79 -15.16
C THR E 240 -10.06 20.80 -15.54
N LEU E 241 -8.93 20.85 -14.82
CA LEU E 241 -7.85 19.89 -14.94
C LEU E 241 -7.55 19.26 -13.59
N GLU E 242 -7.36 17.93 -13.59
CA GLU E 242 -7.20 17.14 -12.37
C GLU E 242 -6.53 15.81 -12.73
N ALA E 243 -5.75 15.26 -11.79
CA ALA E 243 -5.07 13.97 -12.00
C ALA E 243 -5.69 12.88 -11.13
N ILE E 244 -6.36 11.91 -11.75
CA ILE E 244 -7.01 10.83 -10.98
C ILE E 244 -6.00 9.77 -10.55
N GLU E 245 -6.32 9.06 -9.48
CA GLU E 245 -5.47 7.99 -8.96
C GLU E 245 -6.11 6.64 -9.27
N TRP E 246 -5.31 5.73 -9.81
CA TRP E 246 -5.81 4.43 -10.25
C TRP E 246 -5.92 3.43 -9.11
N THR E 247 -7.13 2.89 -8.93
CA THR E 247 -7.41 1.86 -7.94
C THR E 247 -6.58 0.62 -8.22
N LYS E 248 -5.85 0.16 -7.21
CA LYS E 248 -5.11 -1.09 -7.29
C LYS E 248 -6.02 -2.22 -6.82
N HIS E 249 -6.37 -3.11 -7.75
CA HIS E 249 -7.18 -4.29 -7.44
C HIS E 249 -6.29 -5.54 -7.35
N TRP E 250 -5.30 -5.61 -8.23
CA TRP E 250 -4.40 -6.76 -8.31
C TRP E 250 -2.98 -6.29 -8.54
N ASP E 251 -2.04 -6.98 -7.90
CA ASP E 251 -0.62 -6.68 -8.05
C ASP E 251 0.09 -7.82 -8.77
N SER E 252 0.73 -7.49 -9.89
CA SER E 252 1.50 -8.46 -10.65
C SER E 252 2.73 -8.90 -9.88
N HIS E 253 3.18 -8.02 -8.99
CA HIS E 253 4.41 -8.21 -8.21
C HIS E 253 5.68 -8.18 -9.06
N ILE E 254 5.52 -7.90 -10.36
CA ILE E 254 6.67 -7.69 -11.25
C ILE E 254 6.62 -6.33 -11.96
N MET F 1 -28.11 -20.20 -9.85
CA MET F 1 -28.19 -20.87 -11.18
C MET F 1 -28.02 -22.38 -11.04
N ASP F 2 -28.97 -23.13 -11.60
CA ASP F 2 -28.87 -24.58 -11.67
C ASP F 2 -28.56 -25.03 -13.09
N LEU F 3 -27.33 -25.49 -13.29
CA LEU F 3 -26.85 -25.90 -14.62
C LEU F 3 -27.53 -27.15 -15.15
N THR F 4 -28.26 -27.85 -14.27
CA THR F 4 -29.03 -29.01 -14.65
C THR F 4 -29.94 -28.73 -15.85
N ASN F 5 -29.75 -29.50 -16.91
CA ASN F 5 -30.52 -29.44 -18.16
C ASN F 5 -30.26 -28.24 -19.08
N LYS F 6 -29.25 -27.44 -18.77
CA LYS F 6 -29.00 -26.23 -19.54
C LYS F 6 -28.17 -26.46 -20.81
N ASN F 7 -28.33 -25.55 -21.76
CA ASN F 7 -27.51 -25.51 -22.96
C ASN F 7 -26.44 -24.44 -22.86
N VAL F 8 -25.20 -24.83 -23.12
CA VAL F 8 -24.04 -23.95 -23.01
C VAL F 8 -23.19 -23.98 -24.28
N ILE F 9 -22.80 -22.79 -24.76
CA ILE F 9 -21.76 -22.62 -25.76
C ILE F 9 -20.50 -22.12 -25.05
N PHE F 10 -19.38 -22.79 -25.32
CA PHE F 10 -18.10 -22.44 -24.69
C PHE F 10 -17.09 -22.28 -25.82
N VAL F 11 -16.77 -21.02 -26.10
CA VAL F 11 -15.72 -20.67 -27.06
C VAL F 11 -14.37 -20.89 -26.35
N ALA F 12 -13.53 -21.73 -26.95
CA ALA F 12 -12.20 -22.13 -26.43
C ALA F 12 -12.27 -23.00 -25.18
N ALA F 13 -13.09 -24.05 -25.26
CA ALA F 13 -13.32 -24.95 -24.12
C ALA F 13 -12.17 -25.92 -23.84
N LEU F 14 -11.21 -26.03 -24.75
CA LEU F 14 -10.19 -27.08 -24.65
C LEU F 14 -8.79 -26.63 -24.26
N GLY F 15 -8.64 -25.34 -23.95
CA GLY F 15 -7.36 -24.80 -23.49
C GLY F 15 -7.12 -25.11 -22.01
N GLY F 16 -6.09 -24.48 -21.42
CA GLY F 16 -5.72 -24.75 -20.03
C GLY F 16 -6.81 -24.51 -19.00
N ILE F 17 -7.17 -23.25 -18.82
CA ILE F 17 -8.30 -22.88 -17.97
C ILE F 17 -9.62 -23.47 -18.47
N GLY F 18 -9.89 -23.31 -19.77
CA GLY F 18 -11.09 -23.87 -20.40
C GLY F 18 -11.35 -25.34 -20.14
N LEU F 19 -10.35 -26.18 -20.37
CA LEU F 19 -10.56 -27.64 -20.24
C LEU F 19 -10.90 -28.05 -18.81
N ASP F 20 -10.19 -27.47 -17.84
CA ASP F 20 -10.49 -27.73 -16.43
C ASP F 20 -11.87 -27.22 -16.03
N THR F 21 -12.27 -26.06 -16.56
CA THR F 21 -13.63 -25.55 -16.36
C THR F 21 -14.63 -26.50 -17.01
N SER F 22 -14.28 -26.99 -18.21
CA SER F 22 -15.16 -27.89 -18.95
C SER F 22 -15.40 -29.21 -18.23
N ARG F 23 -14.35 -29.75 -17.62
CA ARG F 23 -14.44 -30.96 -16.80
C ARG F 23 -15.44 -30.83 -15.65
N GLU F 24 -15.44 -29.67 -14.99
CA GLU F 24 -16.32 -29.38 -13.88
C GLU F 24 -17.75 -29.09 -14.34
N LEU F 25 -17.89 -28.34 -15.43
CA LEU F 25 -19.21 -28.05 -16.00
C LEU F 25 -20.00 -29.33 -16.33
N VAL F 26 -19.34 -30.28 -16.98
CA VAL F 26 -20.02 -31.53 -17.37
C VAL F 26 -20.31 -32.46 -16.18
N LYS F 27 -19.70 -32.20 -15.02
CA LYS F 27 -20.08 -32.88 -13.77
C LYS F 27 -21.49 -32.50 -13.36
N ARG F 28 -21.99 -31.38 -13.87
CA ARG F 28 -23.41 -31.05 -13.78
C ARG F 28 -24.13 -31.73 -14.94
N ASN F 29 -25.41 -32.03 -14.75
CA ASN F 29 -26.19 -32.60 -15.84
C ASN F 29 -26.67 -31.53 -16.81
N LEU F 30 -25.71 -30.90 -17.51
CA LEU F 30 -26.02 -30.06 -18.65
C LEU F 30 -26.69 -30.96 -19.68
N LYS F 31 -27.61 -30.39 -20.45
CA LYS F 31 -28.24 -31.12 -21.55
C LYS F 31 -27.35 -31.09 -22.77
N ASN F 32 -26.90 -29.89 -23.13
CA ASN F 32 -25.98 -29.71 -24.25
C ASN F 32 -24.81 -28.82 -23.90
N PHE F 33 -23.63 -29.24 -24.35
CA PHE F 33 -22.40 -28.51 -24.14
C PHE F 33 -21.73 -28.40 -25.51
N VAL F 34 -21.74 -27.20 -26.07
CA VAL F 34 -21.24 -26.95 -27.42
C VAL F 34 -19.88 -26.25 -27.37
N ILE F 35 -18.88 -26.89 -27.97
CA ILE F 35 -17.51 -26.41 -27.92
C ILE F 35 -17.12 -25.79 -29.25
N LEU F 36 -16.63 -24.55 -29.20
CA LEU F 36 -16.11 -23.83 -30.36
C LEU F 36 -14.63 -23.51 -30.10
N ASP F 37 -13.74 -24.09 -30.87
CA ASP F 37 -12.31 -23.83 -30.69
C ASP F 37 -11.56 -23.84 -32.02
N ARG F 38 -10.38 -23.23 -32.05
CA ARG F 38 -9.58 -23.03 -33.26
C ARG F 38 -9.04 -24.33 -33.86
N VAL F 39 -8.62 -25.25 -33.00
CA VAL F 39 -8.13 -26.58 -33.41
C VAL F 39 -8.82 -27.66 -32.58
N GLU F 40 -9.11 -28.78 -33.24
CA GLU F 40 -9.62 -29.98 -32.58
C GLU F 40 -8.54 -30.61 -31.71
N ASN F 41 -8.90 -30.91 -30.46
CA ASN F 41 -8.10 -31.80 -29.62
C ASN F 41 -8.90 -33.08 -29.35
N PRO F 42 -8.70 -34.09 -30.20
CA PRO F 42 -9.50 -35.33 -30.15
C PRO F 42 -9.41 -36.06 -28.80
N THR F 43 -8.21 -36.13 -28.23
CA THR F 43 -8.05 -36.77 -26.93
C THR F 43 -8.89 -36.06 -25.87
N ALA F 44 -8.75 -34.73 -25.78
CA ALA F 44 -9.46 -33.92 -24.79
C ALA F 44 -10.95 -34.12 -24.91
N LEU F 45 -11.42 -34.14 -26.15
CA LEU F 45 -12.84 -34.24 -26.43
C LEU F 45 -13.41 -35.58 -26.01
N ALA F 46 -12.75 -36.67 -26.41
CA ALA F 46 -13.16 -38.02 -26.01
C ALA F 46 -13.14 -38.16 -24.48
N GLU F 47 -12.13 -37.59 -23.83
CA GLU F 47 -12.05 -37.62 -22.37
C GLU F 47 -13.23 -36.89 -21.72
N LEU F 48 -13.52 -35.70 -22.21
CA LEU F 48 -14.61 -34.88 -21.69
C LEU F 48 -15.97 -35.57 -21.76
N LYS F 49 -16.21 -36.27 -22.87
CA LYS F 49 -17.45 -36.98 -23.11
C LYS F 49 -17.66 -38.17 -22.17
N ALA F 50 -16.56 -38.78 -21.76
CA ALA F 50 -16.60 -39.97 -20.91
C ALA F 50 -16.93 -39.63 -19.45
N ILE F 51 -16.82 -38.35 -19.09
CA ILE F 51 -17.07 -37.94 -17.70
C ILE F 51 -18.55 -38.08 -17.34
N ASN F 52 -19.41 -37.65 -18.26
CA ASN F 52 -20.85 -37.74 -18.06
C ASN F 52 -21.58 -38.01 -19.39
N PRO F 53 -21.71 -39.30 -19.77
CA PRO F 53 -22.45 -39.80 -20.94
C PRO F 53 -23.86 -39.24 -21.14
N LYS F 54 -24.49 -38.73 -20.08
CA LYS F 54 -25.79 -38.03 -20.18
C LYS F 54 -25.71 -36.74 -21.01
N VAL F 55 -24.65 -35.96 -20.76
CA VAL F 55 -24.44 -34.65 -21.43
C VAL F 55 -24.13 -34.81 -22.92
N ASN F 56 -24.79 -34.01 -23.75
CA ASN F 56 -24.48 -33.96 -25.18
C ASN F 56 -23.37 -32.95 -25.50
N ILE F 57 -22.18 -33.46 -25.79
CA ILE F 57 -21.05 -32.61 -26.16
C ILE F 57 -20.85 -32.61 -27.68
N THR F 58 -20.87 -31.41 -28.29
CA THR F 58 -20.59 -31.27 -29.71
C THR F 58 -19.37 -30.37 -29.90
N PHE F 59 -18.75 -30.44 -31.08
CA PHE F 59 -17.58 -29.62 -31.34
C PHE F 59 -17.68 -28.94 -32.69
N HIS F 60 -17.29 -27.66 -32.72
CA HIS F 60 -17.12 -26.92 -33.97
C HIS F 60 -15.74 -26.29 -34.03
N THR F 61 -15.06 -26.46 -35.17
CA THR F 61 -13.85 -25.71 -35.48
C THR F 61 -14.24 -24.27 -35.77
N TYR F 62 -13.67 -23.34 -35.02
CA TYR F 62 -14.12 -21.96 -35.07
C TYR F 62 -12.99 -21.01 -34.74
N ASP F 63 -12.80 -20.01 -35.59
CA ASP F 63 -11.82 -18.97 -35.38
C ASP F 63 -12.56 -17.69 -35.02
N VAL F 64 -12.27 -17.14 -33.84
CA VAL F 64 -12.97 -15.97 -33.30
C VAL F 64 -12.70 -14.66 -34.07
N THR F 65 -11.69 -14.68 -34.95
CA THR F 65 -11.30 -13.50 -35.74
C THR F 65 -12.05 -13.37 -37.06
N VAL F 66 -13.02 -14.24 -37.27
CA VAL F 66 -13.83 -14.21 -38.48
C VAL F 66 -14.87 -13.07 -38.40
N PRO F 67 -15.32 -12.58 -39.58
CA PRO F 67 -16.39 -11.59 -39.67
C PRO F 67 -17.63 -12.01 -38.89
N VAL F 68 -18.33 -11.03 -38.33
CA VAL F 68 -19.54 -11.28 -37.54
C VAL F 68 -20.62 -12.08 -38.31
N ALA F 69 -20.68 -11.90 -39.64
CA ALA F 69 -21.58 -12.68 -40.47
C ALA F 69 -21.28 -14.17 -40.31
N GLU F 70 -20.00 -14.55 -40.39
CA GLU F 70 -19.55 -15.92 -40.20
C GLU F 70 -20.00 -16.49 -38.86
N SER F 71 -19.83 -15.70 -37.79
CA SER F 71 -20.23 -16.10 -36.44
C SER F 71 -21.73 -16.30 -36.31
N LYS F 72 -22.48 -15.32 -36.81
CA LYS F 72 -23.94 -15.38 -36.96
C LYS F 72 -24.37 -16.68 -37.65
N LYS F 73 -23.65 -17.03 -38.72
CA LYS F 73 -23.90 -18.23 -39.51
C LYS F 73 -23.76 -19.51 -38.68
N LEU F 74 -22.64 -19.64 -37.95
CA LEU F 74 -22.44 -20.80 -37.08
C LEU F 74 -23.50 -20.84 -35.99
N LEU F 75 -23.76 -19.70 -35.37
CA LEU F 75 -24.72 -19.63 -34.29
C LEU F 75 -26.15 -19.97 -34.75
N LYS F 76 -26.44 -19.70 -36.03
CA LYS F 76 -27.70 -20.12 -36.65
C LYS F 76 -27.81 -21.64 -36.71
N LYS F 77 -26.75 -22.28 -37.18
CA LYS F 77 -26.66 -23.74 -37.23
C LYS F 77 -26.97 -24.39 -35.87
N ILE F 78 -26.55 -23.72 -34.79
CA ILE F 78 -26.64 -24.25 -33.42
C ILE F 78 -28.03 -24.02 -32.81
N PHE F 79 -28.54 -22.80 -32.94
CA PHE F 79 -29.87 -22.44 -32.43
C PHE F 79 -30.99 -23.19 -33.13
N ASP F 80 -30.80 -23.52 -34.41
CA ASP F 80 -31.77 -24.31 -35.16
C ASP F 80 -31.88 -25.70 -34.52
N GLN F 81 -30.72 -26.32 -34.29
CA GLN F 81 -30.60 -27.63 -33.62
C GLN F 81 -31.03 -27.62 -32.16
N LEU F 82 -30.60 -26.62 -31.40
CA LEU F 82 -30.85 -26.58 -29.95
C LEU F 82 -32.12 -25.83 -29.56
N LYS F 83 -32.55 -24.92 -30.44
CA LYS F 83 -33.69 -23.99 -30.21
C LYS F 83 -33.38 -22.89 -29.20
N THR F 84 -32.74 -23.28 -28.10
CA THR F 84 -32.37 -22.35 -27.03
C THR F 84 -30.95 -22.59 -26.53
N VAL F 85 -30.30 -21.50 -26.10
CA VAL F 85 -29.00 -21.55 -25.43
C VAL F 85 -29.12 -20.67 -24.19
N ASP F 86 -28.72 -21.20 -23.04
CA ASP F 86 -28.82 -20.47 -21.77
C ASP F 86 -27.62 -19.58 -21.46
N ILE F 87 -26.42 -20.05 -21.79
CA ILE F 87 -25.19 -19.35 -21.43
C ILE F 87 -24.19 -19.41 -22.57
N LEU F 88 -23.54 -18.27 -22.81
CA LEU F 88 -22.36 -18.18 -23.63
C LEU F 88 -21.14 -17.93 -22.75
N ILE F 89 -20.09 -18.74 -22.94
CA ILE F 89 -18.79 -18.47 -22.31
C ILE F 89 -17.76 -18.12 -23.38
N ASN F 90 -17.28 -16.88 -23.32
CA ASN F 90 -16.24 -16.39 -24.20
C ASN F 90 -14.86 -16.58 -23.55
N GLY F 91 -14.14 -17.61 -23.99
CA GLY F 91 -12.85 -17.93 -23.42
C GLY F 91 -11.64 -17.81 -24.32
N ALA F 92 -11.82 -17.30 -25.54
CA ALA F 92 -10.70 -17.17 -26.48
C ALA F 92 -9.67 -16.14 -26.00
N GLY F 93 -8.39 -16.44 -26.23
CA GLY F 93 -7.30 -15.56 -25.84
C GLY F 93 -5.92 -16.03 -26.28
N ILE F 94 -5.05 -15.08 -26.63
CA ILE F 94 -3.62 -15.36 -26.80
C ILE F 94 -2.79 -14.40 -25.96
N LEU F 95 -1.56 -14.81 -25.66
CA LEU F 95 -0.63 -13.97 -24.94
C LEU F 95 0.68 -13.99 -25.72
N ASP F 96 0.93 -12.86 -26.40
CA ASP F 96 2.04 -12.73 -27.33
C ASP F 96 2.08 -11.31 -27.89
N ASP F 97 2.73 -10.43 -27.13
CA ASP F 97 2.87 -9.03 -27.52
C ASP F 97 3.79 -8.75 -28.72
N HIS F 98 4.22 -9.83 -29.39
CA HIS F 98 4.89 -9.71 -30.70
C HIS F 98 3.82 -9.70 -31.78
N GLN F 99 2.61 -10.08 -31.38
CA GLN F 99 1.45 -10.15 -32.26
C GLN F 99 0.43 -9.09 -31.83
N ILE F 100 0.65 -7.85 -32.24
CA ILE F 100 -0.23 -6.72 -31.87
C ILE F 100 -1.65 -6.85 -32.47
N GLU F 101 -1.74 -6.95 -33.80
CA GLU F 101 -3.03 -7.09 -34.47
C GLU F 101 -3.83 -8.31 -34.02
N ARG F 102 -3.16 -9.46 -33.96
CA ARG F 102 -3.80 -10.73 -33.60
C ARG F 102 -4.29 -10.74 -32.15
N THR F 103 -3.47 -10.24 -31.22
CA THR F 103 -3.86 -10.09 -29.81
C THR F 103 -5.16 -9.30 -29.67
N ILE F 104 -5.20 -8.12 -30.27
CA ILE F 104 -6.40 -7.28 -30.23
C ILE F 104 -7.57 -7.97 -30.93
N ALA F 105 -7.34 -8.56 -32.09
CA ALA F 105 -8.40 -9.27 -32.82
C ALA F 105 -9.03 -10.43 -32.02
N ILE F 106 -8.18 -11.17 -31.30
CA ILE F 106 -8.66 -12.37 -30.60
C ILE F 106 -9.27 -12.03 -29.27
N ASN F 107 -8.52 -11.30 -28.44
CA ASN F 107 -8.93 -11.05 -27.06
C ASN F 107 -10.06 -10.03 -26.92
N PHE F 108 -10.14 -9.10 -27.87
CA PHE F 108 -11.05 -7.97 -27.73
C PHE F 108 -12.12 -7.99 -28.81
N THR F 109 -11.73 -7.75 -30.05
CA THR F 109 -12.66 -7.70 -31.20
C THR F 109 -13.49 -8.99 -31.34
N GLY F 110 -12.81 -10.13 -31.25
CA GLY F 110 -13.47 -11.43 -31.37
C GLY F 110 -14.55 -11.60 -30.33
N LEU F 111 -14.24 -11.25 -29.09
CA LEU F 111 -15.21 -11.33 -27.98
C LEU F 111 -16.43 -10.41 -28.22
N VAL F 112 -16.17 -9.18 -28.64
CA VAL F 112 -17.22 -8.21 -28.94
C VAL F 112 -18.11 -8.70 -30.08
N ASN F 113 -17.48 -9.26 -31.11
CA ASN F 113 -18.19 -9.79 -32.27
C ASN F 113 -19.10 -10.99 -31.95
N VAL F 114 -18.59 -11.95 -31.16
CA VAL F 114 -19.41 -13.11 -30.75
C VAL F 114 -20.61 -12.63 -29.93
N THR F 115 -20.38 -11.64 -29.08
CA THR F 115 -21.44 -11.08 -28.26
C THR F 115 -22.52 -10.44 -29.16
N THR F 116 -22.06 -9.68 -30.16
CA THR F 116 -22.91 -9.01 -31.14
C THR F 116 -23.65 -10.00 -32.06
N ALA F 117 -22.99 -11.11 -32.40
CA ALA F 117 -23.61 -12.17 -33.18
C ALA F 117 -24.76 -12.84 -32.41
N ILE F 118 -24.50 -13.27 -31.17
CA ILE F 118 -25.49 -14.02 -30.38
C ILE F 118 -26.72 -13.18 -30.00
N LEU F 119 -26.51 -11.88 -29.76
CA LEU F 119 -27.60 -10.93 -29.50
C LEU F 119 -28.68 -10.92 -30.59
N ASP F 120 -28.31 -11.30 -31.80
CA ASP F 120 -29.26 -11.48 -32.90
C ASP F 120 -30.33 -12.51 -32.51
N PHE F 121 -29.92 -13.50 -31.73
CA PHE F 121 -30.81 -14.58 -31.28
C PHE F 121 -31.43 -14.34 -29.91
N TRP F 122 -30.77 -13.53 -29.08
CA TRP F 122 -31.20 -13.32 -27.70
C TRP F 122 -31.91 -11.98 -27.43
N ASP F 123 -31.70 -10.99 -28.30
CA ASP F 123 -32.30 -9.66 -28.10
C ASP F 123 -33.81 -9.77 -28.07
N LYS F 124 -34.42 -9.29 -26.99
CA LYS F 124 -35.89 -9.32 -26.85
C LYS F 124 -36.61 -8.37 -27.81
N ARG F 125 -35.94 -7.26 -28.13
CA ARG F 125 -36.43 -6.31 -29.13
C ARG F 125 -36.72 -7.00 -30.46
N LYS F 126 -36.06 -8.13 -30.70
CA LYS F 126 -36.29 -8.92 -31.92
C LYS F 126 -37.27 -10.07 -31.67
N GLY F 127 -37.68 -10.22 -30.41
CA GLY F 127 -38.59 -11.30 -30.02
C GLY F 127 -37.88 -12.49 -29.40
N GLY F 128 -36.69 -12.26 -28.83
CA GLY F 128 -35.86 -13.32 -28.25
C GLY F 128 -35.88 -13.42 -26.72
N PRO F 129 -35.39 -14.57 -26.19
CA PRO F 129 -35.51 -14.97 -24.77
C PRO F 129 -34.59 -14.28 -23.76
N GLY F 130 -33.59 -13.54 -24.25
CA GLY F 130 -32.55 -13.05 -23.36
C GLY F 130 -31.49 -14.12 -23.16
N GLY F 131 -30.60 -13.90 -22.20
CA GLY F 131 -29.51 -14.84 -21.96
C GLY F 131 -28.41 -14.35 -21.05
N ILE F 132 -27.31 -15.12 -20.99
CA ILE F 132 -26.20 -14.88 -20.06
C ILE F 132 -24.87 -15.02 -20.78
N ILE F 133 -23.94 -14.10 -20.49
CA ILE F 133 -22.60 -14.13 -21.08
C ILE F 133 -21.53 -14.07 -19.98
N ALA F 134 -20.66 -15.09 -19.96
CA ALA F 134 -19.54 -15.09 -19.04
C ALA F 134 -18.29 -14.87 -19.86
N ASN F 135 -17.64 -13.74 -19.62
CA ASN F 135 -16.48 -13.37 -20.42
C ASN F 135 -15.23 -13.62 -19.62
N ILE F 136 -14.37 -14.51 -20.11
CA ILE F 136 -13.07 -14.71 -19.50
C ILE F 136 -12.17 -13.54 -19.86
N CYS F 137 -11.89 -12.69 -18.86
CA CYS F 137 -11.02 -11.55 -19.07
C CYS F 137 -9.66 -11.82 -18.41
N SER F 138 -9.32 -11.05 -17.38
CA SER F 138 -8.03 -11.20 -16.70
C SER F 138 -7.82 -10.09 -15.66
N VAL F 139 -7.12 -10.44 -14.58
CA VAL F 139 -6.69 -9.46 -13.58
C VAL F 139 -5.84 -8.33 -14.19
N THR F 140 -5.14 -8.64 -15.29
CA THR F 140 -4.37 -7.61 -16.00
C THR F 140 -5.26 -6.55 -16.64
N GLY F 141 -6.57 -6.82 -16.71
CA GLY F 141 -7.56 -5.82 -17.11
C GLY F 141 -7.92 -4.85 -15.99
N PHE F 142 -7.52 -5.18 -14.76
CA PHE F 142 -7.67 -4.29 -13.60
C PHE F 142 -6.41 -3.43 -13.48
N ASN F 143 -5.29 -4.12 -13.37
CA ASN F 143 -3.97 -3.52 -13.29
C ASN F 143 -3.05 -4.32 -14.18
N ALA F 144 -2.47 -3.65 -15.17
CA ALA F 144 -1.70 -4.30 -16.21
C ALA F 144 -0.48 -5.03 -15.71
N ILE F 145 -0.11 -6.09 -16.41
CA ILE F 145 1.27 -6.55 -16.42
C ILE F 145 1.91 -5.66 -17.49
N HIS F 146 2.63 -4.63 -17.03
CA HIS F 146 3.12 -3.59 -17.92
C HIS F 146 4.17 -4.08 -18.91
N GLN F 147 4.73 -5.28 -18.68
CA GLN F 147 5.66 -5.93 -19.63
C GLN F 147 4.94 -6.57 -20.82
N VAL F 148 3.65 -6.88 -20.65
CA VAL F 148 2.83 -7.25 -21.80
C VAL F 148 1.69 -6.22 -21.95
N PRO F 149 2.03 -4.97 -22.34
CA PRO F 149 1.05 -3.91 -22.27
C PRO F 149 -0.12 -4.08 -23.25
N VAL F 150 0.11 -4.71 -24.40
CA VAL F 150 -0.98 -4.91 -25.38
C VAL F 150 -1.98 -5.98 -24.91
N TYR F 151 -1.47 -7.13 -24.46
CA TYR F 151 -2.31 -8.14 -23.81
C TYR F 151 -3.16 -7.52 -22.70
N SER F 152 -2.49 -6.84 -21.76
CA SER F 152 -3.19 -6.23 -20.63
C SER F 152 -4.21 -5.20 -21.07
N ALA F 153 -3.83 -4.36 -22.04
CA ALA F 153 -4.76 -3.39 -22.66
C ALA F 153 -6.00 -4.07 -23.28
N SER F 154 -5.79 -5.20 -23.94
CA SER F 154 -6.91 -5.93 -24.57
C SER F 154 -7.85 -6.50 -23.50
N LYS F 155 -7.28 -6.84 -22.34
CA LYS F 155 -8.08 -7.34 -21.22
C LYS F 155 -8.79 -6.23 -20.46
N ALA F 156 -8.18 -5.05 -20.41
CA ALA F 156 -8.87 -3.88 -19.86
C ALA F 156 -10.10 -3.55 -20.71
N ALA F 157 -9.97 -3.74 -22.02
CA ALA F 157 -11.07 -3.51 -22.94
C ALA F 157 -12.26 -4.44 -22.68
N VAL F 158 -11.98 -5.71 -22.46
CA VAL F 158 -13.06 -6.67 -22.23
C VAL F 158 -13.65 -6.59 -20.83
N VAL F 159 -12.88 -6.11 -19.85
CA VAL F 159 -13.43 -5.88 -18.51
C VAL F 159 -14.50 -4.78 -18.59
N SER F 160 -14.11 -3.67 -19.22
CA SER F 160 -14.99 -2.53 -19.47
C SER F 160 -16.23 -2.91 -20.26
N PHE F 161 -16.01 -3.57 -21.40
CA PHE F 161 -17.08 -4.03 -22.29
C PHE F 161 -18.08 -4.92 -21.56
N THR F 162 -17.57 -5.77 -20.67
CA THR F 162 -18.40 -6.67 -19.88
C THR F 162 -19.18 -5.88 -18.83
N ASN F 163 -18.55 -4.88 -18.23
CA ASN F 163 -19.26 -3.94 -17.35
C ASN F 163 -20.44 -3.28 -18.04
N SER F 164 -20.23 -2.82 -19.27
CA SER F 164 -21.29 -2.18 -20.05
C SER F 164 -22.42 -3.12 -20.41
N LEU F 165 -22.07 -4.32 -20.88
CA LEU F 165 -23.06 -5.34 -21.25
C LEU F 165 -24.09 -5.56 -20.15
N ALA F 166 -23.61 -5.65 -18.91
CA ALA F 166 -24.49 -5.84 -17.77
C ALA F 166 -25.53 -4.71 -17.67
N LYS F 167 -25.11 -3.48 -17.95
CA LYS F 167 -25.99 -2.31 -17.83
C LYS F 167 -27.01 -2.21 -18.95
N LEU F 168 -26.70 -2.80 -20.10
CA LEU F 168 -27.63 -2.86 -21.22
C LEU F 168 -28.68 -3.98 -21.09
N ALA F 169 -28.65 -4.70 -19.97
CA ALA F 169 -29.55 -5.83 -19.73
C ALA F 169 -31.06 -5.54 -19.89
N PRO F 170 -31.56 -4.42 -19.29
CA PRO F 170 -32.99 -4.10 -19.39
C PRO F 170 -33.44 -3.84 -20.82
N ILE F 171 -32.52 -3.43 -21.68
CA ILE F 171 -32.83 -3.18 -23.09
C ILE F 171 -32.80 -4.49 -23.88
N THR F 172 -31.79 -5.32 -23.61
CA THR F 172 -31.44 -6.47 -24.45
C THR F 172 -32.03 -7.81 -24.00
N GLY F 173 -32.16 -7.99 -22.69
CA GLY F 173 -32.51 -9.30 -22.13
C GLY F 173 -31.27 -10.12 -21.82
N VAL F 174 -30.11 -9.67 -22.29
CA VAL F 174 -28.86 -10.41 -22.13
C VAL F 174 -28.02 -9.85 -20.98
N THR F 175 -27.85 -10.68 -19.95
CA THR F 175 -27.05 -10.37 -18.80
C THR F 175 -25.59 -10.82 -19.01
N ALA F 176 -24.67 -10.37 -18.14
CA ALA F 176 -23.24 -10.63 -18.33
C ALA F 176 -22.41 -10.36 -17.08
N TYR F 177 -21.32 -11.09 -16.94
CA TYR F 177 -20.34 -10.86 -15.86
C TYR F 177 -18.94 -11.27 -16.35
N SER F 178 -17.91 -10.75 -15.70
CA SER F 178 -16.54 -11.09 -16.11
C SER F 178 -15.87 -12.09 -15.16
N ILE F 179 -15.08 -12.97 -15.76
CA ILE F 179 -14.28 -13.95 -15.04
C ILE F 179 -12.83 -13.59 -15.27
N ASN F 180 -12.16 -13.19 -14.18
CA ASN F 180 -10.80 -12.65 -14.26
C ASN F 180 -9.80 -13.46 -13.44
N PRO F 181 -9.20 -14.50 -14.04
CA PRO F 181 -8.22 -15.28 -13.32
C PRO F 181 -6.95 -14.50 -13.01
N GLY F 182 -6.41 -14.72 -11.83
CA GLY F 182 -5.05 -14.31 -11.54
C GLY F 182 -4.12 -15.29 -12.23
N ILE F 183 -2.84 -15.24 -11.89
CA ILE F 183 -1.86 -16.11 -12.51
C ILE F 183 -2.16 -17.59 -12.27
N THR F 184 -2.34 -18.30 -13.37
CA THR F 184 -2.81 -19.68 -13.38
C THR F 184 -1.88 -20.51 -14.25
N ARG F 185 -1.40 -21.60 -13.67
CA ARG F 185 -0.40 -22.45 -14.31
C ARG F 185 -0.98 -23.20 -15.51
N THR F 186 -0.88 -22.56 -16.69
CA THR F 186 -1.34 -23.11 -17.97
C THR F 186 -0.26 -22.87 -19.05
N PRO F 187 -0.38 -23.51 -20.23
CA PRO F 187 0.52 -23.23 -21.35
C PRO F 187 0.58 -21.75 -21.80
N LEU F 188 -0.41 -20.96 -21.40
CA LEU F 188 -0.44 -19.54 -21.75
C LEU F 188 0.74 -18.78 -21.15
N VAL F 189 0.95 -18.96 -19.85
CA VAL F 189 1.95 -18.20 -19.09
C VAL F 189 3.35 -18.84 -19.10
N HIS F 190 3.45 -20.07 -19.61
CA HIS F 190 4.70 -20.87 -19.58
C HIS F 190 5.90 -20.23 -20.29
N THR F 191 5.67 -19.74 -21.50
CA THR F 191 6.68 -19.02 -22.28
C THR F 191 5.96 -17.95 -23.10
N PHE F 192 6.27 -16.67 -22.86
CA PHE F 192 5.61 -15.61 -23.62
C PHE F 192 6.40 -14.33 -23.95
N ASN F 193 6.05 -13.72 -25.08
CA ASN F 193 6.75 -12.57 -25.67
C ASN F 193 6.27 -11.22 -25.14
N SER F 194 7.22 -10.42 -24.64
CA SER F 194 6.90 -9.08 -24.17
C SER F 194 6.98 -8.09 -25.33
N TRP F 195 6.28 -6.97 -25.17
CA TRP F 195 6.25 -5.93 -26.19
C TRP F 195 7.65 -5.37 -26.38
N LEU F 196 8.14 -5.44 -27.62
CA LEU F 196 9.46 -4.95 -27.99
C LEU F 196 10.56 -5.49 -27.06
N ASP F 197 10.33 -6.73 -26.61
CA ASP F 197 11.24 -7.44 -25.72
C ASP F 197 11.74 -6.62 -24.53
N VAL F 198 10.84 -5.87 -23.90
CA VAL F 198 11.17 -5.09 -22.72
C VAL F 198 11.60 -5.97 -21.53
N GLU F 199 11.10 -7.20 -21.51
CA GLU F 199 11.42 -8.16 -20.45
C GLU F 199 11.38 -9.59 -20.99
N PRO F 200 12.55 -10.13 -21.40
CA PRO F 200 12.66 -11.51 -21.89
C PRO F 200 12.34 -12.59 -20.86
N ARG F 201 12.54 -12.30 -19.58
CA ARG F 201 12.35 -13.30 -18.52
C ARG F 201 10.98 -13.17 -17.85
N VAL F 202 10.01 -12.66 -18.63
CA VAL F 202 8.69 -12.31 -18.10
C VAL F 202 7.90 -13.52 -17.56
N ALA F 203 8.09 -14.68 -18.19
CA ALA F 203 7.47 -15.93 -17.72
C ALA F 203 8.09 -16.42 -16.38
N GLU F 204 9.43 -16.51 -16.34
CA GLU F 204 10.14 -16.96 -15.14
C GLU F 204 9.82 -16.07 -13.93
N LEU F 205 9.89 -14.75 -14.13
CA LEU F 205 9.58 -13.76 -13.09
C LEU F 205 8.15 -13.86 -12.58
N LEU F 206 7.24 -14.19 -13.48
CA LEU F 206 5.82 -14.32 -13.17
C LEU F 206 5.55 -15.57 -12.32
N LEU F 207 6.23 -16.67 -12.65
CA LEU F 207 6.10 -17.93 -11.92
C LEU F 207 6.57 -17.88 -10.46
N SER F 208 7.56 -17.03 -10.17
CA SER F 208 8.14 -16.93 -8.82
C SER F 208 7.18 -16.35 -7.78
N HIS F 209 6.05 -15.81 -8.25
CA HIS F 209 5.05 -15.25 -7.36
C HIS F 209 3.85 -16.18 -7.23
N PRO F 210 2.97 -15.94 -6.24
CA PRO F 210 1.86 -16.84 -5.95
C PRO F 210 0.94 -17.12 -7.15
N THR F 211 0.60 -18.39 -7.32
CA THR F 211 -0.24 -18.88 -8.43
C THR F 211 -1.36 -19.76 -7.89
N GLN F 212 -2.26 -20.17 -8.79
CA GLN F 212 -3.29 -21.15 -8.50
C GLN F 212 -3.21 -22.24 -9.57
N THR F 213 -3.81 -23.40 -9.31
CA THR F 213 -3.86 -24.46 -10.32
C THR F 213 -5.06 -24.18 -11.23
N SER F 214 -5.04 -24.72 -12.44
CA SER F 214 -6.19 -24.59 -13.35
C SER F 214 -7.44 -25.32 -12.85
N GLU F 215 -7.24 -26.37 -12.05
CA GLU F 215 -8.36 -27.07 -11.39
C GLU F 215 -9.07 -26.15 -10.40
N GLN F 216 -8.30 -25.47 -9.54
CA GLN F 216 -8.86 -24.49 -8.60
C GLN F 216 -9.60 -23.37 -9.32
N CYS F 217 -9.02 -22.86 -10.40
CA CYS F 217 -9.66 -21.84 -11.23
C CYS F 217 -10.99 -22.34 -11.77
N GLY F 218 -10.94 -23.51 -12.42
CA GLY F 218 -12.13 -24.16 -12.96
C GLY F 218 -13.25 -24.34 -11.95
N GLN F 219 -12.90 -24.78 -10.74
CA GLN F 219 -13.84 -24.92 -9.62
C GLN F 219 -14.55 -23.61 -9.28
N ASN F 220 -13.78 -22.53 -9.13
CA ASN F 220 -14.33 -21.22 -8.81
C ASN F 220 -15.11 -20.61 -9.98
N PHE F 221 -14.64 -20.91 -11.19
CA PHE F 221 -15.32 -20.50 -12.41
C PHE F 221 -16.74 -21.05 -12.45
N VAL F 222 -16.90 -22.35 -12.26
CA VAL F 222 -18.23 -22.97 -12.26
C VAL F 222 -19.14 -22.38 -11.15
N LYS F 223 -18.55 -22.13 -9.98
CA LYS F 223 -19.21 -21.50 -8.84
C LYS F 223 -19.66 -20.06 -9.17
N ALA F 224 -18.81 -19.33 -9.89
CA ALA F 224 -19.16 -18.00 -10.35
C ALA F 224 -20.34 -18.05 -11.32
N ILE F 225 -20.35 -19.06 -12.20
CA ILE F 225 -21.47 -19.28 -13.14
C ILE F 225 -22.77 -19.61 -12.39
N GLU F 226 -22.64 -20.40 -11.33
CA GLU F 226 -23.78 -20.77 -10.49
C GLU F 226 -24.29 -19.58 -9.65
N ALA F 227 -23.38 -18.74 -9.18
CA ALA F 227 -23.77 -17.46 -8.56
C ALA F 227 -24.68 -16.64 -9.49
N ASN F 228 -24.27 -16.53 -10.75
CA ASN F 228 -25.07 -15.89 -11.81
C ASN F 228 -25.50 -14.43 -11.51
N LYS F 229 -24.54 -13.62 -11.07
CA LYS F 229 -24.80 -12.21 -10.76
C LYS F 229 -24.47 -11.32 -11.95
N ASN F 230 -25.48 -10.69 -12.54
CA ASN F 230 -25.30 -9.74 -13.64
C ASN F 230 -24.43 -8.56 -13.19
N GLY F 231 -23.40 -8.26 -13.98
CA GLY F 231 -22.51 -7.14 -13.71
C GLY F 231 -21.40 -7.40 -12.71
N ALA F 232 -21.28 -8.65 -12.26
CA ALA F 232 -20.25 -9.03 -11.31
C ALA F 232 -18.87 -8.99 -11.96
N ILE F 233 -17.86 -8.59 -11.19
CA ILE F 233 -16.48 -8.61 -11.68
C ILE F 233 -15.69 -9.58 -10.81
N TRP F 234 -15.77 -10.86 -11.17
CA TRP F 234 -15.18 -11.95 -10.38
C TRP F 234 -13.68 -12.01 -10.57
N LYS F 235 -12.96 -12.00 -9.46
CA LYS F 235 -11.52 -12.23 -9.44
C LYS F 235 -11.29 -13.67 -9.01
N LEU F 236 -10.55 -14.42 -9.82
CA LEU F 236 -10.28 -15.83 -9.55
C LEU F 236 -8.78 -16.01 -9.38
N ASP F 237 -8.34 -15.79 -8.14
CA ASP F 237 -6.93 -15.63 -7.84
C ASP F 237 -6.61 -16.39 -6.56
N LEU F 238 -5.49 -17.12 -6.58
CA LEU F 238 -4.99 -17.90 -5.43
C LEU F 238 -6.05 -18.81 -4.79
N GLY F 239 -6.77 -19.55 -5.63
CA GLY F 239 -7.75 -20.51 -5.16
C GLY F 239 -9.07 -19.93 -4.66
N THR F 240 -9.14 -18.61 -4.56
CA THR F 240 -10.36 -17.95 -4.06
C THR F 240 -11.21 -17.32 -5.16
N LEU F 241 -12.46 -17.02 -4.81
CA LEU F 241 -13.38 -16.30 -5.68
C LEU F 241 -13.85 -15.03 -4.94
N GLU F 242 -13.69 -13.88 -5.59
CA GLU F 242 -14.01 -12.59 -4.98
C GLU F 242 -14.57 -11.59 -5.99
N ALA F 243 -15.70 -10.98 -5.65
CA ALA F 243 -16.29 -9.93 -6.47
C ALA F 243 -15.72 -8.55 -6.09
N ILE F 244 -14.86 -8.01 -6.95
CA ILE F 244 -14.29 -6.68 -6.74
C ILE F 244 -15.32 -5.59 -7.09
N GLU F 245 -15.11 -4.39 -6.55
CA GLU F 245 -15.98 -3.25 -6.85
C GLU F 245 -15.25 -2.24 -7.75
N TRP F 246 -15.90 -1.80 -8.82
CA TRP F 246 -15.27 -0.88 -9.77
C TRP F 246 -15.49 0.60 -9.36
N THR F 247 -14.38 1.33 -9.25
CA THR F 247 -14.39 2.75 -8.85
C THR F 247 -15.13 3.64 -9.85
N LYS F 248 -15.85 4.64 -9.32
CA LYS F 248 -16.62 5.58 -10.13
C LYS F 248 -15.87 6.91 -10.30
N HIS F 249 -14.96 6.94 -11.26
CA HIS F 249 -14.19 8.13 -11.55
C HIS F 249 -15.01 9.18 -12.30
N TRP F 250 -16.09 8.74 -12.96
CA TRP F 250 -16.86 9.58 -13.87
C TRP F 250 -18.26 9.01 -14.13
N ASP F 251 -19.19 9.87 -14.51
CA ASP F 251 -20.58 9.49 -14.80
C ASP F 251 -21.08 10.17 -16.06
N SER F 252 -21.65 9.40 -16.98
CA SER F 252 -22.28 9.97 -18.18
C SER F 252 -23.58 10.69 -17.85
N HIS F 253 -24.17 10.29 -16.71
CA HIS F 253 -25.50 10.75 -16.26
C HIS F 253 -26.64 10.15 -17.09
N ILE F 254 -26.28 9.25 -18.00
CA ILE F 254 -27.27 8.49 -18.76
C ILE F 254 -27.16 6.98 -18.55
#